data_4XVC
#
_entry.id   4XVC
#
_cell.length_a   74.630
_cell.length_b   76.172
_cell.length_c   130.186
_cell.angle_alpha   74.04
_cell.angle_beta   75.15
_cell.angle_gamma   72.60
#
_symmetry.space_group_name_H-M   'P 1'
#
loop_
_entity.id
_entity.type
_entity.pdbx_description
1 polymer 'Esterase E40'
2 non-polymer 'phenylmethanesulfonic acid'
3 water water
#
_entity_poly.entity_id   1
_entity_poly.type   'polypeptide(L)'
_entity_poly.pdbx_seq_one_letter_code
;MGSSHHHHHHSSGLVPRGSHMAKSPELDRVIGMIRERAATPRKTTDDDRRLYETMLGSMPLDDDIQTERLGVNGVPAEWI
YAPGARDDQVFLYLHGGGYVIGSMRTHRVMLSHIARAAGCRVLGLDYRLAPETPFPAPVEDTVAAYRWLLAHGYDPSRIA
LGGDSAGGGLVVAALVALRYIGEPLPAAGVCLSPWIDMEATGESFTTNATMDPSVNKERVMSIAALYLGGKNPQAPLASP
LYADLQGLPPLLVQVGGIETLLDDARALTTRAKAAGVDADLEVWDDMPHVWQHFAPILPEGKQAIARIGEFLRKQIG
;
_entity_poly.pdbx_strand_id   A,B,C,D,E,F,G,H
#
# COMPACT_ATOMS: atom_id res chain seq x y z
N MET A 21 6.87 31.57 -28.30
CA MET A 21 6.82 30.76 -27.09
C MET A 21 8.19 30.61 -26.43
N ALA A 22 9.25 30.69 -27.23
CA ALA A 22 10.59 30.84 -26.66
C ALA A 22 10.96 32.31 -26.59
N LYS A 23 12.02 32.60 -25.84
CA LYS A 23 12.37 33.96 -25.47
C LYS A 23 13.31 34.61 -26.49
N SER A 24 13.06 35.89 -26.73
CA SER A 24 13.57 36.63 -27.89
C SER A 24 12.37 37.49 -28.29
N PRO A 25 12.47 38.81 -28.16
CA PRO A 25 11.32 39.63 -28.52
C PRO A 25 10.85 39.41 -29.97
N GLU A 26 11.78 39.17 -30.87
CA GLU A 26 11.42 38.95 -32.27
C GLU A 26 10.60 37.66 -32.45
N LEU A 27 11.05 36.58 -31.81
CA LEU A 27 10.31 35.34 -31.85
C LEU A 27 8.96 35.47 -31.14
N ASP A 28 8.94 36.17 -30.01
CA ASP A 28 7.68 36.43 -29.31
C ASP A 28 6.68 37.09 -30.23
N ARG A 29 7.13 38.10 -30.96
CA ARG A 29 6.28 38.83 -31.89
C ARG A 29 5.73 37.90 -32.99
N VAL A 30 6.60 37.07 -33.58
CA VAL A 30 6.16 36.12 -34.61
C VAL A 30 5.11 35.16 -34.05
N ILE A 31 5.39 34.55 -32.90
CA ILE A 31 4.46 33.61 -32.29
C ILE A 31 3.10 34.28 -32.06
N GLY A 32 3.13 35.55 -31.64
CA GLY A 32 1.91 36.32 -31.48
C GLY A 32 1.09 36.44 -32.77
N MET A 33 1.74 36.78 -33.87
CA MET A 33 1.07 36.85 -35.17
C MET A 33 0.43 35.50 -35.54
N ILE A 34 1.16 34.42 -35.28
CA ILE A 34 0.69 33.09 -35.61
C ILE A 34 -0.51 32.69 -34.74
N ARG A 35 -0.40 32.94 -33.43
CA ARG A 35 -1.49 32.61 -32.50
C ARG A 35 -2.74 33.42 -32.77
N GLU A 36 -2.58 34.67 -33.20
CA GLU A 36 -3.73 35.49 -33.53
C GLU A 36 -4.51 34.88 -34.70
N ARG A 37 -3.80 34.53 -35.77
CA ARG A 37 -4.46 33.87 -36.88
C ARG A 37 -5.16 32.57 -36.44
N ALA A 38 -4.45 31.72 -35.71
CA ALA A 38 -5.00 30.42 -35.31
C ALA A 38 -6.26 30.56 -34.46
N ALA A 39 -6.42 31.70 -33.80
CA ALA A 39 -7.54 31.93 -32.91
C ALA A 39 -8.65 32.77 -33.55
N THR A 40 -8.40 33.31 -34.75
CA THR A 40 -9.39 34.12 -35.45
C THR A 40 -10.51 33.23 -36.02
N PRO A 41 -11.77 33.51 -35.65
CA PRO A 41 -12.93 32.73 -36.09
C PRO A 41 -13.15 32.82 -37.60
N ARG A 42 -13.33 31.66 -38.24
CA ARG A 42 -13.49 31.60 -39.69
C ARG A 42 -14.60 30.62 -40.08
N LYS A 43 -15.14 30.80 -41.28
CA LYS A 43 -16.23 29.95 -41.74
C LYS A 43 -15.94 29.27 -43.08
N THR A 44 -15.62 30.08 -44.08
CA THR A 44 -15.51 29.56 -45.45
C THR A 44 -14.08 29.32 -45.87
N THR A 45 -13.90 28.53 -46.91
CA THR A 45 -12.58 28.33 -47.48
C THR A 45 -11.92 29.65 -47.83
N ASP A 46 -12.68 30.55 -48.44
CA ASP A 46 -12.08 31.81 -48.85
C ASP A 46 -11.76 32.69 -47.63
N ASP A 47 -12.55 32.56 -46.56
CA ASP A 47 -12.19 33.19 -45.27
C ASP A 47 -10.82 32.71 -44.81
N ASP A 48 -10.59 31.40 -44.88
CA ASP A 48 -9.28 30.84 -44.50
C ASP A 48 -8.16 31.36 -45.41
N ARG A 49 -8.46 31.45 -46.71
CA ARG A 49 -7.46 31.98 -47.63
C ARG A 49 -7.12 33.44 -47.29
N ARG A 50 -8.14 34.25 -47.05
CA ARG A 50 -7.93 35.67 -46.75
C ARG A 50 -7.18 35.88 -45.43
N LEU A 51 -7.49 35.06 -44.44
CA LEU A 51 -6.87 35.14 -43.12
C LEU A 51 -5.36 34.87 -43.17
N TYR A 52 -4.95 33.93 -44.02
CA TYR A 52 -3.53 33.63 -44.24
C TYR A 52 -2.85 34.85 -44.89
N GLU A 53 -3.51 35.41 -45.90
CA GLU A 53 -3.02 36.62 -46.53
C GLU A 53 -2.90 37.75 -45.50
N THR A 54 -3.86 37.84 -44.58
CA THR A 54 -3.85 38.90 -43.56
C THR A 54 -2.64 38.79 -42.65
N MET A 55 -2.36 37.57 -42.20
CA MET A 55 -1.26 37.35 -41.26
C MET A 55 0.05 37.85 -41.86
N LEU A 56 0.23 37.59 -43.16
CA LEU A 56 1.51 37.84 -43.80
C LEU A 56 1.53 39.20 -44.51
N GLY A 57 0.39 39.89 -44.47
CA GLY A 57 0.21 41.08 -45.25
C GLY A 57 0.79 42.37 -44.70
N SER A 58 1.28 42.35 -43.46
CA SER A 58 1.88 43.56 -42.87
C SER A 58 3.37 43.70 -43.23
N MET A 59 3.90 42.74 -43.96
CA MET A 59 5.30 42.78 -44.38
C MET A 59 5.38 42.95 -45.91
N PRO A 60 5.59 44.20 -46.35
CA PRO A 60 5.56 44.61 -47.77
C PRO A 60 6.77 44.16 -48.59
N LEU A 61 6.59 44.07 -49.91
CA LEU A 61 7.69 43.76 -50.82
C LEU A 61 8.68 44.92 -50.85
N ASP A 62 9.97 44.60 -50.79
CA ASP A 62 11.01 45.62 -50.97
C ASP A 62 10.83 46.37 -52.29
N ASP A 63 11.11 47.67 -52.26
CA ASP A 63 10.91 48.54 -53.44
C ASP A 63 11.67 48.08 -54.68
N ASP A 64 12.81 47.43 -54.46
CA ASP A 64 13.68 47.09 -55.59
C ASP A 64 13.42 45.71 -56.18
N ILE A 65 12.39 45.03 -55.68
CA ILE A 65 12.06 43.70 -56.16
C ILE A 65 11.23 43.78 -57.44
N GLN A 66 11.65 43.05 -58.48
CA GLN A 66 10.85 43.00 -59.70
C GLN A 66 9.93 41.79 -59.67
N THR A 67 8.69 41.98 -60.07
CA THR A 67 7.76 40.86 -60.23
C THR A 67 7.05 40.92 -61.59
N GLU A 68 6.61 39.77 -62.08
CA GLU A 68 5.88 39.70 -63.34
C GLU A 68 4.94 38.51 -63.33
N ARG A 69 3.66 38.75 -63.57
CA ARG A 69 2.69 37.65 -63.65
C ARG A 69 2.67 37.11 -65.08
N LEU A 70 2.64 35.79 -65.21
CA LEU A 70 2.61 35.16 -66.53
C LEU A 70 2.10 33.75 -66.40
N GLY A 71 1.76 33.14 -67.54
CA GLY A 71 1.34 31.76 -67.55
C GLY A 71 2.49 30.90 -68.05
N VAL A 72 2.71 29.77 -67.40
CA VAL A 72 3.74 28.84 -67.83
C VAL A 72 3.06 27.52 -68.14
N ASN A 73 2.90 27.22 -69.42
CA ASN A 73 2.12 26.05 -69.80
C ASN A 73 0.76 26.03 -69.12
N GLY A 74 0.12 27.19 -69.06
CA GLY A 74 -1.23 27.26 -68.55
C GLY A 74 -1.33 27.48 -67.05
N VAL A 75 -0.20 27.40 -66.35
CA VAL A 75 -0.21 27.59 -64.90
C VAL A 75 0.08 29.05 -64.54
N PRO A 76 -0.80 29.69 -63.76
CA PRO A 76 -0.52 31.07 -63.36
C PRO A 76 0.73 31.12 -62.52
N ALA A 77 1.61 32.10 -62.77
CA ALA A 77 2.91 32.13 -62.12
C ALA A 77 3.42 33.56 -61.98
N GLU A 78 4.53 33.70 -61.28
CA GLU A 78 5.08 35.02 -61.00
C GLU A 78 6.61 34.96 -60.91
N TRP A 79 7.28 35.70 -61.79
CA TRP A 79 8.73 35.87 -61.65
C TRP A 79 8.95 36.81 -60.48
N ILE A 80 9.91 36.48 -59.62
CA ILE A 80 10.28 37.34 -58.51
C ILE A 80 11.79 37.39 -58.47
N TYR A 81 12.37 38.58 -58.58
CA TYR A 81 13.82 38.69 -58.49
C TYR A 81 14.33 40.04 -58.03
N ALA A 82 15.53 40.02 -57.47
CA ALA A 82 16.17 41.22 -56.94
C ALA A 82 17.22 41.70 -57.94
N PRO A 83 17.69 42.95 -57.77
CA PRO A 83 18.71 43.47 -58.68
C PRO A 83 19.91 42.52 -58.77
N GLY A 84 20.46 42.36 -59.97
CA GLY A 84 21.67 41.59 -60.15
C GLY A 84 21.41 40.10 -60.24
N ALA A 85 20.15 39.73 -60.38
CA ALA A 85 19.77 38.33 -60.46
C ALA A 85 20.31 37.68 -61.71
N ARG A 86 20.67 36.41 -61.60
CA ARG A 86 21.03 35.62 -62.77
C ARG A 86 19.78 35.13 -63.47
N ASP A 87 19.54 35.64 -64.68
CA ASP A 87 18.32 35.34 -65.39
C ASP A 87 18.30 33.91 -65.94
N ASP A 88 19.41 33.19 -65.80
CA ASP A 88 19.45 31.80 -66.26
C ASP A 88 19.38 30.79 -65.10
N GLN A 89 19.31 31.29 -63.86
CA GLN A 89 19.12 30.40 -62.72
C GLN A 89 17.70 30.58 -62.19
N VAL A 90 17.01 29.47 -61.95
CA VAL A 90 15.60 29.52 -61.58
C VAL A 90 15.29 28.59 -60.40
N PHE A 91 14.70 29.17 -59.36
CA PHE A 91 14.17 28.45 -58.22
C PHE A 91 12.67 28.35 -58.46
N LEU A 92 12.19 27.17 -58.85
CA LEU A 92 10.78 26.94 -59.15
C LEU A 92 10.08 26.64 -57.84
N TYR A 93 9.21 27.53 -57.37
CA TYR A 93 8.78 27.46 -55.98
C TYR A 93 7.31 27.06 -55.81
N LEU A 94 7.06 26.16 -54.87
N LEU A 94 7.06 26.13 -54.88
CA LEU A 94 5.72 25.63 -54.60
CA LEU A 94 5.72 25.62 -54.61
C LEU A 94 5.28 26.01 -53.19
C LEU A 94 5.27 26.00 -53.19
N HIS A 95 4.33 26.93 -53.09
CA HIS A 95 3.91 27.45 -51.77
C HIS A 95 3.14 26.43 -50.93
N GLY A 96 3.13 26.66 -49.62
CA GLY A 96 2.36 25.83 -48.70
C GLY A 96 0.95 26.36 -48.48
N GLY A 97 0.21 25.71 -47.60
CA GLY A 97 -1.21 25.99 -47.44
C GLY A 97 -2.08 24.74 -47.49
N GLY A 98 -1.48 23.58 -47.26
CA GLY A 98 -2.20 22.33 -47.25
C GLY A 98 -2.85 21.94 -48.58
N TYR A 99 -2.36 22.52 -49.67
CA TYR A 99 -2.92 22.35 -51.02
C TYR A 99 -4.30 22.96 -51.16
N VAL A 100 -4.66 23.83 -50.21
CA VAL A 100 -6.00 24.42 -50.15
C VAL A 100 -5.96 25.95 -50.06
N ILE A 101 -4.97 26.48 -49.34
CA ILE A 101 -4.81 27.92 -49.28
C ILE A 101 -3.41 28.34 -49.68
N GLY A 102 -3.12 29.64 -49.59
CA GLY A 102 -1.81 30.15 -49.99
C GLY A 102 -1.77 30.62 -51.43
N SER A 103 -0.80 31.48 -51.75
CA SER A 103 -0.62 32.01 -53.10
C SER A 103 0.63 32.88 -53.12
N MET A 104 0.90 33.54 -54.24
CA MET A 104 2.04 34.44 -54.26
C MET A 104 1.76 35.60 -53.30
N ARG A 105 0.49 35.79 -52.96
CA ARG A 105 0.17 36.90 -52.07
C ARG A 105 0.74 36.62 -50.68
N THR A 106 0.72 35.36 -50.27
CA THR A 106 1.28 34.98 -48.97
C THR A 106 2.78 34.75 -49.00
N HIS A 107 3.31 34.37 -50.16
CA HIS A 107 4.67 33.86 -50.22
C HIS A 107 5.70 34.75 -50.92
N ARG A 108 5.26 35.82 -51.61
CA ARG A 108 6.21 36.54 -52.47
C ARG A 108 7.31 37.27 -51.70
N VAL A 109 6.98 37.80 -50.53
CA VAL A 109 8.03 38.46 -49.74
C VAL A 109 9.13 37.47 -49.36
N MET A 110 8.77 36.32 -48.80
CA MET A 110 9.77 35.30 -48.47
C MET A 110 10.58 34.88 -49.68
N LEU A 111 9.89 34.70 -50.82
CA LEU A 111 10.61 34.28 -52.02
C LEU A 111 11.57 35.38 -52.48
N SER A 112 11.18 36.65 -52.30
CA SER A 112 12.06 37.75 -52.69
C SER A 112 13.36 37.72 -51.87
N HIS A 113 13.26 37.33 -50.59
CA HIS A 113 14.44 37.19 -49.75
C HIS A 113 15.31 36.03 -50.21
N ILE A 114 14.68 34.92 -50.56
CA ILE A 114 15.44 33.78 -51.09
C ILE A 114 16.14 34.18 -52.40
N ALA A 115 15.39 34.83 -53.29
CA ALA A 115 15.94 35.27 -54.57
C ALA A 115 17.20 36.11 -54.37
N ARG A 116 17.11 37.10 -53.47
CA ARG A 116 18.25 37.99 -53.23
C ARG A 116 19.42 37.20 -52.64
N ALA A 117 19.13 36.31 -51.69
CA ALA A 117 20.18 35.53 -51.05
C ALA A 117 20.88 34.57 -52.04
N ALA A 118 20.12 33.96 -52.94
CA ALA A 118 20.69 33.00 -53.88
C ALA A 118 21.26 33.69 -55.11
N GLY A 119 20.80 34.92 -55.35
CA GLY A 119 21.17 35.66 -56.54
C GLY A 119 20.55 35.08 -57.80
N CYS A 120 19.41 34.41 -57.66
CA CYS A 120 18.73 33.83 -58.83
C CYS A 120 17.33 34.40 -59.02
N ARG A 121 16.63 33.91 -60.04
CA ARG A 121 15.22 34.26 -60.21
C ARG A 121 14.37 33.21 -59.51
N VAL A 122 13.26 33.65 -58.91
CA VAL A 122 12.27 32.72 -58.40
C VAL A 122 11.08 32.69 -59.34
N LEU A 123 10.65 31.51 -59.73
CA LEU A 123 9.39 31.33 -60.43
C LEU A 123 8.39 30.68 -59.46
N GLY A 124 7.45 31.48 -58.95
CA GLY A 124 6.48 30.95 -58.01
C GLY A 124 5.17 30.60 -58.70
N LEU A 125 4.67 29.40 -58.44
CA LEU A 125 3.46 28.91 -59.06
C LEU A 125 2.21 29.13 -58.23
N ASP A 126 1.22 29.81 -58.79
CA ASP A 126 -0.09 29.79 -58.17
C ASP A 126 -0.83 28.58 -58.70
N TYR A 127 -0.39 27.39 -58.27
CA TYR A 127 -0.92 26.14 -58.80
C TYR A 127 -2.35 25.90 -58.32
N ARG A 128 -3.03 24.97 -58.98
CA ARG A 128 -4.43 24.65 -58.66
C ARG A 128 -4.65 24.11 -57.23
N LEU A 129 -5.65 24.67 -56.55
CA LEU A 129 -5.90 24.32 -55.17
C LEU A 129 -7.17 23.50 -55.02
N ALA A 130 -7.20 22.67 -53.99
CA ALA A 130 -8.42 22.02 -53.56
C ALA A 130 -9.23 22.98 -52.66
N PRO A 131 -10.55 22.74 -52.50
CA PRO A 131 -11.29 21.60 -53.04
C PRO A 131 -11.68 21.72 -54.51
N GLU A 132 -11.48 22.89 -55.12
CA GLU A 132 -11.93 23.10 -56.49
C GLU A 132 -11.33 22.08 -57.45
N THR A 133 -10.02 21.89 -57.34
CA THR A 133 -9.32 20.90 -58.15
C THR A 133 -8.41 20.14 -57.21
N PRO A 134 -8.74 18.85 -56.96
CA PRO A 134 -8.06 18.00 -55.99
C PRO A 134 -6.75 17.40 -56.51
N PHE A 135 -6.05 16.69 -55.63
CA PHE A 135 -4.94 15.80 -55.96
C PHE A 135 -5.32 14.99 -57.19
N PRO A 136 -4.38 14.80 -58.13
CA PRO A 136 -2.99 15.28 -58.17
C PRO A 136 -2.74 16.56 -59.01
N ALA A 137 -3.72 17.45 -59.08
CA ALA A 137 -3.54 18.68 -59.87
C ALA A 137 -2.22 19.44 -59.64
N PRO A 138 -1.78 19.59 -58.39
CA PRO A 138 -0.56 20.38 -58.18
C PRO A 138 0.68 19.70 -58.75
N VAL A 139 0.68 18.37 -58.73
CA VAL A 139 1.79 17.65 -59.33
C VAL A 139 1.80 17.89 -60.83
N GLU A 140 0.63 17.78 -61.44
CA GLU A 140 0.51 18.11 -62.87
C GLU A 140 1.01 19.50 -63.17
N ASP A 141 0.64 20.48 -62.32
CA ASP A 141 1.03 21.86 -62.55
C ASP A 141 2.53 22.08 -62.44
N THR A 142 3.15 21.44 -61.45
CA THR A 142 4.59 21.57 -61.28
C THR A 142 5.30 21.01 -62.51
N VAL A 143 4.88 19.83 -62.95
CA VAL A 143 5.46 19.23 -64.16
C VAL A 143 5.30 20.15 -65.37
N ALA A 144 4.11 20.70 -65.56
CA ALA A 144 3.88 21.58 -66.72
C ALA A 144 4.83 22.78 -66.70
N ALA A 145 5.02 23.36 -65.51
CA ALA A 145 5.87 24.52 -65.34
C ALA A 145 7.33 24.18 -65.59
N TYR A 146 7.77 23.04 -65.07
CA TYR A 146 9.13 22.56 -65.33
C TYR A 146 9.33 22.31 -66.80
N ARG A 147 8.36 21.65 -67.43
CA ARG A 147 8.45 21.44 -68.88
C ARG A 147 8.53 22.78 -69.62
N TRP A 148 7.86 23.81 -69.08
CA TRP A 148 7.90 25.13 -69.71
C TRP A 148 9.31 25.69 -69.64
N LEU A 149 9.96 25.55 -68.48
CA LEU A 149 11.32 26.06 -68.36
C LEU A 149 12.24 25.36 -69.36
N LEU A 150 12.13 24.05 -69.48
CA LEU A 150 13.00 23.31 -70.39
C LEU A 150 12.76 23.76 -71.82
N ALA A 151 11.49 23.91 -72.18
CA ALA A 151 11.11 24.32 -73.52
C ALA A 151 11.63 25.72 -73.83
N HIS A 152 11.85 26.53 -72.79
CA HIS A 152 12.29 27.89 -73.01
C HIS A 152 13.78 28.11 -72.80
N GLY A 153 14.54 27.03 -72.93
CA GLY A 153 15.98 27.12 -72.94
C GLY A 153 16.66 27.17 -71.58
N TYR A 154 15.92 26.99 -70.50
CA TYR A 154 16.56 26.91 -69.19
C TYR A 154 17.19 25.54 -68.99
N ASP A 155 18.35 25.51 -68.34
CA ASP A 155 19.13 24.29 -68.19
C ASP A 155 18.77 23.56 -66.90
N PRO A 156 18.51 22.25 -66.99
CA PRO A 156 18.22 21.46 -65.78
C PRO A 156 19.22 21.69 -64.66
N SER A 157 20.50 21.86 -64.99
CA SER A 157 21.53 22.02 -63.98
C SER A 157 21.47 23.40 -63.33
N ARG A 158 20.65 24.29 -63.89
CA ARG A 158 20.47 25.62 -63.31
C ARG A 158 19.05 25.87 -62.77
N ILE A 159 18.32 24.79 -62.53
CA ILE A 159 16.99 24.88 -61.95
C ILE A 159 16.93 24.07 -60.66
N ALA A 160 16.32 24.65 -59.62
CA ALA A 160 16.04 23.93 -58.38
C ALA A 160 14.56 24.07 -58.05
N LEU A 161 13.97 23.05 -57.43
CA LEU A 161 12.59 23.13 -56.93
C LEU A 161 12.61 23.40 -55.44
N GLY A 162 11.70 24.25 -54.97
CA GLY A 162 11.59 24.56 -53.55
C GLY A 162 10.14 24.61 -53.16
N GLY A 163 9.84 24.36 -51.90
CA GLY A 163 8.48 24.47 -51.41
C GLY A 163 8.42 24.39 -49.89
N ASP A 164 7.33 24.87 -49.29
CA ASP A 164 7.14 24.76 -47.87
C ASP A 164 5.84 24.04 -47.57
N SER A 165 5.79 23.32 -46.45
CA SER A 165 4.67 22.45 -46.04
C SER A 165 4.14 21.59 -47.19
N ALA A 166 2.86 21.73 -47.54
CA ALA A 166 2.36 21.02 -48.72
C ALA A 166 3.33 21.14 -49.90
N GLY A 167 3.88 22.34 -50.11
CA GLY A 167 4.86 22.61 -51.16
C GLY A 167 6.14 21.81 -51.02
N GLY A 168 6.58 21.66 -49.77
CA GLY A 168 7.74 20.82 -49.52
C GLY A 168 7.53 19.39 -49.98
N GLY A 169 6.35 18.84 -49.66
CA GLY A 169 6.03 17.49 -50.10
C GLY A 169 5.86 17.43 -51.61
N LEU A 170 5.27 18.48 -52.17
CA LEU A 170 5.09 18.59 -53.61
C LEU A 170 6.43 18.60 -54.34
N VAL A 171 7.43 19.25 -53.75
CA VAL A 171 8.76 19.22 -54.35
C VAL A 171 9.18 17.77 -54.57
N VAL A 172 9.00 16.95 -53.52
CA VAL A 172 9.41 15.54 -53.60
C VAL A 172 8.59 14.76 -54.63
N ALA A 173 7.26 14.84 -54.52
CA ALA A 173 6.36 14.17 -55.45
C ALA A 173 6.67 14.55 -56.89
N ALA A 174 6.93 15.83 -57.11
CA ALA A 174 7.17 16.33 -58.46
C ALA A 174 8.47 15.79 -59.01
N LEU A 175 9.49 15.72 -58.15
CA LEU A 175 10.78 15.19 -58.55
C LEU A 175 10.62 13.73 -58.96
N VAL A 176 9.87 12.98 -58.15
CA VAL A 176 9.57 11.58 -58.46
C VAL A 176 8.80 11.49 -59.79
N ALA A 177 7.74 12.27 -59.93
CA ALA A 177 6.98 12.29 -61.17
C ALA A 177 7.87 12.55 -62.39
N LEU A 178 8.69 13.61 -62.30
CA LEU A 178 9.61 13.93 -63.40
C LEU A 178 10.49 12.74 -63.79
N ARG A 179 11.04 12.04 -62.81
CA ARG A 179 11.88 10.87 -63.12
C ARG A 179 11.06 9.78 -63.81
N TYR A 180 9.87 9.52 -63.27
CA TYR A 180 8.97 8.52 -63.82
C TYR A 180 8.57 8.80 -65.28
N ILE A 181 8.45 10.07 -65.66
CA ILE A 181 8.13 10.39 -67.07
C ILE A 181 9.35 10.81 -67.89
N GLY A 182 10.54 10.49 -67.39
CA GLY A 182 11.75 10.63 -68.18
C GLY A 182 12.30 12.02 -68.46
N GLU A 183 11.83 13.03 -67.72
CA GLU A 183 12.35 14.38 -67.87
C GLU A 183 13.71 14.48 -67.19
N PRO A 184 14.60 15.31 -67.76
CA PRO A 184 15.91 15.48 -67.11
C PRO A 184 15.69 16.22 -65.80
N LEU A 185 16.27 15.67 -64.73
CA LEU A 185 15.94 16.17 -63.41
C LEU A 185 16.69 17.45 -63.10
N PRO A 186 16.09 18.31 -62.25
CA PRO A 186 16.67 19.56 -61.76
C PRO A 186 17.90 19.31 -60.90
N ALA A 187 18.64 20.36 -60.57
CA ALA A 187 19.87 20.25 -59.80
C ALA A 187 19.64 19.96 -58.32
N ALA A 188 18.48 20.32 -57.80
CA ALA A 188 18.28 20.23 -56.35
C ALA A 188 16.84 20.48 -55.93
N GLY A 189 16.53 20.05 -54.71
CA GLY A 189 15.25 20.35 -54.09
C GLY A 189 15.43 20.96 -52.71
N VAL A 190 14.57 21.92 -52.37
CA VAL A 190 14.57 22.54 -51.04
C VAL A 190 13.18 22.34 -50.39
N CYS A 191 13.18 21.76 -49.21
CA CYS A 191 11.94 21.42 -48.51
C CYS A 191 11.85 22.11 -47.13
N LEU A 192 10.97 23.09 -47.03
CA LEU A 192 10.82 23.84 -45.77
C LEU A 192 9.59 23.33 -45.02
N SER A 193 9.81 22.65 -43.90
CA SER A 193 8.71 22.03 -43.12
C SER A 193 7.79 21.18 -43.98
N PRO A 194 8.37 20.26 -44.78
CA PRO A 194 7.57 19.50 -45.76
C PRO A 194 6.49 18.65 -45.09
N TRP A 195 5.33 18.58 -45.74
CA TRP A 195 4.27 17.66 -45.35
C TRP A 195 4.28 16.47 -46.33
N ILE A 196 4.70 15.29 -45.88
CA ILE A 196 4.83 14.13 -46.79
C ILE A 196 3.93 12.97 -46.43
N ASP A 197 3.03 13.18 -45.48
CA ASP A 197 2.19 12.10 -44.99
C ASP A 197 0.76 12.60 -44.71
N MET A 198 -0.15 12.24 -45.60
CA MET A 198 -1.53 12.70 -45.53
C MET A 198 -2.23 12.28 -44.23
N GLU A 199 -1.72 11.22 -43.59
CA GLU A 199 -2.40 10.63 -42.45
C GLU A 199 -1.84 11.15 -41.13
N ALA A 200 -0.81 11.98 -41.21
CA ALA A 200 -0.22 12.63 -40.02
C ALA A 200 0.16 11.64 -38.92
N THR A 201 0.91 10.60 -39.29
CA THR A 201 1.24 9.52 -38.39
C THR A 201 2.52 9.77 -37.61
N GLY A 202 3.28 10.79 -37.97
CA GLY A 202 4.51 11.12 -37.28
C GLY A 202 4.27 11.33 -35.79
N GLU A 203 5.22 10.88 -34.96
CA GLU A 203 5.04 10.90 -33.51
C GLU A 203 5.02 12.32 -32.95
N SER A 204 5.70 13.23 -33.64
CA SER A 204 5.70 14.64 -33.26
C SER A 204 4.30 15.26 -33.27
N PHE A 205 3.38 14.66 -34.01
CA PHE A 205 2.00 15.15 -34.00
C PHE A 205 1.41 14.99 -32.60
N THR A 206 1.97 14.03 -31.85
CA THR A 206 1.59 13.84 -30.45
C THR A 206 2.53 14.60 -29.52
N THR A 207 3.82 14.34 -29.64
CA THR A 207 4.77 14.95 -28.71
C THR A 207 4.84 16.47 -28.79
N ASN A 208 4.69 17.03 -29.99
CA ASN A 208 4.81 18.48 -30.16
C ASN A 208 3.47 19.20 -30.22
N ALA A 209 2.40 18.47 -29.91
CA ALA A 209 1.07 19.00 -30.06
C ALA A 209 0.84 20.32 -29.29
N THR A 210 1.34 20.41 -28.05
CA THR A 210 1.15 21.65 -27.29
C THR A 210 2.24 22.68 -27.57
N MET A 211 3.26 22.29 -28.33
CA MET A 211 4.41 23.17 -28.60
C MET A 211 4.23 23.97 -29.89
N ASP A 212 3.43 23.43 -30.82
CA ASP A 212 3.28 23.99 -32.15
C ASP A 212 2.10 24.96 -32.17
N PRO A 213 2.38 26.25 -32.41
CA PRO A 213 1.31 27.26 -32.37
C PRO A 213 0.45 27.34 -33.65
N SER A 214 0.77 26.58 -34.69
CA SER A 214 0.03 26.76 -35.96
C SER A 214 -0.45 25.49 -36.66
N VAL A 215 0.18 24.35 -36.37
CA VAL A 215 -0.20 23.11 -37.04
C VAL A 215 -0.60 22.04 -36.02
N ASN A 216 -1.73 21.37 -36.25
CA ASN A 216 -2.11 20.24 -35.41
C ASN A 216 -2.69 19.09 -36.22
N LYS A 217 -2.78 17.92 -35.60
CA LYS A 217 -3.16 16.71 -36.33
C LYS A 217 -4.57 16.80 -36.91
N GLU A 218 -5.50 17.39 -36.15
CA GLU A 218 -6.88 17.49 -36.62
C GLU A 218 -7.00 18.38 -37.84
N ARG A 219 -6.31 19.51 -37.83
CA ARG A 219 -6.24 20.41 -38.98
C ARG A 219 -5.69 19.70 -40.22
N VAL A 220 -4.59 18.97 -40.03
CA VAL A 220 -3.91 18.32 -41.14
C VAL A 220 -4.79 17.26 -41.78
N MET A 221 -5.43 16.47 -40.94
CA MET A 221 -6.30 15.43 -41.47
C MET A 221 -7.52 15.97 -42.21
N SER A 222 -8.13 17.03 -41.69
N SER A 222 -8.13 17.04 -41.70
CA SER A 222 -9.26 17.63 -42.40
CA SER A 222 -9.26 17.63 -42.40
C SER A 222 -8.83 18.18 -43.76
C SER A 222 -8.84 18.20 -43.76
N ILE A 223 -7.69 18.86 -43.78
CA ILE A 223 -7.17 19.42 -45.03
C ILE A 223 -6.79 18.30 -46.01
N ALA A 224 -6.21 17.24 -45.50
CA ALA A 224 -5.83 16.10 -46.34
C ALA A 224 -7.05 15.53 -47.06
N ALA A 225 -8.18 15.49 -46.35
CA ALA A 225 -9.40 14.93 -46.94
C ALA A 225 -9.91 15.82 -48.06
N LEU A 226 -9.77 17.13 -47.88
CA LEU A 226 -10.12 18.10 -48.92
C LEU A 226 -9.24 17.91 -50.15
N TYR A 227 -7.95 17.74 -49.95
CA TYR A 227 -7.03 17.62 -51.07
C TYR A 227 -7.23 16.30 -51.83
N LEU A 228 -7.46 15.23 -51.09
CA LEU A 228 -7.45 13.91 -51.68
C LEU A 228 -8.66 13.64 -52.56
N GLY A 229 -9.77 14.33 -52.29
CA GLY A 229 -10.99 14.13 -53.05
C GLY A 229 -11.36 12.65 -53.17
N GLY A 230 -11.12 11.90 -52.10
CA GLY A 230 -11.57 10.53 -52.02
C GLY A 230 -10.52 9.53 -52.48
N LYS A 231 -9.36 10.03 -52.89
CA LYS A 231 -8.29 9.16 -53.38
C LYS A 231 -7.53 8.58 -52.20
N ASN A 232 -6.73 7.55 -52.47
CA ASN A 232 -6.02 6.84 -51.39
C ASN A 232 -5.03 7.75 -50.63
N PRO A 233 -5.20 7.86 -49.31
CA PRO A 233 -4.38 8.79 -48.53
C PRO A 233 -2.90 8.42 -48.58
N GLN A 234 -2.59 7.17 -48.90
CA GLN A 234 -1.21 6.73 -48.96
C GLN A 234 -0.64 6.72 -50.38
N ALA A 235 -1.36 7.28 -51.34
CA ALA A 235 -0.83 7.42 -52.70
C ALA A 235 0.54 8.10 -52.68
N PRO A 236 1.55 7.47 -53.30
CA PRO A 236 2.91 8.04 -53.29
C PRO A 236 3.03 9.52 -53.68
N LEU A 237 2.24 10.00 -54.63
CA LEU A 237 2.38 11.40 -55.04
C LEU A 237 1.70 12.39 -54.11
N ALA A 238 0.80 11.90 -53.25
CA ALA A 238 0.18 12.75 -52.23
C ALA A 238 0.97 12.62 -50.93
N SER A 239 1.42 11.39 -50.66
CA SER A 239 2.22 11.08 -49.46
C SER A 239 3.56 10.48 -49.88
N PRO A 240 4.53 11.32 -50.26
CA PRO A 240 5.82 10.80 -50.74
C PRO A 240 6.55 9.98 -49.68
N LEU A 241 6.05 9.96 -48.45
CA LEU A 241 6.50 8.98 -47.46
C LEU A 241 6.51 7.58 -48.08
N TYR A 242 5.69 7.37 -49.11
CA TYR A 242 5.55 6.04 -49.72
C TYR A 242 6.11 5.98 -51.14
N ALA A 243 6.75 7.05 -51.58
CA ALA A 243 7.21 7.14 -52.96
C ALA A 243 8.59 6.56 -53.14
N ASP A 244 8.87 6.10 -54.35
CA ASP A 244 10.21 5.64 -54.74
C ASP A 244 11.13 6.86 -54.91
N LEU A 245 12.10 7.04 -54.01
CA LEU A 245 12.91 8.24 -54.02
C LEU A 245 14.25 8.09 -54.75
N GLN A 246 14.44 6.94 -55.38
CA GLN A 246 15.67 6.68 -56.13
C GLN A 246 15.91 7.73 -57.22
N GLY A 247 17.17 8.15 -57.36
CA GLY A 247 17.55 9.07 -58.41
C GLY A 247 17.36 10.55 -58.16
N LEU A 248 16.78 10.93 -57.03
CA LEU A 248 16.53 12.36 -56.82
C LEU A 248 17.83 13.10 -56.61
N PRO A 249 17.84 14.39 -56.94
CA PRO A 249 19.03 15.22 -56.76
C PRO A 249 19.13 15.68 -55.30
N PRO A 250 20.20 16.39 -54.95
CA PRO A 250 20.46 16.75 -53.54
C PRO A 250 19.30 17.54 -52.91
N LEU A 251 18.95 17.22 -51.67
CA LEU A 251 17.87 17.90 -50.99
C LEU A 251 18.38 18.68 -49.77
N LEU A 252 17.85 19.88 -49.56
CA LEU A 252 18.01 20.59 -48.29
C LEU A 252 16.67 20.58 -47.58
N VAL A 253 16.62 20.06 -46.35
CA VAL A 253 15.38 20.07 -45.59
C VAL A 253 15.57 20.89 -44.32
N GLN A 254 14.74 21.91 -44.15
CA GLN A 254 14.70 22.67 -42.90
C GLN A 254 13.36 22.49 -42.18
N VAL A 255 13.37 22.48 -40.86
CA VAL A 255 12.16 22.29 -40.08
C VAL A 255 12.39 22.85 -38.67
N GLY A 256 11.32 23.19 -37.98
CA GLY A 256 11.43 23.77 -36.65
C GLY A 256 11.36 22.70 -35.59
N GLY A 257 12.09 22.88 -34.49
CA GLY A 257 12.12 21.90 -33.42
C GLY A 257 10.81 21.69 -32.68
N ILE A 258 9.92 22.67 -32.69
CA ILE A 258 8.65 22.55 -31.98
C ILE A 258 7.50 22.08 -32.87
N GLU A 259 7.82 21.79 -34.13
CA GLU A 259 6.79 21.45 -35.11
C GLU A 259 6.19 20.06 -34.96
N THR A 260 4.87 19.98 -35.10
CA THR A 260 4.23 18.67 -35.22
C THR A 260 4.70 17.95 -36.50
N LEU A 261 5.13 18.75 -37.49
CA LEU A 261 5.60 18.20 -38.76
C LEU A 261 7.07 17.76 -38.70
N LEU A 262 7.66 17.84 -37.52
CA LEU A 262 9.09 17.51 -37.35
C LEU A 262 9.43 16.10 -37.84
N ASP A 263 8.60 15.13 -37.52
CA ASP A 263 8.87 13.76 -37.95
C ASP A 263 8.63 13.52 -39.44
N ASP A 264 7.85 14.38 -40.08
CA ASP A 264 7.75 14.32 -41.55
C ASP A 264 9.11 14.65 -42.16
N ALA A 265 9.73 15.72 -41.66
CA ALA A 265 11.04 16.15 -42.15
C ALA A 265 12.10 15.08 -41.90
N ARG A 266 12.03 14.43 -40.74
CA ARG A 266 13.02 13.41 -40.40
C ARG A 266 12.83 12.16 -41.25
N ALA A 267 11.57 11.75 -41.40
CA ALA A 267 11.24 10.59 -42.23
C ALA A 267 11.66 10.80 -43.68
N LEU A 268 11.47 12.01 -44.20
CA LEU A 268 11.83 12.30 -45.58
C LEU A 268 13.33 12.16 -45.75
N THR A 269 14.07 12.73 -44.80
CA THR A 269 15.53 12.73 -44.86
C THR A 269 16.06 11.30 -44.78
N THR A 270 15.46 10.49 -43.91
N THR A 270 15.48 10.49 -43.90
CA THR A 270 15.86 9.09 -43.71
CA THR A 270 15.88 9.10 -43.73
C THR A 270 15.52 8.22 -44.93
C THR A 270 15.58 8.30 -44.99
N ARG A 271 14.36 8.45 -45.51
CA ARG A 271 13.94 7.70 -46.67
C ARG A 271 14.78 8.07 -47.90
N ALA A 272 15.06 9.36 -48.03
CA ALA A 272 15.94 9.85 -49.07
C ALA A 272 17.33 9.24 -49.00
N LYS A 273 17.98 9.35 -47.85
CA LYS A 273 19.32 8.78 -47.69
C LYS A 273 19.35 7.30 -48.01
N ALA A 274 18.32 6.57 -47.57
CA ALA A 274 18.23 5.14 -47.80
C ALA A 274 18.12 4.81 -49.29
N ALA A 275 17.57 5.76 -50.06
CA ALA A 275 17.44 5.60 -51.50
C ALA A 275 18.66 6.09 -52.27
N GLY A 276 19.69 6.53 -51.55
CA GLY A 276 20.93 6.98 -52.17
C GLY A 276 20.98 8.47 -52.47
N VAL A 277 19.99 9.21 -51.98
CA VAL A 277 19.88 10.63 -52.26
C VAL A 277 20.69 11.41 -51.24
N ASP A 278 21.37 12.44 -51.70
CA ASP A 278 22.14 13.32 -50.84
C ASP A 278 21.20 14.31 -50.15
N ALA A 279 20.81 14.02 -48.92
CA ALA A 279 19.83 14.84 -48.22
C ALA A 279 20.40 15.36 -46.93
N ASP A 280 20.15 16.63 -46.67
CA ASP A 280 20.65 17.22 -45.43
C ASP A 280 19.54 17.88 -44.64
N LEU A 281 19.42 17.48 -43.38
CA LEU A 281 18.35 17.99 -42.54
C LEU A 281 18.90 18.99 -41.52
N GLU A 282 18.23 20.12 -41.42
CA GLU A 282 18.51 21.11 -40.36
C GLU A 282 17.27 21.27 -39.50
N VAL A 283 17.39 20.95 -38.23
CA VAL A 283 16.30 21.22 -37.29
C VAL A 283 16.63 22.47 -36.50
N TRP A 284 15.80 23.51 -36.64
CA TRP A 284 16.08 24.79 -36.00
C TRP A 284 15.31 24.89 -34.70
N ASP A 285 16.03 24.85 -33.57
CA ASP A 285 15.38 24.87 -32.27
C ASP A 285 14.46 26.08 -32.12
N ASP A 286 13.33 25.85 -31.46
CA ASP A 286 12.37 26.88 -31.08
C ASP A 286 11.60 27.52 -32.21
N MET A 287 11.83 27.10 -33.45
CA MET A 287 11.19 27.76 -34.58
C MET A 287 9.83 27.15 -34.90
N PRO A 288 8.87 28.00 -35.23
CA PRO A 288 7.54 27.54 -35.61
C PRO A 288 7.53 27.21 -37.09
N HIS A 289 6.45 26.58 -37.53
CA HIS A 289 6.21 26.22 -38.93
C HIS A 289 6.55 27.35 -39.90
N VAL A 290 7.42 27.03 -40.87
CA VAL A 290 7.86 27.99 -41.90
C VAL A 290 8.12 29.38 -41.31
N TRP A 291 8.99 29.42 -40.31
CA TRP A 291 9.39 30.69 -39.69
C TRP A 291 10.09 31.58 -40.70
N GLN A 292 10.53 31.00 -41.83
CA GLN A 292 11.20 31.79 -42.86
C GLN A 292 10.33 32.92 -43.44
N HIS A 293 9.00 32.80 -43.35
CA HIS A 293 8.09 33.84 -43.78
C HIS A 293 8.41 35.15 -43.06
N PHE A 294 8.88 35.03 -41.83
CA PHE A 294 9.01 36.22 -40.98
C PHE A 294 10.42 36.78 -41.00
N ALA A 295 11.23 36.34 -41.97
CA ALA A 295 12.58 36.89 -42.12
C ALA A 295 12.72 38.41 -41.92
N PRO A 296 11.79 39.21 -42.47
CA PRO A 296 11.88 40.67 -42.30
C PRO A 296 11.95 41.13 -40.84
N ILE A 297 11.32 40.40 -39.92
CA ILE A 297 11.34 40.77 -38.51
C ILE A 297 12.02 39.75 -37.59
N LEU A 298 12.52 38.65 -38.16
CA LEU A 298 13.07 37.56 -37.37
C LEU A 298 14.47 37.13 -37.80
N PRO A 299 15.48 37.39 -36.95
CA PRO A 299 16.86 37.00 -37.26
C PRO A 299 16.99 35.54 -37.74
N GLU A 300 16.29 34.60 -37.11
CA GLU A 300 16.40 33.19 -37.49
C GLU A 300 15.81 32.94 -38.88
N GLY A 301 14.89 33.83 -39.28
CA GLY A 301 14.31 33.78 -40.61
C GLY A 301 15.37 34.15 -41.62
N LYS A 302 16.04 35.27 -41.36
CA LYS A 302 17.13 35.69 -42.24
C LYS A 302 18.23 34.63 -42.30
N GLN A 303 18.58 34.05 -41.15
CA GLN A 303 19.67 33.07 -41.13
C GLN A 303 19.33 31.84 -41.95
N ALA A 304 18.10 31.33 -41.80
CA ALA A 304 17.68 30.12 -42.49
C ALA A 304 17.63 30.37 -43.98
N ILE A 305 17.19 31.56 -44.36
CA ILE A 305 17.16 31.94 -45.78
C ILE A 305 18.57 32.11 -46.34
N ALA A 306 19.48 32.67 -45.55
CA ALA A 306 20.88 32.76 -45.96
C ALA A 306 21.42 31.36 -46.24
N ARG A 307 20.95 30.38 -45.49
CA ARG A 307 21.42 29.01 -45.63
C ARG A 307 20.84 28.38 -46.91
N ILE A 308 19.57 28.66 -47.18
CA ILE A 308 18.94 28.25 -48.44
C ILE A 308 19.73 28.85 -49.61
N GLY A 309 20.03 30.14 -49.52
CA GLY A 309 20.79 30.84 -50.54
C GLY A 309 22.16 30.23 -50.85
N GLU A 310 22.90 29.88 -49.80
CA GLU A 310 24.18 29.19 -49.95
C GLU A 310 24.02 27.85 -50.67
N PHE A 311 22.98 27.10 -50.28
CA PHE A 311 22.74 25.79 -50.86
C PHE A 311 22.43 25.92 -52.34
N LEU A 312 21.59 26.90 -52.68
CA LEU A 312 21.24 27.15 -54.08
C LEU A 312 22.46 27.59 -54.91
N ARG A 313 23.22 28.55 -54.39
CA ARG A 313 24.44 29.00 -55.09
C ARG A 313 25.36 27.81 -55.39
N LYS A 314 25.45 26.88 -54.44
CA LYS A 314 26.26 25.69 -54.65
C LYS A 314 25.70 24.80 -55.77
N GLN A 315 24.39 24.58 -55.75
CA GLN A 315 23.75 23.61 -56.64
C GLN A 315 23.42 24.13 -58.04
N ILE A 316 22.93 25.36 -58.14
CA ILE A 316 22.59 25.90 -59.46
C ILE A 316 23.47 27.08 -59.89
N GLY A 317 24.28 27.57 -58.95
CA GLY A 317 25.16 28.70 -59.24
C GLY A 317 26.55 28.24 -59.63
N MET B 21 -22.22 -12.86 9.44
CA MET B 21 -21.86 -12.61 10.81
C MET B 21 -20.40 -12.12 10.94
N ALA B 22 -20.17 -11.13 11.82
CA ALA B 22 -18.84 -10.81 12.37
C ALA B 22 -18.51 -9.32 12.45
N LYS B 23 -17.44 -9.01 13.18
CA LYS B 23 -17.13 -7.64 13.54
C LYS B 23 -16.24 -6.97 12.50
N SER B 24 -16.52 -5.70 12.25
CA SER B 24 -16.05 -4.95 11.09
C SER B 24 -17.27 -4.13 10.70
N PRO B 25 -17.19 -2.80 10.83
CA PRO B 25 -18.40 -2.02 10.51
C PRO B 25 -18.88 -2.26 9.08
N GLU B 26 -17.96 -2.45 8.15
CA GLU B 26 -18.36 -2.67 6.76
C GLU B 26 -19.15 -3.97 6.62
N LEU B 27 -18.66 -5.04 7.24
CA LEU B 27 -19.38 -6.32 7.24
C LEU B 27 -20.71 -6.21 7.98
N ASP B 28 -20.71 -5.48 9.08
CA ASP B 28 -21.96 -5.28 9.83
C ASP B 28 -23.02 -4.63 8.95
N ARG B 29 -22.59 -3.63 8.18
CA ARG B 29 -23.49 -2.93 7.29
C ARG B 29 -24.04 -3.86 6.19
N VAL B 30 -23.17 -4.67 5.59
CA VAL B 30 -23.62 -5.63 4.57
C VAL B 30 -24.64 -6.61 5.15
N ILE B 31 -24.32 -7.22 6.30
CA ILE B 31 -25.21 -8.20 6.92
C ILE B 31 -26.57 -7.57 7.18
N GLY B 32 -26.57 -6.30 7.57
CA GLY B 32 -27.81 -5.55 7.78
C GLY B 32 -28.66 -5.44 6.52
N MET B 33 -28.05 -5.08 5.41
CA MET B 33 -28.76 -5.04 4.14
C MET B 33 -29.37 -6.41 3.77
N ILE B 34 -28.60 -7.47 4.01
CA ILE B 34 -29.05 -8.83 3.70
C ILE B 34 -30.21 -9.24 4.61
N ARG B 35 -30.05 -9.01 5.91
CA ARG B 35 -31.10 -9.36 6.88
C ARG B 35 -32.39 -8.58 6.62
N GLU B 36 -32.27 -7.33 6.18
CA GLU B 36 -33.46 -6.54 5.90
C GLU B 36 -34.26 -7.17 4.75
N ARG B 37 -33.56 -7.48 3.66
CA ARG B 37 -34.24 -8.18 2.57
C ARG B 37 -34.88 -9.49 3.03
N ALA B 38 -34.13 -10.32 3.74
CA ALA B 38 -34.63 -11.63 4.16
C ALA B 38 -35.88 -11.53 5.03
N ALA B 39 -36.06 -10.40 5.69
CA ALA B 39 -37.16 -10.20 6.62
C ALA B 39 -38.30 -9.38 6.00
N THR B 40 -38.09 -8.85 4.80
CA THR B 40 -39.13 -8.06 4.13
C THR B 40 -40.23 -8.99 3.59
N PRO B 41 -41.49 -8.73 3.99
CA PRO B 41 -42.65 -9.54 3.57
C PRO B 41 -42.91 -9.46 2.07
N ARG B 42 -43.07 -10.62 1.44
CA ARG B 42 -43.27 -10.68 0.00
C ARG B 42 -44.36 -11.70 -0.37
N LYS B 43 -44.93 -11.53 -1.56
CA LYS B 43 -46.01 -12.40 -1.98
C LYS B 43 -45.73 -13.06 -3.33
N THR B 44 -45.45 -12.24 -4.34
CA THR B 44 -45.37 -12.77 -5.72
C THR B 44 -43.94 -12.97 -6.17
N THR B 45 -43.78 -13.73 -7.24
CA THR B 45 -42.48 -13.94 -7.85
C THR B 45 -41.86 -12.61 -8.22
N ASP B 46 -42.63 -11.71 -8.82
CA ASP B 46 -42.07 -10.44 -9.22
C ASP B 46 -41.75 -9.55 -8.01
N ASP B 47 -42.51 -9.70 -6.92
CA ASP B 47 -42.16 -9.05 -5.65
C ASP B 47 -40.76 -9.51 -5.21
N ASP B 48 -40.50 -10.81 -5.30
CA ASP B 48 -39.17 -11.33 -4.94
C ASP B 48 -38.10 -10.78 -5.86
N ARG B 49 -38.41 -10.67 -7.15
CA ARG B 49 -37.46 -10.14 -8.10
C ARG B 49 -37.13 -8.67 -7.78
N ARG B 50 -38.16 -7.89 -7.50
CA ARG B 50 -37.99 -6.48 -7.20
C ARG B 50 -37.21 -6.26 -5.89
N LEU B 51 -37.51 -7.07 -4.88
CA LEU B 51 -36.80 -6.98 -3.58
C LEU B 51 -35.29 -7.20 -3.68
N TYR B 52 -34.89 -8.14 -4.54
CA TYR B 52 -33.48 -8.41 -4.81
C TYR B 52 -32.84 -7.17 -5.45
N GLU B 53 -33.54 -6.61 -6.44
CA GLU B 53 -33.10 -5.39 -7.08
C GLU B 53 -32.97 -4.26 -6.06
N THR B 54 -33.92 -4.18 -5.14
CA THR B 54 -33.91 -3.13 -4.12
C THR B 54 -32.67 -3.23 -3.24
N MET B 55 -32.33 -4.44 -2.81
CA MET B 55 -31.21 -4.62 -1.89
C MET B 55 -29.93 -4.10 -2.50
N LEU B 56 -29.76 -4.34 -3.80
CA LEU B 56 -28.50 -4.06 -4.48
C LEU B 56 -28.54 -2.70 -5.18
N GLY B 57 -29.70 -2.05 -5.12
CA GLY B 57 -29.95 -0.86 -5.91
C GLY B 57 -29.40 0.44 -5.37
N SER B 58 -28.87 0.44 -4.14
CA SER B 58 -28.28 1.66 -3.57
C SER B 58 -26.82 1.85 -3.97
N MET B 59 -26.27 0.90 -4.73
CA MET B 59 -24.89 0.99 -5.17
C MET B 59 -24.85 1.16 -6.69
N PRO B 60 -24.69 2.41 -7.16
CA PRO B 60 -24.78 2.81 -8.56
C PRO B 60 -23.58 2.38 -9.42
N LEU B 61 -23.79 2.30 -10.73
CA LEU B 61 -22.71 2.01 -11.67
C LEU B 61 -21.76 3.20 -11.69
N ASP B 62 -20.45 2.92 -11.69
CA ASP B 62 -19.45 3.98 -11.90
C ASP B 62 -19.70 4.70 -13.21
N ASP B 63 -19.46 6.02 -13.19
CA ASP B 63 -19.69 6.88 -14.36
C ASP B 63 -18.94 6.45 -15.61
N ASP B 64 -17.77 5.84 -15.43
CA ASP B 64 -16.93 5.52 -16.59
C ASP B 64 -17.19 4.14 -17.18
N ILE B 65 -18.16 3.42 -16.63
CA ILE B 65 -18.48 2.08 -17.12
C ILE B 65 -19.34 2.13 -18.38
N GLN B 66 -18.94 1.40 -19.40
CA GLN B 66 -19.75 1.32 -20.62
C GLN B 66 -20.66 0.10 -20.55
N THR B 67 -21.91 0.26 -20.95
CA THR B 67 -22.81 -0.88 -21.09
C THR B 67 -23.56 -0.84 -22.42
N GLU B 68 -23.97 -2.00 -22.90
CA GLU B 68 -24.74 -2.09 -24.14
C GLU B 68 -25.64 -3.30 -24.07
N ARG B 69 -26.93 -3.10 -24.29
CA ARG B 69 -27.87 -4.22 -24.36
C ARG B 69 -27.91 -4.77 -25.78
N LEU B 70 -27.91 -6.09 -25.90
CA LEU B 70 -27.96 -6.73 -27.23
C LEU B 70 -28.43 -8.16 -27.10
N GLY B 71 -28.79 -8.76 -28.22
CA GLY B 71 -29.18 -10.16 -28.23
C GLY B 71 -28.01 -10.99 -28.75
N VAL B 72 -27.75 -12.11 -28.11
CA VAL B 72 -26.71 -13.02 -28.56
C VAL B 72 -27.36 -14.36 -28.86
N ASN B 73 -27.54 -14.65 -30.15
CA ASN B 73 -28.29 -15.83 -30.51
C ASN B 73 -29.64 -15.90 -29.78
N GLY B 74 -30.31 -14.76 -29.72
CA GLY B 74 -31.65 -14.73 -29.17
C GLY B 74 -31.71 -14.53 -27.66
N VAL B 75 -30.56 -14.55 -26.99
CA VAL B 75 -30.54 -14.37 -25.54
C VAL B 75 -30.28 -12.90 -25.20
N PRO B 76 -31.17 -12.29 -24.39
CA PRO B 76 -30.90 -10.90 -24.00
C PRO B 76 -29.63 -10.83 -23.17
N ALA B 77 -28.79 -9.85 -23.46
CA ALA B 77 -27.47 -9.77 -22.84
C ALA B 77 -27.00 -8.32 -22.73
N GLU B 78 -25.88 -8.14 -22.03
CA GLU B 78 -25.34 -6.80 -21.80
C GLU B 78 -23.81 -6.81 -21.75
N TRP B 79 -23.17 -6.07 -22.64
CA TRP B 79 -21.73 -5.84 -22.54
C TRP B 79 -21.52 -4.91 -21.37
N ILE B 80 -20.55 -5.23 -20.52
CA ILE B 80 -20.16 -4.35 -19.41
C ILE B 80 -18.64 -4.23 -19.40
N TYR B 81 -18.12 -3.01 -19.50
CA TYR B 81 -16.66 -2.86 -19.49
C TYR B 81 -16.17 -1.49 -19.06
N ALA B 82 -14.96 -1.48 -18.52
CA ALA B 82 -14.32 -0.28 -18.01
C ALA B 82 -13.33 0.24 -19.04
N PRO B 83 -12.88 1.49 -18.87
CA PRO B 83 -11.89 2.03 -19.81
C PRO B 83 -10.69 1.09 -19.93
N GLY B 84 -10.14 0.97 -21.13
CA GLY B 84 -8.91 0.22 -21.33
C GLY B 84 -9.14 -1.28 -21.42
N ALA B 85 -10.40 -1.67 -21.57
CA ALA B 85 -10.74 -3.09 -21.62
C ALA B 85 -10.22 -3.72 -22.90
N ARG B 86 -9.82 -4.97 -22.81
CA ARG B 86 -9.50 -5.75 -23.99
C ARG B 86 -10.75 -6.28 -24.63
N ASP B 87 -11.03 -5.79 -25.83
CA ASP B 87 -12.26 -6.12 -26.53
C ASP B 87 -12.25 -7.54 -27.07
N ASP B 88 -11.10 -8.23 -26.98
CA ASP B 88 -11.05 -9.61 -27.44
C ASP B 88 -11.08 -10.62 -26.27
N GLN B 89 -11.12 -10.13 -25.04
CA GLN B 89 -11.24 -11.03 -23.89
C GLN B 89 -12.63 -10.89 -23.32
N VAL B 90 -13.30 -12.01 -23.08
CA VAL B 90 -14.69 -12.01 -22.64
C VAL B 90 -14.93 -12.94 -21.46
N PHE B 91 -15.53 -12.37 -20.42
CA PHE B 91 -16.02 -13.10 -19.26
C PHE B 91 -17.54 -13.22 -19.48
N LEU B 92 -17.98 -14.40 -19.88
CA LEU B 92 -19.40 -14.71 -20.09
C LEU B 92 -20.04 -15.03 -18.75
N TYR B 93 -20.91 -14.15 -18.27
CA TYR B 93 -21.32 -14.24 -16.87
C TYR B 93 -22.78 -14.67 -16.65
N LEU B 94 -22.98 -15.59 -15.71
N LEU B 94 -22.98 -15.62 -15.74
CA LEU B 94 -24.30 -16.15 -15.41
CA LEU B 94 -24.31 -16.15 -15.43
C LEU B 94 -24.70 -15.78 -13.99
C LEU B 94 -24.72 -15.80 -13.99
N HIS B 95 -25.69 -14.91 -13.84
CA HIS B 95 -26.07 -14.40 -12.53
C HIS B 95 -26.79 -15.43 -11.66
N GLY B 96 -26.77 -15.20 -10.35
CA GLY B 96 -27.49 -16.06 -9.41
C GLY B 96 -28.91 -15.57 -9.16
N GLY B 97 -29.62 -16.24 -8.24
CA GLY B 97 -31.04 -15.99 -8.05
C GLY B 97 -31.88 -17.27 -8.10
N GLY B 98 -31.24 -18.41 -7.88
CA GLY B 98 -31.93 -19.68 -7.85
C GLY B 98 -32.61 -20.08 -9.17
N TYR B 99 -32.17 -19.47 -10.27
CA TYR B 99 -32.76 -19.66 -11.61
C TYR B 99 -34.15 -19.06 -11.70
N VAL B 100 -34.51 -18.22 -10.73
CA VAL B 100 -35.87 -17.67 -10.65
C VAL B 100 -35.88 -16.14 -10.55
N ILE B 101 -34.88 -15.59 -9.86
CA ILE B 101 -34.75 -14.14 -9.80
C ILE B 101 -33.36 -13.69 -10.26
N GLY B 102 -33.09 -12.39 -10.18
CA GLY B 102 -31.81 -11.86 -10.60
C GLY B 102 -31.81 -11.39 -12.05
N SER B 103 -30.88 -10.51 -12.39
CA SER B 103 -30.75 -9.94 -13.74
C SER B 103 -29.53 -9.05 -13.79
N MET B 104 -29.30 -8.37 -14.91
CA MET B 104 -28.19 -7.43 -14.95
C MET B 104 -28.48 -6.29 -13.97
N ARG B 105 -29.75 -6.13 -13.63
CA ARG B 105 -30.08 -5.04 -12.73
C ARG B 105 -29.43 -5.30 -11.37
N THR B 106 -29.37 -6.56 -10.97
N THR B 106 -29.38 -6.56 -10.96
CA THR B 106 -28.85 -6.90 -9.66
CA THR B 106 -28.79 -6.89 -9.65
C THR B 106 -27.40 -7.41 -9.69
C THR B 106 -27.29 -7.12 -9.71
N HIS B 107 -26.81 -7.52 -10.87
CA HIS B 107 -25.44 -7.98 -10.99
C HIS B 107 -24.44 -7.06 -11.70
N ARG B 108 -24.92 -6.02 -12.39
CA ARG B 108 -24.02 -5.26 -13.27
C ARG B 108 -22.92 -4.50 -12.54
N VAL B 109 -23.22 -3.96 -11.35
CA VAL B 109 -22.18 -3.29 -10.59
C VAL B 109 -21.04 -4.24 -10.22
N MET B 110 -21.37 -5.39 -9.64
CA MET B 110 -20.34 -6.39 -9.34
C MET B 110 -19.54 -6.79 -10.60
N LEU B 111 -20.26 -6.98 -11.71
CA LEU B 111 -19.57 -7.39 -12.93
C LEU B 111 -18.66 -6.27 -13.44
N SER B 112 -19.07 -5.02 -13.25
CA SER B 112 -18.23 -3.90 -13.66
C SER B 112 -16.92 -3.90 -12.87
N HIS B 113 -16.98 -4.28 -11.61
CA HIS B 113 -15.76 -4.38 -10.80
C HIS B 113 -14.87 -5.51 -11.28
N ILE B 114 -15.48 -6.64 -11.63
CA ILE B 114 -14.69 -7.75 -12.17
C ILE B 114 -14.06 -7.36 -13.50
N ALA B 115 -14.84 -6.72 -14.37
CA ALA B 115 -14.34 -6.25 -15.64
C ALA B 115 -13.10 -5.38 -15.49
N ARG B 116 -13.17 -4.39 -14.59
CA ARG B 116 -12.06 -3.47 -14.39
C ARG B 116 -10.85 -4.19 -13.81
N ALA B 117 -11.10 -5.09 -12.85
CA ALA B 117 -10.01 -5.86 -12.26
C ALA B 117 -9.31 -6.78 -13.27
N ALA B 118 -10.09 -7.42 -14.15
CA ALA B 118 -9.52 -8.37 -15.10
C ALA B 118 -9.00 -7.67 -16.33
N GLY B 119 -9.47 -6.45 -16.56
CA GLY B 119 -9.16 -5.72 -17.78
C GLY B 119 -9.81 -6.33 -19.00
N CYS B 120 -10.95 -6.99 -18.82
CA CYS B 120 -11.63 -7.60 -19.97
C CYS B 120 -13.05 -7.06 -20.13
N ARG B 121 -13.75 -7.56 -21.14
CA ARG B 121 -15.17 -7.27 -21.27
C ARG B 121 -15.98 -8.35 -20.54
N VAL B 122 -17.08 -7.95 -19.93
CA VAL B 122 -18.04 -8.91 -19.37
C VAL B 122 -19.27 -8.97 -20.29
N LEU B 123 -19.68 -10.17 -20.65
CA LEU B 123 -20.95 -10.36 -21.32
C LEU B 123 -21.91 -11.03 -20.33
N GLY B 124 -22.83 -10.26 -19.77
CA GLY B 124 -23.77 -10.81 -18.78
C GLY B 124 -25.07 -11.21 -19.44
N LEU B 125 -25.53 -12.42 -19.18
CA LEU B 125 -26.74 -12.92 -19.81
C LEU B 125 -27.97 -12.74 -18.94
N ASP B 126 -29.01 -12.10 -19.48
CA ASP B 126 -30.30 -12.16 -18.82
C ASP B 126 -31.03 -13.39 -19.33
N TYR B 127 -30.56 -14.57 -18.89
CA TYR B 127 -31.04 -15.82 -19.42
C TYR B 127 -32.46 -16.11 -18.92
N ARG B 128 -33.14 -17.06 -19.54
CA ARG B 128 -34.52 -17.40 -19.19
C ARG B 128 -34.70 -17.94 -17.77
N LEU B 129 -35.66 -17.37 -17.05
CA LEU B 129 -35.88 -17.76 -15.66
C LEU B 129 -37.13 -18.62 -15.49
N ALA B 130 -37.12 -19.44 -14.46
CA ALA B 130 -38.33 -20.13 -14.02
C ALA B 130 -39.12 -19.19 -13.10
N PRO B 131 -40.42 -19.46 -12.90
CA PRO B 131 -41.16 -20.61 -13.41
C PRO B 131 -41.58 -20.50 -14.87
N GLU B 132 -41.43 -19.31 -15.48
CA GLU B 132 -41.91 -19.12 -16.85
C GLU B 132 -41.32 -20.11 -17.84
N THR B 133 -40.00 -20.30 -17.74
CA THR B 133 -39.30 -21.29 -18.55
C THR B 133 -38.35 -22.04 -17.63
N PRO B 134 -38.63 -23.31 -17.40
CA PRO B 134 -37.90 -24.16 -16.45
C PRO B 134 -36.60 -24.73 -17.01
N PHE B 135 -35.86 -25.42 -16.13
CA PHE B 135 -34.72 -26.27 -16.49
C PHE B 135 -35.11 -27.10 -17.72
N PRO B 136 -34.19 -27.25 -18.68
CA PRO B 136 -32.82 -26.73 -18.74
C PRO B 136 -32.62 -25.46 -19.59
N ALA B 137 -33.62 -24.58 -19.66
CA ALA B 137 -33.49 -23.35 -20.46
C ALA B 137 -32.19 -22.55 -20.25
N PRO B 138 -31.72 -22.41 -19.00
CA PRO B 138 -30.54 -21.56 -18.84
C PRO B 138 -29.30 -22.21 -19.42
N VAL B 139 -29.24 -23.54 -19.39
CA VAL B 139 -28.12 -24.24 -20.01
C VAL B 139 -28.15 -24.00 -21.51
N GLU B 140 -29.33 -24.14 -22.09
CA GLU B 140 -29.50 -23.81 -23.53
C GLU B 140 -29.05 -22.40 -23.84
N ASP B 141 -29.44 -21.45 -22.99
CA ASP B 141 -29.09 -20.05 -23.21
C ASP B 141 -27.59 -19.81 -23.15
N THR B 142 -26.93 -20.43 -22.18
CA THR B 142 -25.49 -20.25 -22.04
C THR B 142 -24.78 -20.79 -23.27
N VAL B 143 -25.19 -21.98 -23.71
CA VAL B 143 -24.62 -22.56 -24.95
C VAL B 143 -24.84 -21.65 -26.15
N ALA B 144 -26.06 -21.15 -26.32
CA ALA B 144 -26.35 -20.26 -27.46
C ALA B 144 -25.42 -19.04 -27.47
N ALA B 145 -25.21 -18.45 -26.29
CA ALA B 145 -24.38 -17.26 -26.14
C ALA B 145 -22.91 -17.58 -26.43
N TYR B 146 -22.44 -18.71 -25.95
CA TYR B 146 -21.08 -19.13 -26.22
C TYR B 146 -20.91 -19.39 -27.71
N ARG B 147 -21.88 -20.08 -28.30
CA ARG B 147 -21.83 -20.29 -29.75
C ARG B 147 -21.81 -18.97 -30.49
N TRP B 148 -22.47 -17.94 -29.94
CA TRP B 148 -22.49 -16.62 -30.57
C TRP B 148 -21.09 -16.03 -30.53
N LEU B 149 -20.41 -16.18 -29.41
CA LEU B 149 -19.06 -15.62 -29.31
C LEU B 149 -18.14 -16.26 -30.33
N LEU B 150 -18.23 -17.58 -30.46
CA LEU B 150 -17.36 -18.30 -31.40
C LEU B 150 -17.66 -17.88 -32.82
N ALA B 151 -18.94 -17.76 -33.13
CA ALA B 151 -19.37 -17.34 -34.47
C ALA B 151 -18.89 -15.93 -34.78
N HIS B 152 -18.65 -15.13 -33.74
CA HIS B 152 -18.26 -13.74 -33.99
C HIS B 152 -16.77 -13.47 -33.82
N GLY B 153 -15.99 -14.53 -33.95
CA GLY B 153 -14.54 -14.42 -34.00
C GLY B 153 -13.84 -14.34 -32.66
N TYR B 154 -14.57 -14.53 -31.56
CA TYR B 154 -13.89 -14.58 -30.27
C TYR B 154 -13.20 -15.93 -30.11
N ASP B 155 -12.03 -15.92 -29.50
CA ASP B 155 -11.21 -17.14 -29.35
C ASP B 155 -11.52 -17.87 -28.05
N PRO B 156 -11.75 -19.19 -28.14
CA PRO B 156 -11.97 -19.98 -26.94
C PRO B 156 -10.93 -19.73 -25.85
N SER B 157 -9.67 -19.51 -26.24
N SER B 157 -9.66 -19.53 -26.22
CA SER B 157 -8.59 -19.31 -25.28
CA SER B 157 -8.61 -19.31 -25.23
C SER B 157 -8.66 -17.93 -24.61
C SER B 157 -8.72 -17.95 -24.54
N ARG B 158 -9.54 -17.07 -25.11
CA ARG B 158 -9.75 -15.75 -24.48
C ARG B 158 -11.17 -15.55 -23.90
N ILE B 159 -11.89 -16.65 -23.70
CA ILE B 159 -13.20 -16.61 -23.05
C ILE B 159 -13.21 -17.41 -21.75
N ALA B 160 -13.80 -16.84 -20.70
CA ALA B 160 -14.02 -17.56 -19.45
C ALA B 160 -15.51 -17.47 -19.06
N LEU B 161 -16.04 -18.51 -18.41
CA LEU B 161 -17.41 -18.47 -17.89
C LEU B 161 -17.36 -18.21 -16.41
N GLY B 162 -18.29 -17.39 -15.92
CA GLY B 162 -18.36 -17.11 -14.51
C GLY B 162 -19.82 -17.08 -14.09
N GLY B 163 -20.06 -17.37 -12.83
CA GLY B 163 -21.42 -17.29 -12.29
C GLY B 163 -21.43 -17.36 -10.77
N ASP B 164 -22.52 -16.90 -10.16
CA ASP B 164 -22.68 -17.00 -8.72
C ASP B 164 -23.94 -17.76 -8.40
N SER B 165 -23.93 -18.48 -7.26
CA SER B 165 -25.03 -19.34 -6.81
C SER B 165 -25.58 -20.21 -7.94
N ALA B 166 -26.86 -20.07 -8.29
CA ALA B 166 -27.37 -20.84 -9.44
C ALA B 166 -26.43 -20.72 -10.64
N GLY B 167 -25.93 -19.50 -10.87
CA GLY B 167 -24.99 -19.21 -11.94
C GLY B 167 -23.68 -19.97 -11.85
N GLY B 168 -23.18 -20.10 -10.62
CA GLY B 168 -21.99 -20.91 -10.40
C GLY B 168 -22.20 -22.36 -10.84
N GLY B 169 -23.34 -22.94 -10.48
CA GLY B 169 -23.67 -24.29 -10.92
C GLY B 169 -23.84 -24.35 -12.42
N LEU B 170 -24.49 -23.33 -12.95
CA LEU B 170 -24.71 -23.22 -14.40
C LEU B 170 -23.38 -23.18 -15.14
N VAL B 171 -22.39 -22.50 -14.57
CA VAL B 171 -21.08 -22.48 -15.24
C VAL B 171 -20.63 -23.91 -15.49
N VAL B 172 -20.76 -24.75 -14.46
CA VAL B 172 -20.30 -26.13 -14.54
C VAL B 172 -21.12 -26.95 -15.53
N ALA B 173 -22.44 -26.90 -15.39
CA ALA B 173 -23.36 -27.60 -16.30
C ALA B 173 -23.11 -27.21 -17.74
N ALA B 174 -22.90 -25.91 -17.98
CA ALA B 174 -22.70 -25.42 -19.33
C ALA B 174 -21.38 -25.92 -19.90
N LEU B 175 -20.33 -25.95 -19.07
CA LEU B 175 -19.05 -26.45 -19.52
C LEU B 175 -19.20 -27.92 -19.91
N VAL B 176 -19.90 -28.68 -19.08
CA VAL B 176 -20.17 -30.08 -19.38
C VAL B 176 -20.97 -30.21 -20.67
N ALA B 177 -22.07 -29.47 -20.80
CA ALA B 177 -22.84 -29.48 -22.03
C ALA B 177 -21.98 -29.18 -23.25
N LEU B 178 -21.20 -28.11 -23.18
CA LEU B 178 -20.30 -27.76 -24.30
C LEU B 178 -19.40 -28.91 -24.73
N ARG B 179 -18.79 -29.59 -23.77
CA ARG B 179 -17.96 -30.76 -24.10
C ARG B 179 -18.76 -31.86 -24.77
N TYR B 180 -19.94 -32.14 -24.20
CA TYR B 180 -20.84 -33.16 -24.73
C TYR B 180 -21.28 -32.91 -26.18
N ILE B 181 -21.44 -31.65 -26.57
CA ILE B 181 -21.81 -31.35 -27.97
C ILE B 181 -20.61 -30.89 -28.79
N GLY B 182 -19.41 -31.17 -28.31
CA GLY B 182 -18.21 -31.01 -29.13
C GLY B 182 -17.71 -29.61 -29.42
N GLU B 183 -18.19 -28.62 -28.67
CA GLU B 183 -17.71 -27.25 -28.83
C GLU B 183 -16.34 -27.09 -28.20
N PRO B 184 -15.48 -26.25 -28.80
CA PRO B 184 -14.17 -26.04 -28.19
C PRO B 184 -14.36 -25.31 -26.86
N LEU B 185 -13.75 -25.84 -25.81
CA LEU B 185 -14.04 -25.34 -24.47
C LEU B 185 -13.32 -24.03 -24.19
N PRO B 186 -13.92 -23.18 -23.34
CA PRO B 186 -13.36 -21.92 -22.87
C PRO B 186 -12.10 -22.14 -22.05
N ALA B 187 -11.39 -21.05 -21.75
CA ALA B 187 -10.13 -21.14 -21.00
C ALA B 187 -10.30 -21.44 -19.51
N ALA B 188 -11.46 -21.11 -18.95
CA ALA B 188 -11.63 -21.22 -17.50
C ALA B 188 -13.07 -21.01 -17.06
N GLY B 189 -13.36 -21.45 -15.83
CA GLY B 189 -14.61 -21.15 -15.18
C GLY B 189 -14.39 -20.54 -13.79
N VAL B 190 -15.26 -19.61 -13.42
CA VAL B 190 -15.25 -19.01 -12.07
C VAL B 190 -16.60 -19.25 -11.41
N CYS B 191 -16.58 -19.84 -10.22
CA CYS B 191 -17.81 -20.19 -9.50
C CYS B 191 -17.86 -19.51 -8.12
N LEU B 192 -18.76 -18.54 -7.97
CA LEU B 192 -18.92 -17.80 -6.72
C LEU B 192 -20.11 -18.36 -5.94
N SER B 193 -19.85 -19.00 -4.80
CA SER B 193 -20.90 -19.67 -4.01
C SER B 193 -21.82 -20.54 -4.85
N PRO B 194 -21.25 -21.45 -5.67
CA PRO B 194 -22.03 -22.21 -6.63
C PRO B 194 -23.07 -23.11 -5.93
N TRP B 195 -24.23 -23.21 -6.54
CA TRP B 195 -25.26 -24.16 -6.10
C TRP B 195 -25.25 -25.33 -7.12
N ILE B 196 -24.79 -26.51 -6.69
CA ILE B 196 -24.67 -27.64 -7.60
C ILE B 196 -25.53 -28.84 -7.23
N ASP B 197 -26.42 -28.65 -6.25
CA ASP B 197 -27.22 -29.74 -5.72
C ASP B 197 -28.65 -29.29 -5.41
N MET B 198 -29.57 -29.68 -6.28
CA MET B 198 -30.96 -29.27 -6.17
C MET B 198 -31.62 -29.70 -4.86
N GLU B 199 -31.08 -30.75 -4.24
CA GLU B 199 -31.73 -31.34 -3.08
C GLU B 199 -31.15 -30.80 -1.77
N ALA B 200 -30.15 -29.93 -1.89
CA ALA B 200 -29.54 -29.28 -0.72
C ALA B 200 -29.11 -30.29 0.36
N THR B 201 -28.31 -31.28 -0.01
CA THR B 201 -27.94 -32.34 0.92
C THR B 201 -26.64 -32.06 1.66
N GLY B 202 -25.95 -30.98 1.29
CA GLY B 202 -24.70 -30.65 1.94
C GLY B 202 -24.88 -30.45 3.44
N GLU B 203 -23.91 -30.89 4.23
CA GLU B 203 -24.05 -30.87 5.69
C GLU B 203 -24.09 -29.46 6.25
N SER B 204 -23.48 -28.53 5.52
CA SER B 204 -23.47 -27.13 5.90
C SER B 204 -24.88 -26.54 5.91
N PHE B 205 -25.81 -27.16 5.19
CA PHE B 205 -27.20 -26.72 5.26
C PHE B 205 -27.75 -26.90 6.66
N THR B 206 -27.16 -27.83 7.41
CA THR B 206 -27.49 -28.03 8.81
C THR B 206 -26.54 -27.24 9.71
N THR B 207 -25.24 -27.47 9.58
CA THR B 207 -24.29 -26.85 10.49
C THR B 207 -24.25 -25.33 10.40
N ASN B 208 -24.47 -24.77 9.21
CA ASN B 208 -24.39 -23.32 9.04
C ASN B 208 -25.75 -22.63 9.04
N ALA B 209 -26.79 -23.38 9.37
CA ALA B 209 -28.14 -22.88 9.25
C ALA B 209 -28.39 -21.58 10.01
N THR B 210 -27.82 -21.44 11.21
CA THR B 210 -28.04 -20.22 11.98
C THR B 210 -27.00 -19.17 11.68
N MET B 211 -25.98 -19.54 10.91
CA MET B 211 -24.86 -18.65 10.61
C MET B 211 -25.10 -17.84 9.33
N ASP B 212 -25.91 -18.40 8.42
CA ASP B 212 -26.11 -17.84 7.09
C ASP B 212 -27.31 -16.92 7.10
N PRO B 213 -27.08 -15.62 6.83
CA PRO B 213 -28.17 -14.63 6.90
C PRO B 213 -29.07 -14.55 5.66
N SER B 214 -28.76 -15.32 4.61
CA SER B 214 -29.53 -15.17 3.38
C SER B 214 -29.97 -16.45 2.67
N VAL B 215 -29.32 -17.58 2.95
CA VAL B 215 -29.70 -18.82 2.28
C VAL B 215 -30.04 -19.91 3.31
N ASN B 216 -31.15 -20.60 3.10
CA ASN B 216 -31.48 -21.74 3.95
C ASN B 216 -32.05 -22.91 3.16
N LYS B 217 -32.07 -24.08 3.78
CA LYS B 217 -32.46 -25.30 3.07
C LYS B 217 -33.88 -25.25 2.52
N GLU B 218 -34.80 -24.69 3.30
CA GLU B 218 -36.21 -24.63 2.86
C GLU B 218 -36.38 -23.74 1.63
N ARG B 219 -35.73 -22.59 1.64
CA ARG B 219 -35.72 -21.67 0.49
C ARG B 219 -35.18 -22.37 -0.75
N VAL B 220 -34.05 -23.05 -0.58
CA VAL B 220 -33.37 -23.69 -1.71
C VAL B 220 -34.26 -24.75 -2.32
N MET B 221 -34.87 -25.56 -1.46
CA MET B 221 -35.70 -26.64 -1.98
C MET B 221 -36.96 -26.14 -2.70
N SER B 222 -37.59 -25.12 -2.17
N SER B 222 -37.59 -25.11 -2.17
CA SER B 222 -38.75 -24.54 -2.83
CA SER B 222 -38.75 -24.54 -2.83
C SER B 222 -38.36 -23.98 -4.20
C SER B 222 -38.38 -23.96 -4.20
N ILE B 223 -37.26 -23.26 -4.27
CA ILE B 223 -36.77 -22.69 -5.52
C ILE B 223 -36.40 -23.79 -6.50
N ALA B 224 -35.73 -24.84 -6.02
CA ALA B 224 -35.38 -25.97 -6.88
C ALA B 224 -36.60 -26.57 -7.56
N ALA B 225 -37.70 -26.67 -6.82
CA ALA B 225 -38.92 -27.25 -7.37
C ALA B 225 -39.48 -26.37 -8.49
N LEU B 226 -39.37 -25.06 -8.31
CA LEU B 226 -39.78 -24.10 -9.33
C LEU B 226 -38.95 -24.25 -10.59
N TYR B 227 -37.64 -24.41 -10.42
CA TYR B 227 -36.73 -24.51 -11.56
C TYR B 227 -36.93 -25.83 -12.32
N LEU B 228 -37.10 -26.91 -11.58
CA LEU B 228 -37.08 -28.25 -12.17
C LEU B 228 -38.31 -28.53 -13.01
N GLY B 229 -39.42 -27.84 -12.72
CA GLY B 229 -40.66 -28.08 -13.43
C GLY B 229 -41.01 -29.56 -13.53
N GLY B 230 -40.75 -30.32 -12.46
CA GLY B 230 -41.11 -31.72 -12.41
C GLY B 230 -40.04 -32.69 -12.91
N LYS B 231 -38.92 -32.15 -13.37
CA LYS B 231 -37.84 -32.98 -13.87
C LYS B 231 -37.04 -33.55 -12.70
N ASN B 232 -36.23 -34.57 -12.98
CA ASN B 232 -35.45 -35.25 -11.92
C ASN B 232 -34.48 -34.32 -11.19
N PRO B 233 -34.61 -34.19 -9.85
CA PRO B 233 -33.77 -33.24 -9.11
C PRO B 233 -32.29 -33.58 -9.20
N GLN B 234 -31.97 -34.82 -9.54
CA GLN B 234 -30.58 -35.25 -9.62
C GLN B 234 -30.04 -35.25 -11.06
N ALA B 235 -30.81 -34.70 -11.99
CA ALA B 235 -30.31 -34.52 -13.35
C ALA B 235 -28.96 -33.82 -13.35
N PRO B 236 -27.94 -34.42 -13.99
CA PRO B 236 -26.60 -33.82 -14.05
C PRO B 236 -26.51 -32.33 -14.44
N LEU B 237 -27.37 -31.85 -15.33
CA LEU B 237 -27.26 -30.46 -15.75
C LEU B 237 -27.96 -29.47 -14.81
N ALA B 238 -28.81 -29.97 -13.94
CA ALA B 238 -29.43 -29.15 -12.90
C ALA B 238 -28.60 -29.26 -11.62
N SER B 239 -28.11 -30.47 -11.35
CA SER B 239 -27.27 -30.77 -10.18
C SER B 239 -25.93 -31.35 -10.64
N PRO B 240 -24.99 -30.49 -11.05
CA PRO B 240 -23.71 -30.98 -11.56
C PRO B 240 -22.91 -31.78 -10.52
N LEU B 241 -23.39 -31.80 -9.28
CA LEU B 241 -22.90 -32.78 -8.31
C LEU B 241 -22.86 -34.18 -8.94
N TYR B 242 -23.69 -34.41 -9.95
CA TYR B 242 -23.81 -35.74 -10.56
C TYR B 242 -23.30 -35.80 -11.99
N ALA B 243 -22.70 -34.70 -12.45
CA ALA B 243 -22.26 -34.60 -13.83
C ALA B 243 -20.86 -35.14 -14.03
N ASP B 244 -20.58 -35.57 -15.25
CA ASP B 244 -19.26 -36.00 -15.67
C ASP B 244 -18.39 -34.76 -15.87
N LEU B 245 -17.40 -34.56 -15.00
CA LEU B 245 -16.62 -33.32 -15.03
C LEU B 245 -15.29 -33.43 -15.79
N GLN B 246 -15.08 -34.58 -16.44
CA GLN B 246 -13.88 -34.80 -17.20
C GLN B 246 -13.68 -33.75 -18.28
N GLY B 247 -12.44 -33.29 -18.44
CA GLY B 247 -12.09 -32.40 -19.53
C GLY B 247 -12.34 -30.93 -19.30
N LEU B 248 -12.93 -30.56 -18.16
CA LEU B 248 -13.19 -29.15 -17.92
C LEU B 248 -11.90 -28.36 -17.72
N PRO B 249 -11.94 -27.06 -18.04
CA PRO B 249 -10.76 -26.21 -17.88
C PRO B 249 -10.65 -25.75 -16.44
N PRO B 250 -9.57 -25.01 -16.12
CA PRO B 250 -9.31 -24.63 -14.73
C PRO B 250 -10.47 -23.87 -14.07
N LEU B 251 -10.77 -24.23 -12.83
CA LEU B 251 -11.84 -23.55 -12.11
C LEU B 251 -11.31 -22.76 -10.90
N LEU B 252 -11.88 -21.58 -10.70
CA LEU B 252 -11.70 -20.88 -9.43
C LEU B 252 -13.04 -20.91 -8.69
N VAL B 253 -13.04 -21.45 -7.48
CA VAL B 253 -14.25 -21.45 -6.67
C VAL B 253 -14.02 -20.61 -5.40
N GLN B 254 -14.88 -19.61 -5.18
CA GLN B 254 -14.90 -18.87 -3.92
C GLN B 254 -16.23 -19.11 -3.20
N VAL B 255 -16.19 -19.13 -1.87
CA VAL B 255 -17.38 -19.33 -1.06
C VAL B 255 -17.12 -18.76 0.34
N GLY B 256 -18.19 -18.45 1.07
CA GLY B 256 -18.06 -17.85 2.38
C GLY B 256 -18.10 -18.94 3.45
N GLY B 257 -17.32 -18.75 4.52
CA GLY B 257 -17.26 -19.74 5.58
C GLY B 257 -18.54 -19.97 6.37
N ILE B 258 -19.45 -19.00 6.38
CA ILE B 258 -20.68 -19.16 7.14
C ILE B 258 -21.84 -19.66 6.27
N GLU B 259 -21.55 -19.95 5.00
CA GLU B 259 -22.61 -20.28 4.05
C GLU B 259 -23.17 -21.67 4.22
N THR B 260 -24.50 -21.80 4.12
CA THR B 260 -25.08 -23.13 4.02
C THR B 260 -24.63 -23.83 2.72
N LEU B 261 -24.25 -23.04 1.72
CA LEU B 261 -23.79 -23.57 0.43
C LEU B 261 -22.31 -23.97 0.45
N LEU B 262 -21.68 -23.86 1.62
CA LEU B 262 -20.27 -24.17 1.78
C LEU B 262 -19.91 -25.57 1.26
N ASP B 263 -20.71 -26.57 1.61
CA ASP B 263 -20.41 -27.92 1.16
C ASP B 263 -20.66 -28.16 -0.33
N ASP B 264 -21.49 -27.32 -0.94
CA ASP B 264 -21.62 -27.38 -2.40
C ASP B 264 -20.28 -27.01 -3.05
N ALA B 265 -19.68 -25.93 -2.58
CA ALA B 265 -18.38 -25.48 -3.09
C ALA B 265 -17.29 -26.54 -2.87
N ARG B 266 -17.29 -27.17 -1.69
CA ARG B 266 -16.28 -28.19 -1.39
C ARG B 266 -16.46 -29.44 -2.26
N ALA B 267 -17.70 -29.87 -2.41
CA ALA B 267 -18.03 -31.04 -3.22
C ALA B 267 -17.64 -30.83 -4.67
N LEU B 268 -17.91 -29.63 -5.18
CA LEU B 268 -17.59 -29.33 -6.57
C LEU B 268 -16.09 -29.41 -6.77
N THR B 269 -15.35 -28.80 -5.84
CA THR B 269 -13.89 -28.78 -5.93
C THR B 269 -13.30 -30.19 -5.88
N THR B 270 -13.84 -31.03 -4.99
CA THR B 270 -13.38 -32.40 -4.84
C THR B 270 -13.74 -33.23 -6.06
N ARG B 271 -14.97 -33.09 -6.53
CA ARG B 271 -15.38 -33.85 -7.71
C ARG B 271 -14.56 -33.44 -8.93
N ALA B 272 -14.33 -32.15 -9.07
CA ALA B 272 -13.51 -31.64 -10.16
C ALA B 272 -12.10 -32.23 -10.14
N LYS B 273 -11.43 -32.10 -9.00
CA LYS B 273 -10.08 -32.63 -8.86
C LYS B 273 -10.01 -34.11 -9.18
N ALA B 274 -10.99 -34.87 -8.70
CA ALA B 274 -11.07 -36.30 -8.95
C ALA B 274 -11.20 -36.62 -10.44
N ALA B 275 -11.77 -35.67 -11.21
CA ALA B 275 -11.96 -35.86 -12.64
C ALA B 275 -10.77 -35.32 -13.44
N GLY B 276 -9.74 -34.87 -12.73
CA GLY B 276 -8.53 -34.38 -13.37
C GLY B 276 -8.53 -32.89 -13.69
N VAL B 277 -9.53 -32.19 -13.20
CA VAL B 277 -9.67 -30.75 -13.46
C VAL B 277 -8.85 -29.97 -12.45
N ASP B 278 -8.20 -28.92 -12.93
CA ASP B 278 -7.44 -28.01 -12.09
C ASP B 278 -8.42 -27.06 -11.38
N ALA B 279 -8.77 -27.38 -10.14
CA ALA B 279 -9.74 -26.57 -9.42
C ALA B 279 -9.15 -26.04 -8.14
N ASP B 280 -9.42 -24.77 -7.86
CA ASP B 280 -8.90 -24.20 -6.64
C ASP B 280 -9.99 -23.55 -5.82
N LEU B 281 -10.09 -23.95 -4.56
CA LEU B 281 -11.14 -23.44 -3.69
C LEU B 281 -10.58 -22.42 -2.69
N GLU B 282 -11.28 -21.31 -2.57
CA GLU B 282 -11.01 -20.34 -1.51
C GLU B 282 -12.23 -20.20 -0.63
N VAL B 283 -12.08 -20.54 0.64
CA VAL B 283 -13.13 -20.28 1.62
C VAL B 283 -12.82 -19.00 2.39
N TRP B 284 -13.69 -18.01 2.28
CA TRP B 284 -13.43 -16.72 2.92
C TRP B 284 -14.18 -16.66 4.25
N ASP B 285 -13.44 -16.67 5.35
CA ASP B 285 -14.05 -16.65 6.67
C ASP B 285 -15.00 -15.46 6.84
N ASP B 286 -16.11 -15.73 7.52
CA ASP B 286 -17.08 -14.73 7.94
C ASP B 286 -17.91 -14.11 6.83
N MET B 287 -17.66 -14.51 5.59
CA MET B 287 -18.35 -13.86 4.47
C MET B 287 -19.68 -14.51 4.17
N PRO B 288 -20.70 -13.69 3.89
CA PRO B 288 -22.02 -14.18 3.54
C PRO B 288 -22.08 -14.52 2.05
N HIS B 289 -23.14 -15.18 1.64
CA HIS B 289 -23.41 -15.54 0.24
C HIS B 289 -23.11 -14.41 -0.73
N VAL B 290 -22.26 -14.70 -1.72
CA VAL B 290 -21.88 -13.75 -2.77
C VAL B 290 -21.63 -12.34 -2.20
N TRP B 291 -20.73 -12.27 -1.23
CA TRP B 291 -20.37 -11.00 -0.61
C TRP B 291 -19.73 -10.08 -1.62
N GLN B 292 -19.28 -10.64 -2.75
CA GLN B 292 -18.66 -9.84 -3.80
C GLN B 292 -19.57 -8.74 -4.35
N HIS B 293 -20.88 -8.90 -4.20
CA HIS B 293 -21.85 -7.89 -4.64
C HIS B 293 -21.55 -6.58 -3.93
N PHE B 294 -21.03 -6.68 -2.71
CA PHE B 294 -20.92 -5.50 -1.88
C PHE B 294 -19.53 -4.85 -1.95
N ALA B 295 -18.73 -5.30 -2.91
CA ALA B 295 -17.40 -4.72 -3.12
C ALA B 295 -17.29 -3.18 -2.93
N PRO B 296 -18.27 -2.41 -3.44
CA PRO B 296 -18.21 -0.96 -3.27
C PRO B 296 -18.13 -0.48 -1.81
N ILE B 297 -18.69 -1.24 -0.87
CA ILE B 297 -18.65 -0.86 0.54
C ILE B 297 -17.93 -1.86 1.43
N LEU B 298 -17.41 -2.94 0.85
CA LEU B 298 -16.81 -4.02 1.64
C LEU B 298 -15.41 -4.41 1.15
N PRO B 299 -14.37 -4.12 1.97
CA PRO B 299 -13.00 -4.50 1.64
C PRO B 299 -12.85 -5.96 1.16
N GLU B 300 -13.53 -6.90 1.79
CA GLU B 300 -13.38 -8.30 1.41
C GLU B 300 -14.00 -8.56 0.05
N GLY B 301 -14.96 -7.73 -0.32
CA GLY B 301 -15.56 -7.77 -1.64
C GLY B 301 -14.52 -7.38 -2.67
N LYS B 302 -13.88 -6.23 -2.44
CA LYS B 302 -12.83 -5.79 -3.34
C LYS B 302 -11.68 -6.81 -3.44
N GLN B 303 -11.30 -7.39 -2.31
CA GLN B 303 -10.19 -8.33 -2.29
C GLN B 303 -10.53 -9.57 -3.12
N ALA B 304 -11.74 -10.10 -2.92
CA ALA B 304 -12.15 -11.33 -3.60
C ALA B 304 -12.22 -11.08 -5.11
N ILE B 305 -12.69 -9.90 -5.49
CA ILE B 305 -12.79 -9.55 -6.89
C ILE B 305 -11.38 -9.35 -7.48
N ALA B 306 -10.47 -8.77 -6.70
CA ALA B 306 -9.09 -8.61 -7.18
C ALA B 306 -8.51 -9.99 -7.48
N ARG B 307 -8.92 -10.98 -6.69
CA ARG B 307 -8.45 -12.34 -6.85
C ARG B 307 -9.04 -12.99 -8.12
N ILE B 308 -10.32 -12.72 -8.39
CA ILE B 308 -10.96 -13.19 -9.62
C ILE B 308 -10.25 -12.57 -10.81
N GLY B 309 -9.96 -11.27 -10.69
CA GLY B 309 -9.27 -10.54 -11.75
C GLY B 309 -7.90 -11.13 -12.09
N GLU B 310 -7.13 -11.47 -11.06
CA GLU B 310 -5.82 -12.10 -11.24
C GLU B 310 -5.94 -13.44 -11.95
N PHE B 311 -6.92 -14.24 -11.52
CA PHE B 311 -7.16 -15.54 -12.11
C PHE B 311 -7.51 -15.39 -13.61
N LEU B 312 -8.36 -14.42 -13.90
CA LEU B 312 -8.80 -14.22 -15.28
C LEU B 312 -7.63 -13.73 -16.14
N ARG B 313 -6.87 -12.76 -15.63
CA ARG B 313 -5.69 -12.29 -16.37
C ARG B 313 -4.76 -13.44 -16.71
N LYS B 314 -4.60 -14.37 -15.77
CA LYS B 314 -3.75 -15.54 -16.01
C LYS B 314 -4.32 -16.45 -17.10
N GLN B 315 -5.62 -16.69 -17.06
CA GLN B 315 -6.25 -17.69 -17.95
C GLN B 315 -6.64 -17.17 -19.34
N ILE B 316 -7.14 -15.95 -19.41
CA ILE B 316 -7.55 -15.42 -20.72
C ILE B 316 -6.73 -14.23 -21.15
N GLY B 317 -5.90 -13.71 -20.24
CA GLY B 317 -5.05 -12.56 -20.54
C GLY B 317 -3.66 -13.00 -20.95
N MET C 21 7.42 -7.89 -35.95
CA MET C 21 7.33 -9.26 -36.47
C MET C 21 7.10 -9.22 -38.00
N ALA C 22 8.21 -9.04 -38.71
CA ALA C 22 8.28 -8.49 -40.06
C ALA C 22 9.42 -9.13 -40.84
N LYS C 23 9.51 -8.79 -42.12
CA LYS C 23 10.38 -9.50 -43.04
C LYS C 23 11.78 -8.89 -43.11
N SER C 24 12.78 -9.75 -43.23
CA SER C 24 14.18 -9.45 -42.97
C SER C 24 14.64 -10.68 -42.21
N PRO C 25 15.56 -11.47 -42.81
CA PRO C 25 15.98 -12.69 -42.10
C PRO C 25 16.53 -12.38 -40.71
N GLU C 26 17.24 -11.28 -40.56
CA GLU C 26 17.84 -10.93 -39.26
C GLU C 26 16.75 -10.68 -38.21
N LEU C 27 15.74 -9.89 -38.59
CA LEU C 27 14.61 -9.66 -37.70
C LEU C 27 13.81 -10.93 -37.42
N ASP C 28 13.64 -11.78 -38.44
CA ASP C 28 12.99 -13.07 -38.26
C ASP C 28 13.69 -13.90 -37.21
N ARG C 29 15.02 -13.94 -37.31
CA ARG C 29 15.83 -14.67 -36.34
C ARG C 29 15.66 -14.14 -34.91
N VAL C 30 15.71 -12.81 -34.74
CA VAL C 30 15.50 -12.20 -33.43
C VAL C 30 14.13 -12.55 -32.86
N ILE C 31 13.08 -12.37 -33.66
CA ILE C 31 11.73 -12.67 -33.20
C ILE C 31 11.62 -14.13 -32.73
N GLY C 32 12.29 -15.03 -33.45
CA GLY C 32 12.36 -16.44 -33.09
C GLY C 32 12.96 -16.67 -31.72
N MET C 33 14.09 -16.02 -31.44
CA MET C 33 14.72 -16.12 -30.12
C MET C 33 13.78 -15.64 -29.01
N ILE C 34 13.08 -14.53 -29.28
CA ILE C 34 12.16 -13.94 -28.31
C ILE C 34 10.95 -14.85 -28.08
N ARG C 35 10.37 -15.37 -29.16
CA ARG C 35 9.19 -16.25 -29.07
C ARG C 35 9.53 -17.56 -28.36
N GLU C 36 10.74 -18.05 -28.58
CA GLU C 36 11.15 -19.28 -27.90
C GLU C 36 11.16 -19.07 -26.38
N ARG C 37 11.82 -18.01 -25.93
CA ARG C 37 11.80 -17.69 -24.51
C ARG C 37 10.37 -17.55 -23.97
N ALA C 38 9.54 -16.77 -24.64
CA ALA C 38 8.20 -16.50 -24.14
C ALA C 38 7.36 -17.76 -24.01
N ALA C 39 7.74 -18.80 -24.76
CA ALA C 39 6.97 -20.03 -24.79
C ALA C 39 7.61 -21.12 -23.93
N THR C 40 8.80 -20.85 -23.40
CA THR C 40 9.47 -21.82 -22.54
C THR C 40 8.83 -21.89 -21.17
N PRO C 41 8.39 -23.10 -20.76
CA PRO C 41 7.72 -23.31 -19.46
C PRO C 41 8.64 -23.01 -18.28
N ARG C 42 8.13 -22.22 -17.32
CA ARG C 42 8.92 -21.82 -16.17
C ARG C 42 8.09 -21.89 -14.89
N LYS C 43 8.77 -21.96 -13.75
CA LYS C 43 8.08 -22.07 -12.47
C LYS C 43 8.50 -20.99 -11.48
N THR C 44 9.80 -20.88 -11.23
CA THR C 44 10.29 -20.05 -10.14
C THR C 44 10.82 -18.72 -10.65
N THR C 45 10.98 -17.76 -9.75
CA THR C 45 11.63 -16.51 -10.07
C THR C 45 13.00 -16.75 -10.66
N ASP C 46 13.77 -17.62 -10.05
CA ASP C 46 15.12 -17.87 -10.57
C ASP C 46 15.09 -18.55 -11.93
N ASP C 47 14.07 -19.36 -12.17
CA ASP C 47 13.89 -19.96 -13.51
C ASP C 47 13.70 -18.85 -14.54
N ASP C 48 12.88 -17.84 -14.19
CA ASP C 48 12.69 -16.69 -15.07
C ASP C 48 13.99 -15.91 -15.27
N ARG C 49 14.75 -15.71 -14.20
CA ARG C 49 16.04 -15.07 -14.31
C ARG C 49 16.99 -15.83 -15.27
N ARG C 50 17.08 -17.13 -15.09
CA ARG C 50 17.96 -17.96 -15.90
C ARG C 50 17.57 -17.97 -17.38
N LEU C 51 16.26 -18.04 -17.62
CA LEU C 51 15.73 -18.07 -18.99
C LEU C 51 16.07 -16.81 -19.78
N TYR C 52 16.03 -15.66 -19.11
CA TYR C 52 16.42 -14.38 -19.72
C TYR C 52 17.89 -14.43 -20.10
N GLU C 53 18.72 -14.89 -19.17
CA GLU C 53 20.13 -15.08 -19.43
C GLU C 53 20.35 -16.04 -20.61
N THR C 54 19.55 -17.09 -20.69
CA THR C 54 19.70 -18.08 -21.75
C THR C 54 19.46 -17.44 -23.11
N MET C 55 18.40 -16.63 -23.21
CA MET C 55 18.03 -16.04 -24.49
C MET C 55 19.19 -15.21 -25.04
N LEU C 56 19.85 -14.47 -24.15
CA LEU C 56 20.85 -13.50 -24.58
C LEU C 56 22.26 -14.09 -24.51
N GLY C 57 22.36 -15.33 -24.07
CA GLY C 57 23.64 -15.94 -23.76
C GLY C 57 24.41 -16.51 -24.94
N SER C 58 23.80 -16.56 -26.12
CA SER C 58 24.51 -17.06 -27.30
C SER C 58 25.32 -15.96 -27.99
N MET C 59 25.25 -14.74 -27.49
CA MET C 59 25.99 -13.63 -28.08
C MET C 59 27.08 -13.17 -27.10
N PRO C 60 28.33 -13.64 -27.31
CA PRO C 60 29.47 -13.45 -26.41
C PRO C 60 30.06 -12.04 -26.41
N LEU C 61 30.73 -11.67 -25.33
CA LEU C 61 31.44 -10.38 -25.25
C LEU C 61 32.60 -10.37 -26.23
N ASP C 62 32.78 -9.28 -26.96
CA ASP C 62 33.96 -9.11 -27.82
C ASP C 62 35.23 -9.26 -27.00
N ASP C 63 36.24 -9.86 -27.60
CA ASP C 63 37.52 -10.13 -26.93
C ASP C 63 38.20 -8.89 -26.39
N ASP C 64 37.98 -7.75 -27.03
CA ASP C 64 38.72 -6.55 -26.65
C ASP C 64 38.00 -5.71 -25.59
N ILE C 65 36.86 -6.19 -25.10
CA ILE C 65 36.10 -5.44 -24.11
C ILE C 65 36.68 -5.64 -22.70
N GLN C 66 36.91 -4.56 -21.99
CA GLN C 66 37.37 -4.68 -20.61
C GLN C 66 36.17 -4.61 -19.67
N THR C 67 36.18 -5.44 -18.64
CA THR C 67 35.15 -5.38 -17.61
C THR C 67 35.80 -5.49 -16.23
N GLU C 68 35.15 -4.91 -15.23
CA GLU C 68 35.62 -4.98 -13.85
C GLU C 68 34.44 -4.94 -12.90
N ARG C 69 34.35 -5.93 -12.01
CA ARG C 69 33.30 -5.92 -10.99
C ARG C 69 33.75 -5.11 -9.78
N LEU C 70 32.88 -4.28 -9.26
CA LEU C 70 33.22 -3.48 -8.09
C LEU C 70 31.96 -3.03 -7.38
N GLY C 71 32.11 -2.53 -6.17
CA GLY C 71 31.00 -1.97 -5.43
C GLY C 71 31.06 -0.45 -5.51
N VAL C 72 29.91 0.17 -5.74
CA VAL C 72 29.83 1.63 -5.73
C VAL C 72 28.86 2.07 -4.64
N ASN C 73 29.39 2.58 -3.53
CA ASN C 73 28.55 2.86 -2.38
C ASN C 73 27.67 1.65 -2.01
N GLY C 74 28.26 0.46 -2.07
CA GLY C 74 27.55 -0.73 -1.65
C GLY C 74 26.71 -1.41 -2.72
N VAL C 75 26.59 -0.79 -3.90
CA VAL C 75 25.84 -1.39 -4.99
C VAL C 75 26.76 -2.19 -5.91
N PRO C 76 26.47 -3.49 -6.12
CA PRO C 76 27.32 -4.27 -7.04
C PRO C 76 27.23 -3.66 -8.43
N ALA C 77 28.37 -3.53 -9.11
CA ALA C 77 28.45 -2.85 -10.39
C ALA C 77 29.54 -3.43 -11.28
N GLU C 78 29.56 -2.98 -12.53
CA GLU C 78 30.53 -3.48 -13.50
C GLU C 78 30.96 -2.38 -14.48
N TRP C 79 32.24 -2.05 -14.50
CA TRP C 79 32.76 -1.16 -15.55
C TRP C 79 32.78 -1.99 -16.83
N ILE C 80 32.31 -1.40 -17.93
CA ILE C 80 32.39 -2.04 -19.23
C ILE C 80 32.88 -1.01 -20.25
N TYR C 81 33.98 -1.30 -20.92
CA TYR C 81 34.50 -0.34 -21.90
C TYR C 81 35.36 -0.96 -22.98
N ALA C 82 35.39 -0.29 -24.13
CA ALA C 82 36.15 -0.74 -25.27
C ALA C 82 37.46 0.05 -25.36
N PRO C 83 38.40 -0.42 -26.19
CA PRO C 83 39.66 0.31 -26.34
C PRO C 83 39.42 1.77 -26.72
N GLY C 84 40.24 2.66 -26.18
CA GLY C 84 40.18 4.07 -26.52
C GLY C 84 39.07 4.82 -25.81
N ALA C 85 38.46 4.19 -24.82
CA ALA C 85 37.39 4.82 -24.07
C ALA C 85 37.89 6.01 -23.28
N ARG C 86 37.03 7.01 -23.12
CA ARG C 86 37.32 8.13 -22.23
C ARG C 86 36.96 7.77 -20.81
N ASP C 87 37.99 7.68 -19.97
CA ASP C 87 37.81 7.25 -18.59
C ASP C 87 37.09 8.31 -17.74
N ASP C 88 36.88 9.49 -18.30
CA ASP C 88 36.17 10.53 -17.56
C ASP C 88 34.71 10.69 -18.01
N GLN C 89 34.30 9.93 -19.02
CA GLN C 89 32.90 9.94 -19.44
C GLN C 89 32.22 8.65 -19.01
N VAL C 90 31.07 8.78 -18.35
CA VAL C 90 30.40 7.62 -17.76
C VAL C 90 28.92 7.57 -18.10
N PHE C 91 28.52 6.43 -18.67
CA PHE C 91 27.12 6.11 -18.92
C PHE C 91 26.71 5.17 -17.79
N LEU C 92 25.94 5.68 -16.84
CA LEU C 92 25.49 4.90 -15.67
C LEU C 92 24.23 4.18 -16.10
N TYR C 93 24.29 2.85 -16.17
CA TYR C 93 23.25 2.12 -16.88
C TYR C 93 22.38 1.25 -15.97
N LEU C 94 21.09 1.30 -16.22
CA LEU C 94 20.08 0.62 -15.43
C LEU C 94 19.34 -0.43 -16.26
N HIS C 95 19.61 -1.71 -16.03
CA HIS C 95 19.05 -2.76 -16.88
C HIS C 95 17.56 -2.98 -16.66
N GLY C 96 16.92 -3.58 -17.66
CA GLY C 96 15.50 -3.92 -17.61
C GLY C 96 15.29 -5.33 -17.08
N GLY C 97 14.03 -5.76 -17.04
CA GLY C 97 13.66 -6.99 -16.36
C GLY C 97 12.53 -6.81 -15.36
N GLY C 98 11.77 -5.73 -15.50
CA GLY C 98 10.61 -5.50 -14.64
C GLY C 98 10.93 -5.28 -13.16
N TYR C 99 12.18 -4.92 -12.88
CA TYR C 99 12.71 -4.76 -11.52
C TYR C 99 12.82 -6.09 -10.78
N VAL C 100 12.71 -7.20 -11.52
CA VAL C 100 12.64 -8.53 -10.93
C VAL C 100 13.70 -9.47 -11.52
N ILE C 101 13.96 -9.33 -12.82
CA ILE C 101 15.00 -10.14 -13.45
C ILE C 101 16.03 -9.27 -14.16
N GLY C 102 17.01 -9.89 -14.80
CA GLY C 102 18.05 -9.14 -15.52
C GLY C 102 19.27 -8.89 -14.65
N SER C 103 20.40 -8.60 -15.31
CA SER C 103 21.66 -8.35 -14.63
C SER C 103 22.69 -8.00 -15.68
N MET C 104 23.96 -7.84 -15.29
CA MET C 104 24.99 -7.57 -16.29
C MET C 104 25.12 -8.79 -17.19
N ARG C 105 24.66 -9.93 -16.70
CA ARG C 105 24.81 -11.13 -17.49
C ARG C 105 23.94 -11.01 -18.73
N THR C 106 22.77 -10.41 -18.60
CA THR C 106 21.89 -10.21 -19.75
C THR C 106 22.23 -8.98 -20.58
N HIS C 107 22.86 -7.98 -19.96
CA HIS C 107 22.96 -6.67 -20.59
C HIS C 107 24.37 -6.25 -21.03
N ARG C 108 25.41 -6.97 -20.61
CA ARG C 108 26.77 -6.46 -20.81
C ARG C 108 27.19 -6.37 -22.27
N VAL C 109 26.72 -7.30 -23.10
CA VAL C 109 27.05 -7.23 -24.53
C VAL C 109 26.48 -5.98 -25.16
N MET C 110 25.19 -5.72 -24.96
CA MET C 110 24.59 -4.48 -25.47
C MET C 110 25.31 -3.24 -24.94
N LEU C 111 25.64 -3.24 -23.65
CA LEU C 111 26.32 -2.08 -23.08
C LEU C 111 27.71 -1.90 -23.70
N SER C 112 28.40 -3.00 -23.99
CA SER C 112 29.72 -2.91 -24.63
C SER C 112 29.62 -2.24 -26.02
N HIS C 113 28.51 -2.49 -26.71
CA HIS C 113 28.29 -1.85 -28.02
C HIS C 113 28.03 -0.35 -27.86
N ILE C 114 27.25 0.01 -26.84
CA ILE C 114 26.99 1.42 -26.58
C ILE C 114 28.30 2.10 -26.20
N ALA C 115 29.07 1.45 -25.34
CA ALA C 115 30.34 1.99 -24.88
C ALA C 115 31.26 2.31 -26.06
N ARG C 116 31.38 1.37 -26.99
CA ARG C 116 32.26 1.54 -28.14
C ARG C 116 31.72 2.63 -29.05
N ALA C 117 30.41 2.63 -29.26
CA ALA C 117 29.79 3.67 -30.08
C ALA C 117 29.96 5.09 -29.50
N ALA C 118 29.82 5.22 -28.19
CA ALA C 118 29.89 6.54 -27.57
C ALA C 118 31.32 6.94 -27.26
N GLY C 119 32.21 5.94 -27.24
CA GLY C 119 33.58 6.16 -26.83
C GLY C 119 33.72 6.46 -25.34
N CYS C 120 32.78 6.00 -24.53
CA CYS C 120 32.82 6.27 -23.09
C CYS C 120 32.92 4.98 -22.27
N ARG C 121 32.98 5.12 -20.95
CA ARG C 121 32.86 3.96 -20.08
C ARG C 121 31.40 3.75 -19.71
N VAL C 122 30.99 2.49 -19.57
CA VAL C 122 29.68 2.19 -19.02
C VAL C 122 29.82 1.67 -17.59
N LEU C 123 29.06 2.23 -16.67
CA LEU C 123 28.96 1.66 -15.32
C LEU C 123 27.57 1.03 -15.17
N GLY C 124 27.50 -0.30 -15.26
CA GLY C 124 26.23 -1.00 -15.19
C GLY C 124 25.97 -1.49 -13.78
N LEU C 125 24.78 -1.21 -13.25
CA LEU C 125 24.45 -1.54 -11.88
C LEU C 125 23.69 -2.85 -11.78
N ASP C 126 24.19 -3.78 -10.98
CA ASP C 126 23.37 -4.91 -10.60
C ASP C 126 22.58 -4.51 -9.36
N TYR C 127 21.59 -3.65 -9.55
CA TYR C 127 20.85 -3.05 -8.43
C TYR C 127 19.92 -4.09 -7.80
N ARG C 128 19.42 -3.79 -6.61
CA ARG C 128 18.55 -4.72 -5.88
C ARG C 128 17.23 -5.03 -6.59
N LEU C 129 16.88 -6.31 -6.62
CA LEU C 129 15.69 -6.74 -7.35
C LEU C 129 14.58 -7.18 -6.42
N ALA C 130 13.34 -7.02 -6.87
CA ALA C 130 12.20 -7.65 -6.20
C ALA C 130 12.09 -9.12 -6.66
N PRO C 131 11.39 -9.97 -5.89
CA PRO C 131 10.65 -9.63 -4.68
C PRO C 131 11.52 -9.47 -3.44
N GLU C 132 12.79 -9.85 -3.49
CA GLU C 132 13.62 -9.86 -2.30
C GLU C 132 13.68 -8.48 -1.63
N THR C 133 13.89 -7.46 -2.45
CA THR C 133 13.92 -6.09 -1.99
C THR C 133 13.09 -5.28 -2.98
N PRO C 134 11.94 -4.78 -2.52
CA PRO C 134 10.94 -4.11 -3.36
C PRO C 134 11.25 -2.64 -3.58
N PHE C 135 10.38 -2.01 -4.38
CA PHE C 135 10.34 -0.57 -4.57
C PHE C 135 10.38 0.09 -3.19
N PRO C 136 11.16 1.18 -3.04
CA PRO C 136 11.97 1.90 -4.04
C PRO C 136 13.49 1.57 -4.02
N ALA C 137 13.87 0.35 -3.67
CA ALA C 137 15.29 0.01 -3.61
C ALA C 137 16.14 0.42 -4.82
N PRO C 138 15.62 0.17 -6.05
CA PRO C 138 16.47 0.50 -7.20
C PRO C 138 16.73 2.00 -7.33
N VAL C 139 15.77 2.81 -6.92
CA VAL C 139 15.96 4.25 -6.95
C VAL C 139 17.05 4.60 -5.95
N GLU C 140 16.96 4.03 -4.75
CA GLU C 140 18.03 4.24 -3.76
C GLU C 140 19.39 3.86 -4.32
N ASP C 141 19.45 2.72 -5.03
CA ASP C 141 20.71 2.23 -5.56
C ASP C 141 21.30 3.13 -6.61
N THR C 142 20.44 3.63 -7.50
CA THR C 142 20.89 4.52 -8.55
C THR C 142 21.49 5.77 -7.93
N VAL C 143 20.77 6.35 -6.97
CA VAL C 143 21.27 7.52 -6.25
C VAL C 143 22.62 7.24 -5.59
N ALA C 144 22.74 6.10 -4.91
CA ALA C 144 24.00 5.77 -4.25
C ALA C 144 25.15 5.72 -5.24
N ALA C 145 24.91 5.09 -6.40
CA ALA C 145 25.93 4.95 -7.43
C ALA C 145 26.34 6.31 -8.01
N TYR C 146 25.34 7.14 -8.28
CA TYR C 146 25.59 8.49 -8.80
C TYR C 146 26.39 9.29 -7.78
N ARG C 147 25.96 9.22 -6.51
CA ARG C 147 26.73 9.88 -5.46
C ARG C 147 28.18 9.38 -5.41
N TRP C 148 28.37 8.09 -5.67
CA TRP C 148 29.72 7.52 -5.73
C TRP C 148 30.53 8.20 -6.83
N LEU C 149 29.92 8.38 -8.00
CA LEU C 149 30.66 8.99 -9.11
C LEU C 149 31.08 10.42 -8.73
N LEU C 150 30.17 11.17 -8.13
CA LEU C 150 30.49 12.54 -7.76
C LEU C 150 31.61 12.57 -6.74
N ALA C 151 31.51 11.68 -5.76
CA ALA C 151 32.53 11.60 -4.71
C ALA C 151 33.89 11.22 -5.28
N HIS C 152 33.90 10.54 -6.42
CA HIS C 152 35.17 10.09 -6.99
C HIS C 152 35.68 10.98 -8.12
N GLY C 153 35.24 12.22 -8.11
CA GLY C 153 35.76 13.22 -9.03
C GLY C 153 35.19 13.21 -10.44
N TYR C 154 34.14 12.44 -10.69
CA TYR C 154 33.53 12.47 -12.02
C TYR C 154 32.63 13.70 -12.11
N ASP C 155 32.61 14.33 -13.27
CA ASP C 155 31.88 15.58 -13.47
C ASP C 155 30.45 15.32 -13.93
N PRO C 156 29.48 15.96 -13.28
CA PRO C 156 28.08 15.83 -13.69
C PRO C 156 27.88 16.01 -15.20
N SER C 157 28.62 16.93 -15.82
N SER C 157 28.62 16.92 -15.83
CA SER C 157 28.45 17.22 -17.24
CA SER C 157 28.42 17.20 -17.25
C SER C 157 28.99 16.11 -18.13
C SER C 157 29.00 16.11 -18.15
N ARG C 158 29.71 15.17 -17.53
CA ARG C 158 30.29 14.05 -18.27
C ARG C 158 29.64 12.71 -17.87
N ILE C 159 28.50 12.79 -17.21
CA ILE C 159 27.76 11.59 -16.82
C ILE C 159 26.37 11.59 -17.44
N ALA C 160 25.96 10.46 -18.03
CA ALA C 160 24.59 10.27 -18.47
C ALA C 160 24.00 9.01 -17.86
N LEU C 161 22.69 9.02 -17.61
CA LEU C 161 21.98 7.83 -17.11
C LEU C 161 21.26 7.18 -18.26
N GLY C 162 21.31 5.85 -18.34
CA GLY C 162 20.60 5.11 -19.37
C GLY C 162 19.91 3.90 -18.76
N GLY C 163 18.85 3.44 -19.38
CA GLY C 163 18.18 2.22 -18.94
C GLY C 163 17.18 1.73 -19.97
N ASP C 164 16.83 0.44 -19.91
CA ASP C 164 15.81 -0.11 -20.77
C ASP C 164 14.66 -0.69 -19.93
N SER C 165 13.44 -0.60 -20.46
CA SER C 165 12.24 -1.11 -19.80
C SER C 165 12.13 -0.57 -18.37
N ALA C 166 12.03 -1.43 -17.38
CA ALA C 166 12.08 -0.97 -15.97
C ALA C 166 13.19 0.06 -15.76
N GLY C 167 14.36 -0.22 -16.32
CA GLY C 167 15.51 0.69 -16.28
C GLY C 167 15.25 2.04 -16.92
N GLY C 168 14.50 2.06 -18.01
CA GLY C 168 14.18 3.31 -18.67
C GLY C 168 13.35 4.18 -17.74
N GLY C 169 12.37 3.57 -17.08
CA GLY C 169 11.56 4.26 -16.09
C GLY C 169 12.41 4.71 -14.91
N LEU C 170 13.30 3.83 -14.48
CA LEU C 170 14.22 4.13 -13.37
C LEU C 170 15.10 5.33 -13.68
N VAL C 171 15.55 5.43 -14.92
CA VAL C 171 16.34 6.61 -15.30
C VAL C 171 15.57 7.88 -14.92
N VAL C 172 14.28 7.90 -15.28
CA VAL C 172 13.45 9.09 -15.03
C VAL C 172 13.24 9.33 -13.53
N ALA C 173 12.81 8.28 -12.82
CA ALA C 173 12.60 8.37 -11.38
C ALA C 173 13.87 8.83 -10.67
N ALA C 174 15.00 8.31 -11.10
CA ALA C 174 16.26 8.63 -10.43
C ALA C 174 16.65 10.08 -10.66
N LEU C 175 16.42 10.57 -11.87
CA LEU C 175 16.71 11.96 -12.20
C LEU C 175 15.82 12.87 -11.35
N VAL C 176 14.55 12.49 -11.21
CA VAL C 176 13.64 13.24 -10.36
C VAL C 176 14.11 13.20 -8.90
N ALA C 177 14.42 12.01 -8.40
CA ALA C 177 14.95 11.88 -7.04
C ALA C 177 16.19 12.76 -6.82
N LEU C 178 17.17 12.64 -7.70
CA LEU C 178 18.36 13.49 -7.61
C LEU C 178 18.03 14.99 -7.48
N ARG C 179 17.10 15.49 -8.30
CA ARG C 179 16.73 16.91 -8.20
C ARG C 179 16.09 17.20 -6.85
N TYR C 180 15.19 16.32 -6.41
CA TYR C 180 14.53 16.48 -5.12
C TYR C 180 15.50 16.51 -3.93
N ILE C 181 16.61 15.77 -4.00
CA ILE C 181 17.60 15.81 -2.92
C ILE C 181 18.80 16.71 -3.23
N GLY C 182 18.63 17.61 -4.18
CA GLY C 182 19.61 18.66 -4.43
C GLY C 182 20.95 18.29 -5.03
N GLU C 183 21.07 17.10 -5.62
CA GLU C 183 22.32 16.69 -6.26
C GLU C 183 22.43 17.36 -7.61
N PRO C 184 23.66 17.70 -8.03
CA PRO C 184 23.81 18.29 -9.35
C PRO C 184 23.46 17.25 -10.41
N LEU C 185 22.61 17.63 -11.35
CA LEU C 185 22.07 16.65 -12.28
C LEU C 185 23.04 16.30 -13.39
N PRO C 186 22.93 15.07 -13.91
CA PRO C 186 23.74 14.54 -15.02
C PRO C 186 23.44 15.28 -16.30
N ALA C 187 24.24 15.05 -17.33
CA ALA C 187 24.09 15.75 -18.60
C ALA C 187 22.87 15.29 -19.41
N ALA C 188 22.42 14.07 -19.18
CA ALA C 188 21.42 13.48 -20.09
C ALA C 188 20.86 12.17 -19.58
N GLY C 189 19.72 11.77 -20.14
CA GLY C 189 19.15 10.45 -19.88
C GLY C 189 18.79 9.76 -21.19
N VAL C 190 18.98 8.45 -21.22
CA VAL C 190 18.59 7.62 -22.38
C VAL C 190 17.61 6.55 -21.92
N CYS C 191 16.44 6.50 -22.56
CA CYS C 191 15.37 5.59 -22.17
C CYS C 191 14.98 4.64 -23.30
N LEU C 192 15.37 3.38 -23.19
CA LEU C 192 15.07 2.39 -24.24
C LEU C 192 13.84 1.58 -23.83
N SER C 193 12.75 1.73 -24.57
CA SER C 193 11.47 1.08 -24.24
C SER C 193 11.09 1.24 -22.78
N PRO C 194 11.05 2.50 -22.27
CA PRO C 194 10.86 2.72 -20.83
C PRO C 194 9.48 2.25 -20.33
N TRP C 195 9.45 1.71 -19.13
CA TRP C 195 8.21 1.36 -18.45
C TRP C 195 7.95 2.42 -17.35
N ILE C 196 6.98 3.30 -17.57
CA ILE C 196 6.75 4.40 -16.62
C ILE C 196 5.41 4.33 -15.93
N ASP C 197 4.68 3.24 -16.12
CA ASP C 197 3.33 3.14 -15.60
C ASP C 197 3.05 1.73 -15.08
N MET C 198 3.06 1.59 -13.76
CA MET C 198 2.85 0.31 -13.11
C MET C 198 1.51 -0.36 -13.49
N GLU C 199 0.55 0.44 -13.93
CA GLU C 199 -0.79 -0.09 -14.15
C GLU C 199 -1.05 -0.46 -15.59
N ALA C 200 -0.05 -0.25 -16.45
CA ALA C 200 -0.12 -0.60 -17.86
C ALA C 200 -1.41 -0.08 -18.54
N THR C 201 -1.66 1.22 -18.41
CA THR C 201 -2.89 1.81 -18.92
C THR C 201 -2.79 2.29 -20.36
N GLY C 202 -1.58 2.33 -20.91
CA GLY C 202 -1.39 2.79 -22.26
C GLY C 202 -2.21 2.00 -23.27
N GLU C 203 -2.78 2.69 -24.25
CA GLU C 203 -3.67 2.04 -25.22
C GLU C 203 -2.97 0.97 -26.04
N SER C 204 -1.67 1.14 -26.25
CA SER C 204 -0.87 0.17 -26.98
C SER C 204 -0.88 -1.20 -26.31
N PHE C 205 -1.17 -1.25 -25.02
CA PHE C 205 -1.29 -2.55 -24.36
C PHE C 205 -2.46 -3.33 -24.93
N THR C 206 -3.41 -2.62 -25.52
CA THR C 206 -4.51 -3.24 -26.23
C THR C 206 -4.21 -3.34 -27.71
N THR C 207 -3.90 -2.21 -28.34
CA THR C 207 -3.74 -2.20 -29.79
C THR C 207 -2.57 -3.04 -30.30
N ASN C 208 -1.49 -3.13 -29.52
CA ASN C 208 -0.31 -3.89 -29.94
C ASN C 208 -0.20 -5.26 -29.30
N ALA C 209 -1.27 -5.68 -28.66
CA ALA C 209 -1.23 -6.92 -27.90
C ALA C 209 -0.85 -8.15 -28.73
N THR C 210 -1.36 -8.24 -29.96
CA THR C 210 -1.01 -9.37 -30.80
C THR C 210 0.26 -9.13 -31.62
N MET C 211 0.80 -7.92 -31.54
CA MET C 211 1.98 -7.55 -32.33
C MET C 211 3.29 -7.74 -31.55
N ASP C 212 3.20 -7.66 -30.23
CA ASP C 212 4.36 -7.67 -29.35
C ASP C 212 4.70 -9.09 -28.93
N PRO C 213 5.86 -9.60 -29.35
CA PRO C 213 6.21 -11.00 -29.07
C PRO C 213 6.74 -11.26 -27.65
N SER C 214 6.93 -10.21 -26.84
CA SER C 214 7.60 -10.42 -25.54
C SER C 214 6.97 -9.72 -24.33
N VAL C 215 6.22 -8.66 -24.55
CA VAL C 215 5.59 -7.98 -23.42
C VAL C 215 4.07 -7.94 -23.55
N ASN C 216 3.36 -8.26 -22.47
CA ASN C 216 1.90 -8.13 -22.47
C ASN C 216 1.38 -7.57 -21.15
N LYS C 217 0.12 -7.16 -21.15
CA LYS C 217 -0.42 -6.43 -20.00
C LYS C 217 -0.46 -7.34 -18.75
N GLU C 218 -0.78 -8.62 -18.93
CA GLU C 218 -0.88 -9.49 -17.77
C GLU C 218 0.49 -9.71 -17.10
N ARG C 219 1.52 -9.84 -17.93
CA ARG C 219 2.89 -9.98 -17.42
C ARG C 219 3.32 -8.73 -16.66
N VAL C 220 3.01 -7.57 -17.21
CA VAL C 220 3.45 -6.31 -16.62
C VAL C 220 2.78 -6.09 -15.29
N MET C 221 1.50 -6.43 -15.21
CA MET C 221 0.80 -6.21 -13.97
C MET C 221 1.26 -7.18 -12.89
N SER C 222 1.54 -8.44 -13.27
CA SER C 222 2.08 -9.42 -12.32
C SER C 222 3.42 -8.96 -11.74
N ILE C 223 4.28 -8.47 -12.62
CA ILE C 223 5.58 -8.01 -12.23
C ILE C 223 5.49 -6.75 -11.38
N ALA C 224 4.60 -5.84 -11.75
CA ALA C 224 4.43 -4.61 -10.98
C ALA C 224 4.05 -4.92 -9.53
N ALA C 225 3.20 -5.91 -9.34
CA ALA C 225 2.76 -6.25 -8.01
C ALA C 225 3.94 -6.80 -7.19
N LEU C 226 4.81 -7.57 -7.84
CA LEU C 226 6.02 -8.04 -7.20
C LEU C 226 6.93 -6.89 -6.78
N TYR C 227 7.11 -5.92 -7.66
CA TYR C 227 8.00 -4.79 -7.39
C TYR C 227 7.45 -3.88 -6.27
N LEU C 228 6.16 -3.62 -6.33
CA LEU C 228 5.57 -2.61 -5.46
C LEU C 228 5.51 -3.04 -4.00
N GLY C 229 5.47 -4.35 -3.75
CA GLY C 229 5.39 -4.86 -2.40
C GLY C 229 4.29 -4.19 -1.61
N GLY C 230 3.16 -3.94 -2.26
CA GLY C 230 2.00 -3.41 -1.59
C GLY C 230 1.90 -1.90 -1.58
N LYS C 231 2.91 -1.23 -2.14
CA LYS C 231 2.91 0.23 -2.18
C LYS C 231 2.01 0.72 -3.31
N ASN C 232 1.65 2.00 -3.24
CA ASN C 232 0.74 2.60 -4.22
C ASN C 232 1.28 2.52 -5.65
N PRO C 233 0.51 1.89 -6.56
CA PRO C 233 0.99 1.65 -7.93
C PRO C 233 1.21 2.96 -8.68
N GLN C 234 0.61 4.04 -8.21
CA GLN C 234 0.76 5.32 -8.90
C GLN C 234 1.81 6.22 -8.24
N ALA C 235 2.57 5.66 -7.29
CA ALA C 235 3.68 6.41 -6.69
C ALA C 235 4.63 6.96 -7.77
N PRO C 236 4.88 8.29 -7.75
CA PRO C 236 5.71 8.94 -8.78
C PRO C 236 7.06 8.28 -9.08
N LEU C 237 7.72 7.69 -8.08
CA LEU C 237 9.03 7.08 -8.33
C LEU C 237 8.95 5.66 -8.89
N ALA C 238 7.78 5.04 -8.79
CA ALA C 238 7.55 3.73 -9.41
C ALA C 238 6.92 3.93 -10.78
N SER C 239 6.00 4.89 -10.85
CA SER C 239 5.33 5.27 -12.11
C SER C 239 5.59 6.75 -12.43
N PRO C 240 6.76 7.06 -13.01
CA PRO C 240 7.09 8.46 -13.30
C PRO C 240 6.08 9.14 -14.22
N LEU C 241 5.16 8.37 -14.80
CA LEU C 241 4.00 8.96 -15.46
C LEU C 241 3.37 10.04 -14.58
N TYR C 242 3.57 9.92 -13.26
CA TYR C 242 2.96 10.84 -12.30
C TYR C 242 3.99 11.75 -11.62
N ALA C 243 5.24 11.68 -12.05
CA ALA C 243 6.30 12.45 -11.38
C ALA C 243 6.43 13.87 -11.93
N ASP C 244 6.91 14.77 -11.08
CA ASP C 244 7.28 16.13 -11.48
C ASP C 244 8.55 16.06 -12.31
N LEU C 245 8.46 16.37 -13.60
CA LEU C 245 9.60 16.19 -14.51
C LEU C 245 10.40 17.47 -14.77
N GLN C 246 10.03 18.54 -14.07
CA GLN C 246 10.71 19.82 -14.22
C GLN C 246 12.20 19.71 -13.93
N GLY C 247 13.00 20.41 -14.72
CA GLY C 247 14.43 20.50 -14.46
C GLY C 247 15.30 19.36 -14.98
N LEU C 248 14.69 18.33 -15.57
CA LEU C 248 15.48 17.21 -16.06
C LEU C 248 16.31 17.61 -17.27
N PRO C 249 17.46 16.95 -17.45
CA PRO C 249 18.33 17.23 -18.59
C PRO C 249 17.78 16.53 -19.85
N PRO C 250 18.42 16.75 -21.00
CA PRO C 250 17.89 16.22 -22.27
C PRO C 250 17.68 14.70 -22.27
N LEU C 251 16.58 14.24 -22.84
CA LEU C 251 16.29 12.81 -22.91
C LEU C 251 16.24 12.29 -24.34
N LEU C 252 16.83 11.12 -24.58
CA LEU C 252 16.61 10.38 -25.83
C LEU C 252 15.76 9.16 -25.49
N VAL C 253 14.60 9.04 -26.15
CA VAL C 253 13.72 7.91 -25.94
C VAL C 253 13.59 7.11 -27.24
N GLN C 254 13.95 5.83 -27.19
CA GLN C 254 13.73 4.92 -28.32
C GLN C 254 12.74 3.84 -27.92
N VAL C 255 11.89 3.43 -28.85
CA VAL C 255 10.91 2.39 -28.59
C VAL C 255 10.52 1.73 -29.93
N GLY C 256 10.01 0.51 -29.88
CA GLY C 256 9.64 -0.20 -31.09
C GLY C 256 8.18 0.00 -31.47
N GLY C 257 7.90 0.05 -32.77
CA GLY C 257 6.55 0.31 -33.25
C GLY C 257 5.51 -0.75 -32.92
N ILE C 258 5.94 -1.97 -32.64
CA ILE C 258 4.99 -3.04 -32.33
C ILE C 258 4.85 -3.27 -30.82
N GLU C 259 5.49 -2.43 -30.02
CA GLU C 259 5.53 -2.62 -28.57
C GLU C 259 4.24 -2.25 -27.86
N THR C 260 3.81 -3.09 -26.91
CA THR C 260 2.74 -2.70 -26.01
C THR C 260 3.17 -1.52 -25.13
N LEU C 261 4.48 -1.36 -24.95
CA LEU C 261 5.01 -0.23 -24.17
C LEU C 261 5.11 1.06 -24.98
N LEU C 262 4.65 1.01 -26.22
CA LEU C 262 4.75 2.17 -27.12
C LEU C 262 4.18 3.46 -26.54
N ASP C 263 2.99 3.37 -25.95
CA ASP C 263 2.37 4.54 -25.34
C ASP C 263 3.04 5.02 -24.04
N ASP C 264 3.80 4.17 -23.36
CA ASP C 264 4.62 4.64 -22.25
C ASP C 264 5.69 5.60 -22.78
N ALA C 265 6.34 5.21 -23.88
CA ALA C 265 7.39 6.06 -24.46
C ALA C 265 6.82 7.39 -24.95
N ARG C 266 5.62 7.34 -25.53
CA ARG C 266 4.99 8.56 -26.03
C ARG C 266 4.58 9.47 -24.86
N ALA C 267 3.97 8.88 -23.84
CA ALA C 267 3.52 9.65 -22.67
C ALA C 267 4.71 10.31 -21.97
N LEU C 268 5.82 9.59 -21.89
CA LEU C 268 6.98 10.14 -21.19
C LEU C 268 7.50 11.35 -21.95
N THR C 269 7.58 11.20 -23.26
CA THR C 269 8.11 12.26 -24.12
C THR C 269 7.21 13.49 -24.05
N THR C 270 5.91 13.25 -24.08
CA THR C 270 4.95 14.34 -24.06
C THR C 270 4.94 15.05 -22.69
N ARG C 271 5.05 14.28 -21.61
CA ARG C 271 5.06 14.84 -20.26
C ARG C 271 6.34 15.62 -20.02
N ALA C 272 7.45 15.09 -20.54
CA ALA C 272 8.75 15.75 -20.40
C ALA C 272 8.72 17.11 -21.12
N LYS C 273 8.33 17.10 -22.39
CA LYS C 273 8.25 18.36 -23.14
C LYS C 273 7.38 19.39 -22.43
N ALA C 274 6.24 18.94 -21.89
CA ALA C 274 5.32 19.84 -21.20
C ALA C 274 5.95 20.45 -19.94
N ALA C 275 6.94 19.75 -19.39
CA ALA C 275 7.65 20.21 -18.21
C ALA C 275 8.90 21.05 -18.57
N GLY C 276 9.10 21.29 -19.86
CA GLY C 276 10.21 22.10 -20.32
C GLY C 276 11.49 21.32 -20.62
N VAL C 277 11.39 19.99 -20.60
CA VAL C 277 12.56 19.15 -20.81
C VAL C 277 12.74 18.92 -22.30
N ASP C 278 13.99 18.95 -22.73
CA ASP C 278 14.35 18.66 -24.11
C ASP C 278 14.32 17.14 -24.34
N ALA C 279 13.21 16.63 -24.84
CA ALA C 279 13.08 15.18 -25.02
C ALA C 279 12.83 14.87 -26.48
N ASP C 280 13.45 13.80 -26.96
CA ASP C 280 13.26 13.39 -28.35
C ASP C 280 12.88 11.93 -28.42
N LEU C 281 11.81 11.64 -29.14
CA LEU C 281 11.32 10.29 -29.28
C LEU C 281 11.60 9.72 -30.67
N GLU C 282 12.13 8.51 -30.71
CA GLU C 282 12.28 7.75 -31.96
C GLU C 282 11.48 6.48 -31.86
N VAL C 283 10.48 6.32 -32.73
CA VAL C 283 9.77 5.07 -32.81
C VAL C 283 10.30 4.27 -34.00
N TRP C 284 10.87 3.10 -33.73
CA TRP C 284 11.48 2.29 -34.80
C TRP C 284 10.51 1.24 -35.30
N ASP C 285 10.02 1.41 -36.53
CA ASP C 285 9.03 0.49 -37.07
C ASP C 285 9.49 -0.98 -37.01
N ASP C 286 8.55 -1.85 -36.65
CA ASP C 286 8.72 -3.31 -36.69
C ASP C 286 9.62 -3.87 -35.60
N MET C 287 10.19 -3.02 -34.74
CA MET C 287 11.15 -3.51 -33.75
C MET C 287 10.46 -3.98 -32.47
N PRO C 288 10.94 -5.11 -31.93
CA PRO C 288 10.44 -5.65 -30.69
C PRO C 288 11.11 -4.96 -29.51
N HIS C 289 10.59 -5.21 -28.32
CA HIS C 289 11.09 -4.66 -27.06
C HIS C 289 12.60 -4.77 -26.92
N VAL C 290 13.25 -3.63 -26.71
CA VAL C 290 14.71 -3.55 -26.55
C VAL C 290 15.44 -4.42 -27.59
N TRP C 291 15.14 -4.17 -28.85
CA TRP C 291 15.79 -4.87 -29.96
C TRP C 291 17.28 -4.58 -29.98
N GLN C 292 17.71 -3.52 -29.28
CA GLN C 292 19.13 -3.18 -29.20
C GLN C 292 20.01 -4.33 -28.63
N HIS C 293 19.42 -5.23 -27.85
CA HIS C 293 20.15 -6.37 -27.30
C HIS C 293 20.75 -7.18 -28.44
N PHE C 294 20.07 -7.19 -29.57
CA PHE C 294 20.44 -8.10 -30.65
C PHE C 294 21.34 -7.43 -31.69
N ALA C 295 21.85 -6.26 -31.35
CA ALA C 295 22.79 -5.56 -32.25
C ALA C 295 23.81 -6.46 -32.98
N PRO C 296 24.40 -7.44 -32.28
CA PRO C 296 25.38 -8.33 -32.93
C PRO C 296 24.83 -9.04 -34.17
N ILE C 297 23.53 -9.32 -34.22
CA ILE C 297 22.95 -10.04 -35.34
C ILE C 297 21.86 -9.25 -36.08
N LEU C 298 21.60 -8.02 -35.64
CA LEU C 298 20.50 -7.24 -36.18
C LEU C 298 20.93 -5.81 -36.58
N PRO C 299 20.91 -5.52 -37.89
CA PRO C 299 21.27 -4.19 -38.39
C PRO C 299 20.57 -3.03 -37.67
N GLU C 300 19.28 -3.17 -37.38
CA GLU C 300 18.54 -2.10 -36.69
C GLU C 300 19.01 -1.93 -35.25
N GLY C 301 19.60 -3.00 -34.72
CA GLY C 301 20.19 -2.95 -33.39
C GLY C 301 21.42 -2.09 -33.43
N LYS C 302 22.29 -2.36 -34.39
CA LYS C 302 23.48 -1.54 -34.58
C LYS C 302 23.14 -0.07 -34.86
N GLN C 303 22.13 0.16 -35.69
CA GLN C 303 21.76 1.52 -36.07
C GLN C 303 21.27 2.30 -34.85
N ALA C 304 20.40 1.67 -34.06
CA ALA C 304 19.81 2.34 -32.89
C ALA C 304 20.90 2.65 -31.87
N ILE C 305 21.85 1.74 -31.74
CA ILE C 305 22.97 1.96 -30.83
C ILE C 305 23.89 3.08 -31.35
N ALA C 306 24.15 3.10 -32.65
CA ALA C 306 24.92 4.20 -33.24
C ALA C 306 24.27 5.54 -32.90
N ARG C 307 22.94 5.55 -32.86
CA ARG C 307 22.19 6.77 -32.59
C ARG C 307 22.33 7.16 -31.10
N ILE C 308 22.30 6.16 -30.24
CA ILE C 308 22.56 6.38 -28.81
C ILE C 308 23.95 6.96 -28.64
N GLY C 309 24.93 6.36 -29.32
CA GLY C 309 26.31 6.83 -29.26
C GLY C 309 26.52 8.27 -29.71
N GLU C 310 25.86 8.65 -30.79
CA GLU C 310 25.88 10.05 -31.26
C GLU C 310 25.31 11.00 -30.22
N PHE C 311 24.18 10.63 -29.63
CA PHE C 311 23.53 11.44 -28.61
C PHE C 311 24.43 11.62 -27.40
N LEU C 312 25.07 10.53 -26.99
CA LEU C 312 25.97 10.58 -25.84
C LEU C 312 27.21 11.45 -26.14
N ARG C 313 27.81 11.26 -27.32
CA ARG C 313 28.97 12.08 -27.68
C ARG C 313 28.62 13.56 -27.63
N LYS C 314 27.41 13.91 -28.05
CA LYS C 314 26.96 15.29 -28.00
C LYS C 314 26.80 15.80 -26.57
N GLN C 315 26.22 14.98 -25.70
CA GLN C 315 25.86 15.42 -24.36
C GLN C 315 27.00 15.32 -23.34
N ILE C 316 27.78 14.24 -23.38
CA ILE C 316 28.85 14.10 -22.40
C ILE C 316 30.23 14.14 -23.02
N GLY C 317 30.27 14.12 -24.34
CA GLY C 317 31.54 14.16 -25.06
C GLY C 317 31.89 15.57 -25.48
N MET D 21 -24.13 -52.94 -0.54
CA MET D 21 -23.27 -51.75 -0.63
C MET D 21 -22.26 -51.69 0.51
N ALA D 22 -21.22 -50.89 0.32
CA ALA D 22 -20.98 -50.25 -0.96
C ALA D 22 -19.84 -50.93 -1.72
N LYS D 23 -19.75 -50.61 -3.00
CA LYS D 23 -18.86 -51.33 -3.90
C LYS D 23 -17.46 -50.74 -3.93
N SER D 24 -16.48 -51.64 -4.04
CA SER D 24 -15.09 -51.36 -3.73
C SER D 24 -14.66 -52.61 -2.96
N PRO D 25 -13.75 -53.42 -3.54
CA PRO D 25 -13.38 -54.64 -2.83
C PRO D 25 -12.85 -54.34 -1.42
N GLU D 26 -12.10 -53.26 -1.26
CA GLU D 26 -11.54 -52.93 0.06
C GLU D 26 -12.65 -52.65 1.07
N LEU D 27 -13.64 -51.86 0.67
CA LEU D 27 -14.79 -51.58 1.55
C LEU D 27 -15.61 -52.84 1.80
N ASP D 28 -15.78 -53.67 0.78
CA ASP D 28 -16.47 -54.95 0.96
C ASP D 28 -15.78 -55.79 2.02
N ARG D 29 -14.46 -55.86 1.94
CA ARG D 29 -13.69 -56.61 2.92
C ARG D 29 -13.89 -56.06 4.35
N VAL D 30 -13.81 -54.75 4.51
CA VAL D 30 -14.02 -54.13 5.83
C VAL D 30 -15.41 -54.44 6.38
N ILE D 31 -16.44 -54.22 5.57
CA ILE D 31 -17.82 -54.50 5.98
C ILE D 31 -17.98 -55.96 6.43
N GLY D 32 -17.32 -56.88 5.72
CA GLY D 32 -17.29 -58.28 6.09
C GLY D 32 -16.72 -58.54 7.49
N MET D 33 -15.58 -57.93 7.79
CA MET D 33 -14.98 -58.06 9.13
C MET D 33 -15.95 -57.54 10.21
N ILE D 34 -16.61 -56.42 9.93
CA ILE D 34 -17.54 -55.80 10.88
C ILE D 34 -18.77 -56.69 11.08
N ARG D 35 -19.34 -57.17 9.99
CA ARG D 35 -20.52 -58.04 10.05
C ARG D 35 -20.23 -59.36 10.75
N GLU D 36 -19.03 -59.89 10.57
CA GLU D 36 -18.66 -61.12 11.27
C GLU D 36 -18.66 -60.91 12.79
N ARG D 37 -18.00 -59.86 13.24
CA ARG D 37 -18.04 -59.54 14.66
C ARG D 37 -19.49 -59.38 15.17
N ALA D 38 -20.28 -58.58 14.48
CA ALA D 38 -21.64 -58.27 14.95
C ALA D 38 -22.50 -59.53 15.07
N ALA D 39 -22.13 -60.56 14.32
CA ALA D 39 -22.92 -61.78 14.28
C ALA D 39 -22.33 -62.87 15.16
N THR D 40 -21.14 -62.64 15.72
CA THR D 40 -20.50 -63.62 16.58
C THR D 40 -21.19 -63.68 17.95
N PRO D 41 -21.65 -64.87 18.35
CA PRO D 41 -22.35 -65.07 19.63
C PRO D 41 -21.45 -64.78 20.83
N ARG D 42 -21.96 -63.99 21.78
CA ARG D 42 -21.19 -63.60 22.94
C ARG D 42 -22.05 -63.66 24.20
N LYS D 43 -21.40 -63.75 25.35
CA LYS D 43 -22.12 -63.84 26.62
C LYS D 43 -21.69 -62.77 27.62
N THR D 44 -20.39 -62.70 27.89
CA THR D 44 -19.91 -61.87 28.99
C THR D 44 -19.33 -60.54 28.50
N THR D 45 -19.19 -59.59 29.42
CA THR D 45 -18.52 -58.35 29.11
C THR D 45 -17.13 -58.62 28.55
N ASP D 46 -16.38 -59.52 29.18
CA ASP D 46 -15.04 -59.77 28.70
C ASP D 46 -15.04 -60.46 27.33
N ASP D 47 -16.07 -61.27 27.07
CA ASP D 47 -16.24 -61.85 25.73
C ASP D 47 -16.38 -60.73 24.70
N ASP D 48 -17.17 -59.71 25.03
CA ASP D 48 -17.34 -58.56 24.14
C ASP D 48 -16.02 -57.80 23.96
N ARG D 49 -15.27 -57.65 25.04
CA ARG D 49 -13.98 -57.00 24.96
C ARG D 49 -13.02 -57.78 24.03
N ARG D 50 -12.97 -59.08 24.20
CA ARG D 50 -12.07 -59.92 23.41
C ARG D 50 -12.45 -59.92 21.92
N LEU D 51 -13.74 -59.98 21.65
CA LEU D 51 -14.23 -59.99 20.26
C LEU D 51 -13.85 -58.73 19.48
N TYR D 52 -13.88 -57.59 20.15
CA TYR D 52 -13.46 -56.32 19.57
C TYR D 52 -11.97 -56.41 19.22
N GLU D 53 -11.19 -56.90 20.17
CA GLU D 53 -9.77 -57.11 19.95
C GLU D 53 -9.54 -58.07 18.77
N THR D 54 -10.37 -59.11 18.68
CA THR D 54 -10.21 -60.11 17.62
C THR D 54 -10.40 -59.47 16.26
N MET D 55 -11.44 -58.64 16.12
CA MET D 55 -11.77 -58.03 14.84
C MET D 55 -10.59 -57.21 14.30
N LEU D 56 -9.91 -56.51 15.20
CA LEU D 56 -8.90 -55.54 14.80
C LEU D 56 -7.51 -56.16 14.91
N GLY D 57 -7.46 -57.42 15.33
CA GLY D 57 -6.21 -58.06 15.68
C GLY D 57 -5.41 -58.64 14.53
N SER D 58 -5.99 -58.66 13.32
CA SER D 58 -5.27 -59.17 12.17
C SER D 58 -4.42 -58.10 11.49
N MET D 59 -4.46 -56.87 12.01
CA MET D 59 -3.69 -55.78 11.44
C MET D 59 -2.61 -55.33 12.43
N PRO D 60 -1.38 -55.84 12.25
CA PRO D 60 -0.24 -55.66 13.17
C PRO D 60 0.37 -54.25 13.18
N LEU D 61 1.06 -53.91 14.27
CA LEU D 61 1.76 -52.64 14.36
C LEU D 61 2.93 -52.65 13.41
N ASP D 62 3.13 -51.56 12.66
CA ASP D 62 4.35 -51.42 11.85
C ASP D 62 5.60 -51.60 12.71
N ASP D 63 6.62 -52.24 12.13
CA ASP D 63 7.88 -52.52 12.83
C ASP D 63 8.58 -51.29 13.39
N ASP D 64 8.38 -50.13 12.77
CA ASP D 64 9.14 -48.95 13.15
C ASP D 64 8.42 -48.09 14.18
N ILE D 65 7.26 -48.55 14.64
CA ILE D 65 6.49 -47.79 15.62
C ILE D 65 7.03 -48.01 17.04
N GLN D 66 7.28 -46.92 17.76
CA GLN D 66 7.69 -47.05 19.14
C GLN D 66 6.47 -46.97 20.05
N THR D 67 6.43 -47.81 21.08
CA THR D 67 5.39 -47.72 22.10
C THR D 67 6.00 -47.84 23.49
N GLU D 68 5.34 -47.23 24.47
CA GLU D 68 5.78 -47.31 25.87
C GLU D 68 4.58 -47.23 26.79
N ARG D 69 4.44 -48.22 27.68
CA ARG D 69 3.36 -48.20 28.67
C ARG D 69 3.82 -47.41 29.89
N LEU D 70 2.94 -46.53 30.38
CA LEU D 70 3.28 -45.76 31.58
C LEU D 70 2.01 -45.30 32.25
N GLY D 71 2.15 -44.80 33.48
CA GLY D 71 1.02 -44.23 34.18
C GLY D 71 1.12 -42.71 34.10
N VAL D 72 0.01 -42.05 33.85
CA VAL D 72 -0.03 -40.59 33.86
C VAL D 72 -1.03 -40.14 34.92
N ASN D 73 -0.52 -39.65 36.05
CA ASN D 73 -1.39 -39.33 37.17
C ASN D 73 -2.30 -40.51 37.50
N GLY D 74 -1.74 -41.71 37.47
CA GLY D 74 -2.46 -42.89 37.88
C GLY D 74 -3.29 -43.55 36.79
N VAL D 75 -3.36 -42.93 35.62
CA VAL D 75 -4.12 -43.52 34.50
C VAL D 75 -3.19 -44.34 33.62
N PRO D 76 -3.50 -45.62 33.38
CA PRO D 76 -2.66 -46.42 32.48
C PRO D 76 -2.70 -45.84 31.07
N ALA D 77 -1.54 -45.75 30.43
CA ALA D 77 -1.42 -45.07 29.15
C ALA D 77 -0.31 -45.66 28.28
N GLU D 78 -0.24 -45.19 27.04
CA GLU D 78 0.73 -45.72 26.09
C GLU D 78 1.19 -44.62 25.13
N TRP D 79 2.48 -44.30 25.13
CA TRP D 79 3.04 -43.43 24.09
C TRP D 79 3.07 -44.25 22.81
N ILE D 80 2.64 -43.65 21.71
CA ILE D 80 2.72 -44.29 20.40
C ILE D 80 3.27 -43.28 19.40
N TYR D 81 4.38 -43.60 18.75
CA TYR D 81 4.96 -42.65 17.79
C TYR D 81 5.83 -43.30 16.73
N ALA D 82 5.89 -42.64 15.59
CA ALA D 82 6.68 -43.08 14.44
C ALA D 82 8.01 -42.34 14.41
N PRO D 83 8.95 -42.82 13.59
CA PRO D 83 10.23 -42.12 13.45
C PRO D 83 10.01 -40.65 13.07
N GLY D 84 10.85 -39.77 13.62
CA GLY D 84 10.81 -38.36 13.28
C GLY D 84 9.69 -37.61 13.95
N ALA D 85 9.04 -38.24 14.93
CA ALA D 85 7.98 -37.58 15.69
C ALA D 85 8.50 -36.38 16.47
N ARG D 86 7.66 -35.36 16.60
CA ARG D 86 7.96 -34.25 17.51
C ARG D 86 7.55 -34.59 18.91
N ASP D 87 8.54 -34.69 19.79
CA ASP D 87 8.32 -35.14 21.16
C ASP D 87 7.62 -34.07 21.99
N ASP D 88 7.44 -32.89 21.44
CA ASP D 88 6.74 -31.82 22.17
C ASP D 88 5.29 -31.65 21.68
N GLN D 89 4.90 -32.40 20.67
CA GLN D 89 3.50 -32.34 20.21
C GLN D 89 2.78 -33.61 20.62
N VAL D 90 1.61 -33.46 21.24
CA VAL D 90 0.91 -34.60 21.81
C VAL D 90 -0.56 -34.63 21.44
N PHE D 91 -0.97 -35.75 20.87
CA PHE D 91 -2.37 -36.06 20.60
C PHE D 91 -2.83 -37.00 21.72
N LEU D 92 -3.58 -36.46 22.66
CA LEU D 92 -4.09 -37.22 23.82
C LEU D 92 -5.36 -37.93 23.37
N TYR D 93 -5.31 -39.25 23.29
CA TYR D 93 -6.35 -39.96 22.57
C TYR D 93 -7.27 -40.81 23.44
N LEU D 94 -8.58 -40.70 23.17
CA LEU D 94 -9.63 -41.37 23.94
C LEU D 94 -10.35 -42.42 23.07
N HIS D 95 -10.11 -43.70 23.33
CA HIS D 95 -10.66 -44.75 22.45
C HIS D 95 -12.17 -44.94 22.63
N GLY D 96 -12.80 -45.53 21.61
CA GLY D 96 -14.22 -45.82 21.66
C GLY D 96 -14.48 -47.22 22.18
N GLY D 97 -15.75 -47.63 22.21
CA GLY D 97 -16.14 -48.86 22.87
C GLY D 97 -17.30 -48.68 23.82
N GLY D 98 -18.06 -47.59 23.66
CA GLY D 98 -19.20 -47.31 24.51
C GLY D 98 -18.89 -47.10 25.99
N TYR D 99 -17.64 -46.76 26.29
CA TYR D 99 -17.16 -46.63 27.68
C TYR D 99 -17.10 -47.95 28.41
N VAL D 100 -17.20 -49.06 27.67
CA VAL D 100 -17.31 -50.40 28.27
C VAL D 100 -16.25 -51.36 27.69
N ILE D 101 -15.99 -51.23 26.39
CA ILE D 101 -14.95 -52.05 25.78
C ILE D 101 -13.89 -51.18 25.12
N GLY D 102 -12.90 -51.83 24.49
CA GLY D 102 -11.84 -51.11 23.81
C GLY D 102 -10.62 -50.88 24.68
N SER D 103 -9.47 -50.62 24.06
CA SER D 103 -8.21 -50.40 24.78
C SER D 103 -7.15 -50.08 23.75
N MET D 104 -5.89 -49.94 24.18
CA MET D 104 -4.84 -49.68 23.21
C MET D 104 -4.70 -50.91 22.29
N ARG D 105 -5.20 -52.05 22.77
CA ARG D 105 -5.03 -53.25 21.99
C ARG D 105 -5.85 -53.09 20.72
N THR D 106 -6.99 -52.44 20.84
N THR D 106 -6.98 -52.44 20.86
CA THR D 106 -7.84 -52.27 19.69
CA THR D 106 -7.90 -52.24 19.76
C THR D 106 -7.53 -51.01 18.87
C THR D 106 -7.56 -51.03 18.89
N HIS D 107 -6.92 -50.03 19.50
CA HIS D 107 -6.75 -48.74 18.85
C HIS D 107 -5.31 -48.35 18.43
N ARG D 108 -4.31 -49.11 18.85
CA ARG D 108 -2.94 -48.60 18.70
C ARG D 108 -2.47 -48.54 17.26
N VAL D 109 -2.94 -49.45 16.41
CA VAL D 109 -2.57 -49.38 14.99
C VAL D 109 -3.12 -48.12 14.33
N MET D 110 -4.41 -47.85 14.48
CA MET D 110 -4.97 -46.60 13.97
C MET D 110 -4.23 -45.37 14.54
N LEU D 111 -3.92 -45.39 15.83
CA LEU D 111 -3.24 -44.23 16.41
C LEU D 111 -1.83 -44.09 15.82
N SER D 112 -1.17 -45.20 15.55
CA SER D 112 0.17 -45.14 14.95
C SER D 112 0.12 -44.46 13.57
N HIS D 113 -0.96 -44.69 12.84
CA HIS D 113 -1.13 -44.06 11.53
C HIS D 113 -1.37 -42.55 11.68
N ILE D 114 -2.17 -42.19 12.67
CA ILE D 114 -2.41 -40.78 12.93
C ILE D 114 -1.11 -40.11 13.35
N ALA D 115 -0.35 -40.78 14.20
CA ALA D 115 0.91 -40.25 14.71
C ALA D 115 1.86 -39.94 13.57
N ARG D 116 1.98 -40.89 12.64
CA ARG D 116 2.88 -40.74 11.50
C ARG D 116 2.38 -39.62 10.59
N ALA D 117 1.08 -39.57 10.37
CA ALA D 117 0.51 -38.55 9.49
C ALA D 117 0.67 -37.14 10.06
N ALA D 118 0.50 -36.99 11.38
CA ALA D 118 0.60 -35.68 12.00
C ALA D 118 2.04 -35.33 12.34
N GLY D 119 2.91 -36.35 12.40
CA GLY D 119 4.27 -36.19 12.85
C GLY D 119 4.37 -35.85 14.33
N CYS D 120 3.41 -36.31 15.13
CA CYS D 120 3.45 -36.03 16.57
C CYS D 120 3.48 -37.31 17.39
N ARG D 121 3.51 -37.17 18.70
CA ARG D 121 3.34 -38.31 19.58
C ARG D 121 1.86 -38.48 19.90
N VAL D 122 1.41 -39.73 20.02
CA VAL D 122 0.08 -40.02 20.54
C VAL D 122 0.22 -40.55 21.96
N LEU D 123 -0.56 -39.99 22.88
CA LEU D 123 -0.69 -40.55 24.23
C LEU D 123 -2.09 -41.15 24.35
N GLY D 124 -2.18 -42.48 24.28
CA GLY D 124 -3.48 -43.14 24.33
C GLY D 124 -3.79 -43.62 25.73
N LEU D 125 -4.98 -43.30 26.20
CA LEU D 125 -5.35 -43.64 27.58
C LEU D 125 -6.14 -44.92 27.67
N ASP D 126 -5.69 -45.88 28.47
CA ASP D 126 -6.54 -46.99 28.84
C ASP D 126 -7.36 -46.58 30.06
N TYR D 127 -8.32 -45.68 29.85
CA TYR D 127 -9.07 -45.08 30.95
C TYR D 127 -10.03 -46.10 31.55
N ARG D 128 -10.55 -45.80 32.74
CA ARG D 128 -11.46 -46.69 33.45
C ARG D 128 -12.77 -46.98 32.72
N LEU D 129 -13.12 -48.26 32.67
CA LEU D 129 -14.30 -48.66 31.91
C LEU D 129 -15.44 -49.07 32.82
N ALA D 130 -16.66 -48.89 32.34
CA ALA D 130 -17.83 -49.49 32.97
C ALA D 130 -17.97 -50.94 32.52
N PRO D 131 -18.70 -51.78 33.29
CA PRO D 131 -19.47 -51.43 34.48
C PRO D 131 -18.62 -51.30 35.74
N GLU D 132 -17.37 -51.72 35.71
CA GLU D 132 -16.55 -51.74 36.92
C GLU D 132 -16.48 -50.35 37.59
N THR D 133 -16.22 -49.35 36.77
CA THR D 133 -16.19 -47.97 37.24
C THR D 133 -16.99 -47.14 36.23
N PRO D 134 -18.14 -46.61 36.67
CA PRO D 134 -19.10 -45.93 35.80
C PRO D 134 -18.76 -44.46 35.57
N PHE D 135 -19.58 -43.81 34.75
CA PHE D 135 -19.61 -42.37 34.57
C PHE D 135 -19.58 -41.71 35.95
N PRO D 136 -18.76 -40.65 36.11
CA PRO D 136 -17.92 -39.95 35.14
C PRO D 136 -16.42 -40.29 35.19
N ALA D 137 -16.06 -41.51 35.53
CA ALA D 137 -14.65 -41.89 35.64
C ALA D 137 -13.77 -41.51 34.44
N PRO D 138 -14.25 -41.73 33.21
CA PRO D 138 -13.37 -41.45 32.08
C PRO D 138 -13.08 -39.95 31.94
N VAL D 139 -14.03 -39.12 32.32
CA VAL D 139 -13.81 -37.67 32.30
C VAL D 139 -12.73 -37.34 33.33
N GLU D 140 -12.87 -37.90 34.52
CA GLU D 140 -11.83 -37.73 35.54
C GLU D 140 -10.45 -38.16 35.03
N ASP D 141 -10.41 -39.28 34.31
CA ASP D 141 -9.15 -39.82 33.81
C ASP D 141 -8.52 -38.91 32.77
N THR D 142 -9.36 -38.40 31.87
CA THR D 142 -8.87 -37.51 30.82
C THR D 142 -8.27 -36.27 31.44
N VAL D 143 -8.99 -35.68 32.40
CA VAL D 143 -8.47 -34.52 33.11
C VAL D 143 -7.14 -34.81 33.80
N ALA D 144 -7.06 -35.94 34.51
CA ALA D 144 -5.81 -36.31 35.20
C ALA D 144 -4.65 -36.39 34.22
N ALA D 145 -4.88 -37.02 33.06
CA ALA D 145 -3.84 -37.17 32.06
C ALA D 145 -3.41 -35.83 31.49
N TYR D 146 -4.38 -34.96 31.23
CA TYR D 146 -4.08 -33.64 30.69
C TYR D 146 -3.31 -32.84 31.73
N ARG D 147 -3.74 -32.92 32.98
CA ARG D 147 -3.00 -32.26 34.05
C ARG D 147 -1.56 -32.80 34.12
N TRP D 148 -1.38 -34.09 33.87
CA TRP D 148 -0.05 -34.69 33.85
C TRP D 148 0.81 -34.04 32.77
N LEU D 149 0.24 -33.86 31.58
CA LEU D 149 0.99 -33.25 30.49
C LEU D 149 1.45 -31.84 30.87
N LEU D 150 0.53 -31.07 31.43
CA LEU D 150 0.88 -29.69 31.83
C LEU D 150 1.96 -29.69 32.89
N ALA D 151 1.82 -30.56 33.87
CA ALA D 151 2.81 -30.68 34.94
C ALA D 151 4.17 -31.09 34.41
N HIS D 152 4.21 -31.78 33.27
CA HIS D 152 5.47 -32.24 32.71
C HIS D 152 6.03 -31.36 31.60
N GLY D 153 5.57 -30.12 31.56
CA GLY D 153 6.15 -29.12 30.68
C GLY D 153 5.64 -29.12 29.26
N TYR D 154 4.58 -29.88 28.98
CA TYR D 154 3.99 -29.84 27.64
C TYR D 154 3.14 -28.59 27.54
N ASP D 155 3.14 -27.97 26.37
CA ASP D 155 2.46 -26.70 26.15
C ASP D 155 1.04 -26.93 25.65
N PRO D 156 0.07 -26.26 26.29
CA PRO D 156 -1.33 -26.35 25.84
C PRO D 156 -1.48 -26.16 24.34
N SER D 157 -0.69 -25.27 23.75
N SER D 157 -0.69 -25.27 23.73
CA SER D 157 -0.83 -24.95 22.33
CA SER D 157 -0.86 -24.96 22.32
C SER D 157 -0.29 -26.06 21.44
C SER D 157 -0.32 -26.09 21.44
N ARG D 158 0.39 -27.03 22.04
CA ARG D 158 0.94 -28.17 21.32
C ARG D 158 0.26 -29.50 21.69
N ILE D 159 -0.89 -29.40 22.34
CA ILE D 159 -1.66 -30.59 22.71
C ILE D 159 -3.03 -30.55 22.05
N ALA D 160 -3.45 -31.67 21.46
CA ALA D 160 -4.81 -31.84 20.98
C ALA D 160 -5.45 -33.10 21.58
N LEU D 161 -6.76 -33.06 21.80
CA LEU D 161 -7.50 -34.24 22.27
C LEU D 161 -8.21 -34.87 21.10
N GLY D 162 -8.18 -36.19 21.03
CA GLY D 162 -8.90 -36.91 19.99
C GLY D 162 -9.60 -38.12 20.58
N GLY D 163 -10.64 -38.59 19.91
CA GLY D 163 -11.35 -39.77 20.36
C GLY D 163 -12.35 -40.23 19.31
N ASP D 164 -12.76 -41.51 19.38
CA ASP D 164 -13.78 -42.03 18.48
C ASP D 164 -14.94 -42.58 19.29
N SER D 165 -16.14 -42.46 18.74
CA SER D 165 -17.40 -42.89 19.38
C SER D 165 -17.53 -42.39 20.83
N ALA D 166 -17.60 -43.30 21.80
CA ALA D 166 -17.60 -42.82 23.20
C ALA D 166 -16.47 -41.81 23.42
N GLY D 167 -15.29 -42.12 22.89
CA GLY D 167 -14.13 -41.23 22.97
C GLY D 167 -14.34 -39.87 22.34
N GLY D 168 -15.05 -39.84 21.21
CA GLY D 168 -15.38 -38.58 20.57
C GLY D 168 -16.20 -37.70 21.49
N GLY D 169 -17.19 -38.29 22.14
CA GLY D 169 -18.00 -37.54 23.08
C GLY D 169 -17.18 -37.13 24.28
N LEU D 170 -16.32 -38.02 24.72
CA LEU D 170 -15.43 -37.75 25.85
C LEU D 170 -14.51 -36.57 25.57
N VAL D 171 -14.05 -36.46 24.33
CA VAL D 171 -13.22 -35.31 23.97
C VAL D 171 -13.95 -34.04 24.33
N VAL D 172 -15.23 -33.96 23.94
CA VAL D 172 -16.03 -32.78 24.18
C VAL D 172 -16.28 -32.53 25.68
N ALA D 173 -16.76 -33.57 26.38
CA ALA D 173 -16.98 -33.51 27.82
C ALA D 173 -15.73 -33.07 28.56
N ALA D 174 -14.59 -33.62 28.16
CA ALA D 174 -13.34 -33.31 28.83
C ALA D 174 -12.93 -31.86 28.60
N LEU D 175 -13.17 -31.35 27.40
CA LEU D 175 -12.80 -29.98 27.07
C LEU D 175 -13.67 -29.06 27.92
N VAL D 176 -14.96 -29.39 28.03
CA VAL D 176 -15.87 -28.65 28.87
C VAL D 176 -15.43 -28.70 30.33
N ALA D 177 -15.16 -29.90 30.84
CA ALA D 177 -14.66 -30.04 32.20
C ALA D 177 -13.41 -29.19 32.45
N LEU D 178 -12.43 -29.31 31.57
CA LEU D 178 -11.22 -28.49 31.69
C LEU D 178 -11.51 -26.98 31.80
N ARG D 179 -12.42 -26.47 30.96
CA ARG D 179 -12.76 -25.04 31.06
C ARG D 179 -13.40 -24.72 32.41
N TYR D 180 -14.35 -25.57 32.82
CA TYR D 180 -15.02 -25.41 34.11
C TYR D 180 -14.09 -25.40 35.33
N ILE D 181 -13.00 -26.16 35.30
CA ILE D 181 -12.03 -26.14 36.40
C ILE D 181 -10.82 -25.24 36.11
N GLY D 182 -10.94 -24.37 35.12
CA GLY D 182 -9.93 -23.35 34.91
C GLY D 182 -8.58 -23.73 34.34
N GLU D 183 -8.48 -24.94 33.75
CA GLU D 183 -7.23 -25.36 33.14
C GLU D 183 -7.05 -24.68 31.78
N PRO D 184 -5.81 -24.37 31.40
CA PRO D 184 -5.62 -23.79 30.07
C PRO D 184 -5.97 -24.82 29.00
N LEU D 185 -6.80 -24.44 28.04
CA LEU D 185 -7.36 -25.40 27.10
C LEU D 185 -6.36 -25.79 26.02
N PRO D 186 -6.49 -27.01 25.51
CA PRO D 186 -5.67 -27.56 24.41
C PRO D 186 -5.93 -26.80 23.11
N ALA D 187 -5.10 -27.07 22.10
CA ALA D 187 -5.19 -26.37 20.83
C ALA D 187 -6.39 -26.78 20.00
N ALA D 188 -6.88 -28.00 20.22
CA ALA D 188 -7.89 -28.56 19.32
C ALA D 188 -8.48 -29.86 19.82
N GLY D 189 -9.62 -30.23 19.25
CA GLY D 189 -10.21 -31.55 19.48
C GLY D 189 -10.54 -32.23 18.15
N VAL D 190 -10.37 -33.55 18.10
CA VAL D 190 -10.76 -34.36 16.95
C VAL D 190 -11.79 -35.41 17.38
N CYS D 191 -12.95 -35.43 16.73
CA CYS D 191 -14.04 -36.32 17.11
C CYS D 191 -14.42 -37.25 15.94
N LEU D 192 -14.08 -38.53 16.07
CA LEU D 192 -14.37 -39.53 15.03
C LEU D 192 -15.63 -40.33 15.39
N SER D 193 -16.70 -40.16 14.62
CA SER D 193 -18.00 -40.77 14.93
C SER D 193 -18.43 -40.59 16.38
N PRO D 194 -18.41 -39.34 16.88
CA PRO D 194 -18.64 -39.11 18.33
C PRO D 194 -20.03 -39.54 18.77
N TRP D 195 -20.10 -40.07 19.98
CA TRP D 195 -21.38 -40.39 20.63
C TRP D 195 -21.64 -39.32 21.71
N ILE D 196 -22.61 -38.44 21.48
CA ILE D 196 -22.83 -37.33 22.43
C ILE D 196 -24.18 -37.38 23.11
N ASP D 197 -24.92 -38.46 22.88
CA ASP D 197 -26.30 -38.53 23.36
C ASP D 197 -26.63 -39.93 23.87
N MET D 198 -26.69 -40.06 25.20
CA MET D 198 -26.88 -41.35 25.84
C MET D 198 -28.21 -41.99 25.45
N GLU D 199 -29.16 -41.18 25.02
CA GLU D 199 -30.51 -41.70 24.78
C GLU D 199 -30.74 -42.05 23.32
N ALA D 200 -29.73 -41.85 22.49
CA ALA D 200 -29.78 -42.20 21.06
C ALA D 200 -31.02 -41.66 20.35
N THR D 201 -31.26 -40.35 20.45
CA THR D 201 -32.48 -39.75 19.92
C THR D 201 -32.33 -39.29 18.48
N GLY D 202 -31.11 -39.31 17.95
CA GLY D 202 -30.86 -38.82 16.61
C GLY D 202 -31.68 -39.58 15.59
N GLU D 203 -32.19 -38.86 14.59
CA GLU D 203 -33.09 -39.49 13.61
C GLU D 203 -32.40 -40.57 12.78
N SER D 204 -31.10 -40.45 12.62
CA SER D 204 -30.30 -41.42 11.90
C SER D 204 -30.34 -42.80 12.56
N PHE D 205 -30.67 -42.84 13.85
CA PHE D 205 -30.84 -44.13 14.52
C PHE D 205 -32.01 -44.90 13.90
N THR D 206 -32.90 -44.15 13.26
CA THR D 206 -34.01 -44.76 12.54
C THR D 206 -33.67 -44.86 11.05
N THR D 207 -33.33 -43.74 10.44
CA THR D 207 -33.13 -43.73 8.99
C THR D 207 -31.97 -44.61 8.52
N ASN D 208 -30.92 -44.71 9.34
CA ASN D 208 -29.73 -45.49 8.96
C ASN D 208 -29.68 -46.86 9.61
N ALA D 209 -30.78 -47.25 10.25
CA ALA D 209 -30.80 -48.50 10.99
C ALA D 209 -30.41 -49.72 10.16
N THR D 210 -30.87 -49.78 8.91
CA THR D 210 -30.53 -50.95 8.09
C THR D 210 -29.24 -50.74 7.30
N MET D 211 -28.67 -49.54 7.39
CA MET D 211 -27.47 -49.19 6.63
C MET D 211 -26.19 -49.41 7.43
N ASP D 212 -26.31 -49.35 8.76
CA ASP D 212 -25.16 -49.37 9.66
C ASP D 212 -24.87 -50.80 10.09
N PRO D 213 -23.70 -51.33 9.70
CA PRO D 213 -23.39 -52.74 9.99
C PRO D 213 -22.88 -52.99 11.41
N SER D 214 -22.66 -51.95 12.20
CA SER D 214 -22.06 -52.17 13.53
C SER D 214 -22.71 -51.48 14.73
N VAL D 215 -23.46 -50.41 14.49
CA VAL D 215 -24.08 -49.70 15.62
C VAL D 215 -25.59 -49.63 15.42
N ASN D 216 -26.34 -49.92 16.49
CA ASN D 216 -27.79 -49.75 16.43
C ASN D 216 -28.33 -49.17 17.73
N LYS D 217 -29.58 -48.72 17.71
CA LYS D 217 -30.13 -48.00 18.85
C LYS D 217 -30.19 -48.87 20.10
N GLU D 218 -30.53 -50.15 19.94
CA GLU D 218 -30.68 -51.03 21.12
C GLU D 218 -29.33 -51.28 21.79
N ARG D 219 -28.29 -51.48 21.00
CA ARG D 219 -26.94 -51.63 21.52
C ARG D 219 -26.47 -50.40 22.29
N VAL D 220 -26.73 -49.23 21.72
CA VAL D 220 -26.31 -47.97 22.33
C VAL D 220 -27.01 -47.75 23.65
N MET D 221 -28.30 -48.01 23.68
CA MET D 221 -29.03 -47.80 24.92
C MET D 221 -28.60 -48.79 26.02
N SER D 222 -28.33 -50.03 25.63
CA SER D 222 -27.84 -51.06 26.57
C SER D 222 -26.53 -50.63 27.20
N ILE D 223 -25.62 -50.19 26.35
CA ILE D 223 -24.33 -49.72 26.78
C ILE D 223 -24.42 -48.44 27.62
N ALA D 224 -25.31 -47.52 27.24
CA ALA D 224 -25.46 -46.30 28.00
C ALA D 224 -25.87 -46.59 29.45
N ALA D 225 -26.74 -47.59 29.63
CA ALA D 225 -27.21 -47.91 30.97
C ALA D 225 -26.08 -48.47 31.81
N LEU D 226 -25.20 -49.24 31.18
CA LEU D 226 -24.01 -49.75 31.85
C LEU D 226 -23.07 -48.62 32.29
N TYR D 227 -22.89 -47.64 31.43
CA TYR D 227 -21.96 -46.55 31.71
C TYR D 227 -22.51 -45.63 32.80
N LEU D 228 -23.80 -45.35 32.73
CA LEU D 228 -24.41 -44.32 33.57
C LEU D 228 -24.50 -44.74 35.03
N GLY D 229 -24.56 -46.05 35.26
CA GLY D 229 -24.68 -46.56 36.61
C GLY D 229 -25.79 -45.88 37.40
N GLY D 230 -26.89 -45.58 36.72
CA GLY D 230 -28.06 -45.02 37.38
C GLY D 230 -28.12 -43.51 37.39
N LYS D 231 -27.08 -42.86 36.87
CA LYS D 231 -27.04 -41.41 36.81
C LYS D 231 -27.91 -40.89 35.66
N ASN D 232 -28.23 -39.61 35.71
CA ASN D 232 -29.10 -38.99 34.70
C ASN D 232 -28.57 -39.08 33.27
N PRO D 233 -29.33 -39.72 32.35
CA PRO D 233 -28.83 -39.96 30.99
C PRO D 233 -28.57 -38.65 30.25
N GLN D 234 -29.18 -37.56 30.70
CA GLN D 234 -28.97 -36.28 30.04
C GLN D 234 -27.91 -35.41 30.70
N ALA D 235 -27.18 -35.97 31.67
CA ALA D 235 -26.05 -35.26 32.28
C ALA D 235 -25.10 -34.71 31.22
N PRO D 236 -24.82 -33.40 31.24
CA PRO D 236 -23.94 -32.76 30.25
C PRO D 236 -22.59 -33.45 29.98
N LEU D 237 -21.97 -34.05 30.99
CA LEU D 237 -20.66 -34.69 30.77
C LEU D 237 -20.74 -36.11 30.22
N ALA D 238 -21.93 -36.71 30.29
CA ALA D 238 -22.17 -38.02 29.67
C ALA D 238 -22.77 -37.80 28.28
N SER D 239 -23.66 -36.81 28.19
CA SER D 239 -24.31 -36.44 26.93
C SER D 239 -24.02 -34.97 26.59
N PRO D 240 -22.84 -34.70 26.03
CA PRO D 240 -22.47 -33.30 25.78
C PRO D 240 -23.42 -32.58 24.81
N LEU D 241 -24.37 -33.31 24.21
CA LEU D 241 -25.49 -32.69 23.52
C LEU D 241 -26.13 -31.60 24.40
N TYR D 242 -25.95 -31.71 25.71
CA TYR D 242 -26.57 -30.80 26.66
C TYR D 242 -25.55 -29.91 27.37
N ALA D 243 -24.28 -30.02 26.98
CA ALA D 243 -23.23 -29.28 27.67
C ALA D 243 -23.06 -27.86 27.13
N ASP D 244 -22.53 -26.99 27.98
CA ASP D 244 -22.15 -25.64 27.59
C ASP D 244 -20.86 -25.72 26.78
N LEU D 245 -20.92 -25.41 25.48
CA LEU D 245 -19.77 -25.61 24.60
C LEU D 245 -18.94 -24.34 24.37
N GLN D 246 -19.30 -23.26 25.07
CA GLN D 246 -18.59 -22.00 24.94
C GLN D 246 -17.11 -22.13 25.27
N GLY D 247 -16.28 -21.44 24.48
CA GLY D 247 -14.86 -21.39 24.75
C GLY D 247 -14.01 -22.55 24.24
N LEU D 248 -14.62 -23.55 23.62
CA LEU D 248 -13.84 -24.70 23.17
C LEU D 248 -12.97 -24.33 21.98
N PRO D 249 -11.86 -25.05 21.81
CA PRO D 249 -10.94 -24.76 20.71
C PRO D 249 -11.47 -25.45 19.44
N PRO D 250 -10.80 -25.22 18.31
CA PRO D 250 -11.29 -25.76 17.02
C PRO D 250 -11.53 -27.27 17.01
N LEU D 251 -12.63 -27.71 16.43
CA LEU D 251 -12.95 -29.13 16.36
C LEU D 251 -12.99 -29.63 14.93
N LEU D 252 -12.41 -30.80 14.70
CA LEU D 252 -12.62 -31.55 13.46
C LEU D 252 -13.51 -32.74 13.78
N VAL D 253 -14.65 -32.83 13.10
CA VAL D 253 -15.55 -33.96 13.29
C VAL D 253 -15.67 -34.78 11.99
N GLN D 254 -15.34 -36.06 12.05
CA GLN D 254 -15.56 -36.99 10.91
C GLN D 254 -16.59 -38.04 11.29
N VAL D 255 -17.39 -38.46 10.33
CA VAL D 255 -18.42 -39.46 10.56
C VAL D 255 -18.79 -40.10 9.22
N GLY D 256 -19.32 -41.31 9.24
CA GLY D 256 -19.70 -42.02 8.03
C GLY D 256 -21.14 -41.77 7.64
N GLY D 257 -21.41 -41.73 6.34
CA GLY D 257 -22.73 -41.42 5.84
C GLY D 257 -23.79 -42.46 6.16
N ILE D 258 -23.39 -43.69 6.43
CA ILE D 258 -24.38 -44.75 6.71
C ILE D 258 -24.53 -44.97 8.21
N GLU D 259 -23.90 -44.14 9.02
CA GLU D 259 -23.92 -44.34 10.47
C GLU D 259 -25.22 -43.95 11.14
N THR D 260 -25.67 -44.78 12.09
CA THR D 260 -26.77 -44.37 12.94
C THR D 260 -26.32 -43.20 13.84
N LEU D 261 -25.01 -43.05 14.03
CA LEU D 261 -24.49 -41.94 14.85
C LEU D 261 -24.32 -40.65 14.05
N LEU D 262 -24.77 -40.68 12.79
CA LEU D 262 -24.61 -39.52 11.90
C LEU D 262 -25.17 -38.24 12.51
N ASP D 263 -26.36 -38.32 13.08
CA ASP D 263 -26.98 -37.12 13.64
C ASP D 263 -26.32 -36.63 14.94
N ASP D 264 -25.60 -37.52 15.62
CA ASP D 264 -24.81 -37.06 16.77
C ASP D 264 -23.70 -36.14 16.28
N ALA D 265 -23.06 -36.52 15.18
CA ALA D 265 -21.97 -35.71 14.63
C ALA D 265 -22.50 -34.35 14.12
N ARG D 266 -23.69 -34.35 13.53
CA ARG D 266 -24.29 -33.13 13.01
C ARG D 266 -24.70 -32.21 14.16
N ALA D 267 -25.33 -32.78 15.18
CA ALA D 267 -25.78 -32.03 16.34
C ALA D 267 -24.60 -31.39 17.06
N LEU D 268 -23.50 -32.12 17.17
CA LEU D 268 -22.34 -31.62 17.88
C LEU D 268 -21.78 -30.42 17.14
N THR D 269 -21.68 -30.55 15.82
CA THR D 269 -21.12 -29.50 14.98
C THR D 269 -22.00 -28.26 15.03
N THR D 270 -23.30 -28.47 14.96
CA THR D 270 -24.26 -27.38 14.97
C THR D 270 -24.25 -26.67 16.33
N ARG D 271 -24.22 -27.44 17.41
CA ARG D 271 -24.21 -26.88 18.77
C ARG D 271 -22.90 -26.13 19.03
N ALA D 272 -21.80 -26.71 18.59
CA ALA D 272 -20.49 -26.05 18.71
C ALA D 272 -20.47 -24.69 17.99
N LYS D 273 -20.87 -24.67 16.73
CA LYS D 273 -20.88 -23.43 15.96
C LYS D 273 -21.75 -22.38 16.64
N ALA D 274 -22.90 -22.80 17.14
CA ALA D 274 -23.82 -21.89 17.82
C ALA D 274 -23.20 -21.28 19.08
N ALA D 275 -22.24 -21.98 19.66
CA ALA D 275 -21.54 -21.53 20.86
C ALA D 275 -20.29 -20.73 20.53
N GLY D 276 -20.05 -20.49 19.24
CA GLY D 276 -18.90 -19.73 18.78
C GLY D 276 -17.63 -20.54 18.54
N VAL D 277 -17.75 -21.85 18.58
CA VAL D 277 -16.61 -22.74 18.38
C VAL D 277 -16.40 -22.96 16.90
N ASP D 278 -15.14 -22.95 16.49
CA ASP D 278 -14.76 -23.26 15.12
C ASP D 278 -14.80 -24.77 14.91
N ALA D 279 -15.92 -25.27 14.38
CA ALA D 279 -16.08 -26.70 14.18
C ALA D 279 -16.31 -26.99 12.72
N ASP D 280 -15.69 -28.06 12.23
CA ASP D 280 -15.86 -28.46 10.85
C ASP D 280 -16.28 -29.92 10.78
N LEU D 281 -17.34 -30.20 10.03
CA LEU D 281 -17.84 -31.55 9.88
C LEU D 281 -17.56 -32.12 8.50
N GLU D 282 -17.04 -33.35 8.47
CA GLU D 282 -16.87 -34.11 7.23
C GLU D 282 -17.70 -35.35 7.33
N VAL D 283 -18.69 -35.49 6.45
CA VAL D 283 -19.43 -36.75 6.33
C VAL D 283 -18.89 -37.57 5.16
N TRP D 284 -18.35 -38.75 5.44
CA TRP D 284 -17.72 -39.56 4.39
C TRP D 284 -18.72 -40.58 3.87
N ASP D 285 -19.15 -40.41 2.62
CA ASP D 285 -20.15 -41.31 2.07
C ASP D 285 -19.72 -42.77 2.16
N ASP D 286 -20.68 -43.64 2.44
CA ASP D 286 -20.53 -45.09 2.41
C ASP D 286 -19.66 -45.70 3.50
N MET D 287 -19.10 -44.87 4.37
CA MET D 287 -18.17 -45.36 5.39
C MET D 287 -18.89 -45.81 6.66
N PRO D 288 -18.45 -46.93 7.22
CA PRO D 288 -19.03 -47.47 8.46
C PRO D 288 -18.36 -46.81 9.66
N HIS D 289 -18.93 -47.03 10.83
CA HIS D 289 -18.43 -46.51 12.10
C HIS D 289 -16.89 -46.64 12.26
N VAL D 290 -16.24 -45.51 12.51
CA VAL D 290 -14.79 -45.46 12.70
C VAL D 290 -14.04 -46.33 11.68
N TRP D 291 -14.30 -46.07 10.41
CA TRP D 291 -13.66 -46.80 9.31
C TRP D 291 -12.16 -46.57 9.33
N GLN D 292 -11.73 -45.53 10.05
CA GLN D 292 -10.30 -45.21 10.13
C GLN D 292 -9.47 -46.35 10.72
N HIS D 293 -10.10 -47.22 11.51
CA HIS D 293 -9.42 -48.39 12.07
C HIS D 293 -8.81 -49.22 10.95
N PHE D 294 -9.47 -49.22 9.79
CA PHE D 294 -9.08 -50.14 8.72
C PHE D 294 -8.13 -49.50 7.70
N ALA D 295 -7.60 -48.33 8.05
CA ALA D 295 -6.63 -47.64 7.17
C ALA D 295 -5.61 -48.57 6.47
N PRO D 296 -5.04 -49.55 7.19
CA PRO D 296 -4.08 -50.47 6.56
C PRO D 296 -4.62 -51.18 5.30
N ILE D 297 -5.93 -51.43 5.23
CA ILE D 297 -6.50 -52.12 4.07
C ILE D 297 -7.54 -51.31 3.30
N LEU D 298 -7.79 -50.09 3.76
CA LEU D 298 -8.86 -49.27 3.19
C LEU D 298 -8.40 -47.87 2.81
N PRO D 299 -8.37 -47.57 1.50
CA PRO D 299 -7.98 -46.25 1.01
C PRO D 299 -8.68 -45.10 1.74
N GLU D 300 -9.98 -45.20 2.01
CA GLU D 300 -10.71 -44.10 2.66
C GLU D 300 -10.27 -43.94 4.10
N GLY D 301 -9.73 -45.02 4.66
CA GLY D 301 -9.15 -45.00 5.99
C GLY D 301 -7.90 -44.13 5.96
N LYS D 302 -7.01 -44.45 5.02
CA LYS D 302 -5.79 -43.64 4.86
C LYS D 302 -6.11 -42.17 4.58
N GLN D 303 -7.10 -41.91 3.72
CA GLN D 303 -7.43 -40.54 3.34
C GLN D 303 -7.93 -39.75 4.55
N ALA D 304 -8.85 -40.35 5.31
CA ALA D 304 -9.43 -39.69 6.47
C ALA D 304 -8.36 -39.38 7.50
N ILE D 305 -7.41 -40.30 7.67
CA ILE D 305 -6.33 -40.10 8.61
C ILE D 305 -5.36 -39.02 8.10
N ALA D 306 -5.13 -38.99 6.79
CA ALA D 306 -4.29 -37.93 6.22
C ALA D 306 -4.92 -36.57 6.54
N ARG D 307 -6.24 -36.54 6.55
CA ARG D 307 -6.98 -35.32 6.81
C ARG D 307 -6.85 -34.93 8.30
N ILE D 308 -6.94 -35.93 9.18
CA ILE D 308 -6.70 -35.69 10.60
C ILE D 308 -5.30 -35.14 10.80
N GLY D 309 -4.31 -35.78 10.17
CA GLY D 309 -2.92 -35.34 10.23
C GLY D 309 -2.68 -33.89 9.80
N GLU D 310 -3.31 -33.48 8.70
CA GLU D 310 -3.25 -32.10 8.23
C GLU D 310 -3.81 -31.14 9.27
N PHE D 311 -4.98 -31.49 9.82
CA PHE D 311 -5.63 -30.66 10.82
C PHE D 311 -4.73 -30.50 12.04
N LEU D 312 -4.13 -31.61 12.47
CA LEU D 312 -3.25 -31.57 13.65
C LEU D 312 -1.99 -30.73 13.37
N ARG D 313 -1.37 -30.95 12.21
CA ARG D 313 -0.20 -30.15 11.87
C ARG D 313 -0.52 -28.66 11.90
N LYS D 314 -1.73 -28.29 11.47
CA LYS D 314 -2.14 -26.90 11.49
C LYS D 314 -2.30 -26.37 12.93
N GLN D 315 -2.92 -27.18 13.78
CA GLN D 315 -3.31 -26.73 15.12
C GLN D 315 -2.20 -26.85 16.17
N ILE D 316 -1.46 -27.96 16.16
CA ILE D 316 -0.39 -28.12 17.16
C ILE D 316 0.99 -28.10 16.56
N GLY D 317 1.07 -28.17 15.24
CA GLY D 317 2.35 -28.12 14.54
C GLY D 317 2.74 -26.70 14.15
N MET E 21 7.58 44.64 20.99
CA MET E 21 6.41 44.50 20.14
C MET E 21 5.17 45.15 20.75
N ALA E 22 4.09 44.38 20.81
CA ALA E 22 2.76 44.92 21.10
C ALA E 22 2.30 44.58 22.50
N LYS E 23 1.13 45.05 22.92
CA LYS E 23 0.95 45.71 24.20
C LYS E 23 0.03 44.62 24.78
N SER E 24 0.27 44.25 26.04
CA SER E 24 -0.20 43.01 26.66
C SER E 24 1.00 42.60 27.50
N PRO E 25 0.87 42.60 28.82
CA PRO E 25 2.05 42.24 29.61
C PRO E 25 2.60 40.85 29.27
N GLU E 26 1.72 39.90 28.99
CA GLU E 26 2.17 38.54 28.67
C GLU E 26 2.99 38.51 27.39
N LEU E 27 2.52 39.19 26.34
CA LEU E 27 3.29 39.33 25.11
C LEU E 27 4.59 40.10 25.32
N ASP E 28 4.54 41.14 26.14
CA ASP E 28 5.75 41.90 26.44
C ASP E 28 6.80 40.99 27.03
N ARG E 29 6.37 40.14 27.96
CA ARG E 29 7.27 39.22 28.64
C ARG E 29 7.88 38.23 27.63
N VAL E 30 7.06 37.68 26.75
CA VAL E 30 7.57 36.73 25.74
C VAL E 30 8.59 37.42 24.84
N ILE E 31 8.26 38.62 24.35
CA ILE E 31 9.18 39.34 23.46
C ILE E 31 10.52 39.59 24.16
N GLY E 32 10.46 39.89 25.46
CA GLY E 32 11.66 40.07 26.26
C GLY E 32 12.54 38.83 26.30
N MET E 33 11.95 37.66 26.51
CA MET E 33 12.71 36.41 26.51
C MET E 33 13.37 36.19 25.15
N ILE E 34 12.63 36.50 24.08
CA ILE E 34 13.14 36.29 22.73
C ILE E 34 14.29 37.26 22.43
N ARG E 35 14.10 38.53 22.78
CA ARG E 35 15.13 39.54 22.51
C ARG E 35 16.38 39.29 23.33
N GLU E 36 16.24 38.75 24.53
CA GLU E 36 17.40 38.44 25.34
C GLU E 36 18.25 37.36 24.64
N ARG E 37 17.61 36.28 24.23
CA ARG E 37 18.33 35.27 23.48
C ARG E 37 19.02 35.83 22.23
N ALA E 38 18.29 36.62 21.45
CA ALA E 38 18.82 37.13 20.18
C ALA E 38 20.03 38.02 20.39
N ALA E 39 20.14 38.59 21.59
CA ALA E 39 21.21 39.53 21.90
C ALA E 39 22.33 38.88 22.71
N THR E 40 22.15 37.64 23.14
CA THR E 40 23.17 36.93 23.90
C THR E 40 24.32 36.50 22.99
N PRO E 41 25.57 36.93 23.32
CA PRO E 41 26.76 36.59 22.52
C PRO E 41 27.06 35.10 22.49
N ARG E 42 27.29 34.56 21.30
CA ARG E 42 27.53 33.14 21.14
C ARG E 42 28.68 32.88 20.15
N LYS E 43 29.27 31.70 20.23
CA LYS E 43 30.40 31.37 19.38
C LYS E 43 30.19 30.08 18.60
N THR E 44 29.90 28.99 19.32
CA THR E 44 29.89 27.67 18.69
C THR E 44 28.48 27.18 18.39
N THR E 45 28.37 26.19 17.52
CA THR E 45 27.10 25.55 17.25
C THR E 45 26.44 25.08 18.53
N ASP E 46 27.22 24.41 19.40
CA ASP E 46 26.64 23.91 20.63
C ASP E 46 26.23 25.04 21.57
N ASP E 47 26.96 26.15 21.54
CA ASP E 47 26.54 27.35 22.29
C ASP E 47 25.15 27.77 21.81
N ASP E 48 24.95 27.84 20.50
CA ASP E 48 23.63 28.16 19.95
C ASP E 48 22.57 27.15 20.38
N ARG E 49 22.92 25.87 20.39
CA ARG E 49 21.98 24.84 20.84
C ARG E 49 21.61 25.05 22.31
N ARG E 50 22.60 25.32 23.14
CA ARG E 50 22.35 25.49 24.57
C ARG E 50 21.51 26.75 24.85
N LEU E 51 21.78 27.83 24.12
CA LEU E 51 21.05 29.10 24.31
C LEU E 51 19.56 28.96 24.01
N TYR E 52 19.22 28.16 23.00
CA TYR E 52 17.82 27.87 22.65
C TYR E 52 17.17 27.12 23.81
N GLU E 53 17.88 26.11 24.30
CA GLU E 53 17.41 25.36 25.47
C GLU E 53 17.22 26.29 26.68
N THR E 54 18.13 27.25 26.86
CA THR E 54 18.06 28.19 27.99
C THR E 54 16.81 29.04 27.92
N MET E 55 16.50 29.57 26.73
CA MET E 55 15.35 30.45 26.57
C MET E 55 14.07 29.75 26.99
N LEU E 56 13.94 28.48 26.66
CA LEU E 56 12.70 27.75 26.84
C LEU E 56 12.72 26.94 28.15
N GLY E 57 13.84 27.00 28.86
CA GLY E 57 14.08 26.12 29.97
C GLY E 57 13.46 26.53 31.29
N SER E 58 12.89 27.74 31.36
CA SER E 58 12.24 28.20 32.59
C SER E 58 10.78 27.77 32.68
N MET E 59 10.29 27.07 31.66
CA MET E 59 8.93 26.57 31.66
C MET E 59 8.93 25.04 31.71
N PRO E 60 8.77 24.48 32.92
CA PRO E 60 8.87 23.04 33.22
C PRO E 60 7.71 22.19 32.71
N LEU E 61 7.95 20.89 32.53
CA LEU E 61 6.91 19.95 32.11
C LEU E 61 5.91 19.78 33.24
N ASP E 62 4.62 19.80 32.93
CA ASP E 62 3.59 19.47 33.92
C ASP E 62 3.86 18.13 34.57
N ASP E 63 3.57 18.02 35.86
CA ASP E 63 3.81 16.81 36.64
C ASP E 63 3.11 15.58 36.08
N ASP E 64 1.97 15.77 35.43
CA ASP E 64 1.17 14.62 35.02
C ASP E 64 1.49 14.15 33.60
N ILE E 65 2.50 14.75 32.97
CA ILE E 65 2.86 14.38 31.62
C ILE E 65 3.76 13.14 31.61
N GLN E 66 3.42 12.16 30.80
CA GLN E 66 4.28 11.00 30.66
C GLN E 66 5.22 11.18 29.46
N THR E 67 6.48 10.79 29.64
CA THR E 67 7.43 10.78 28.53
C THR E 67 8.22 9.46 28.49
N GLU E 68 8.67 9.08 27.30
CA GLU E 68 9.48 7.88 27.15
C GLU E 68 10.42 8.04 25.97
N ARG E 69 11.72 7.83 26.19
CA ARG E 69 12.70 7.92 25.12
C ARG E 69 12.79 6.55 24.47
N LEU E 70 12.83 6.52 23.14
CA LEU E 70 12.94 5.26 22.42
C LEU E 70 13.47 5.51 21.01
N GLY E 71 13.87 4.43 20.34
CA GLY E 71 14.33 4.55 18.97
C GLY E 71 13.22 4.06 18.07
N VAL E 72 12.95 4.79 16.99
CA VAL E 72 11.98 4.37 16.00
C VAL E 72 12.69 4.20 14.66
N ASN E 73 12.89 2.94 14.26
CA ASN E 73 13.71 2.67 13.09
C ASN E 73 15.04 3.42 13.13
N GLY E 74 15.69 3.41 14.29
CA GLY E 74 16.99 4.04 14.42
C GLY E 74 16.98 5.52 14.74
N VAL E 75 15.82 6.17 14.68
CA VAL E 75 15.73 7.60 15.01
C VAL E 75 15.43 7.80 16.50
N PRO E 76 16.25 8.59 17.20
CA PRO E 76 15.93 8.87 18.61
C PRO E 76 14.64 9.65 18.71
N ALA E 77 13.77 9.28 19.64
CA ALA E 77 12.42 9.85 19.72
C ALA E 77 11.91 9.86 21.15
N GLU E 78 10.77 10.53 21.34
CA GLU E 78 10.18 10.64 22.66
C GLU E 78 8.65 10.63 22.59
N TRP E 79 8.00 9.65 23.23
CA TRP E 79 6.56 9.69 23.41
C TRP E 79 6.28 10.78 24.44
N ILE E 80 5.28 11.61 24.17
CA ILE E 80 4.84 12.63 25.10
C ILE E 80 3.32 12.62 25.14
N TYR E 81 2.74 12.42 26.32
CA TYR E 81 1.28 12.38 26.42
C TYR E 81 0.76 12.69 27.80
N ALA E 82 -0.47 13.20 27.82
CA ALA E 82 -1.16 13.58 29.05
C ALA E 82 -2.15 12.47 29.44
N PRO E 83 -2.65 12.53 30.68
CA PRO E 83 -3.65 11.53 31.11
C PRO E 83 -4.82 11.44 30.12
N GLY E 84 -5.33 10.24 29.91
CA GLY E 84 -6.50 10.07 29.07
C GLY E 84 -6.20 10.11 27.58
N ALA E 85 -4.93 10.07 27.23
CA ALA E 85 -4.53 10.11 25.82
C ALA E 85 -4.97 8.85 25.09
N ARG E 86 -5.36 9.03 23.83
CA ARG E 86 -5.63 7.91 22.95
C ARG E 86 -4.35 7.32 22.42
N ASP E 87 -4.06 6.09 22.85
CA ASP E 87 -2.80 5.46 22.49
C ASP E 87 -2.75 5.01 21.04
N ASP E 88 -3.85 5.17 20.32
CA ASP E 88 -3.87 4.82 18.90
C ASP E 88 -3.86 6.04 17.98
N GLN E 89 -3.82 7.24 18.56
CA GLN E 89 -3.69 8.45 17.76
C GLN E 89 -2.32 9.05 17.99
N VAL E 90 -1.63 9.40 16.91
CA VAL E 90 -0.26 9.87 17.01
C VAL E 90 -0.03 11.13 16.20
N PHE E 91 0.52 12.14 16.85
CA PHE E 91 1.00 13.36 16.22
C PHE E 91 2.53 13.22 16.14
N LEU E 92 3.03 12.92 14.95
CA LEU E 92 4.47 12.74 14.71
C LEU E 92 5.07 14.12 14.51
N TYR E 93 5.89 14.58 15.44
CA TYR E 93 6.27 15.98 15.46
C TYR E 93 7.74 16.26 15.09
N LEU E 94 7.97 17.25 14.21
CA LEU E 94 9.31 17.66 13.76
C LEU E 94 9.64 19.06 14.26
N HIS E 95 10.57 19.17 15.20
CA HIS E 95 10.87 20.45 15.83
C HIS E 95 11.61 21.41 14.90
N GLY E 96 11.56 22.70 15.22
CA GLY E 96 12.27 23.70 14.45
C GLY E 96 13.65 23.98 15.03
N GLY E 97 14.36 24.96 14.45
CA GLY E 97 15.76 25.19 14.78
C GLY E 97 16.64 25.27 13.55
N GLY E 98 16.03 25.54 12.39
CA GLY E 98 16.77 25.67 11.16
C GLY E 98 17.50 24.41 10.69
N TYR E 99 17.06 23.26 11.17
CA TYR E 99 17.71 21.97 10.91
C TYR E 99 19.09 21.84 11.54
N VAL E 100 19.39 22.73 12.48
CA VAL E 100 20.72 22.83 13.08
C VAL E 100 20.67 22.81 14.61
N ILE E 101 19.63 23.44 15.18
CA ILE E 101 19.45 23.40 16.62
C ILE E 101 18.08 22.86 16.96
N GLY E 102 17.77 22.82 18.26
CA GLY E 102 16.48 22.34 18.74
C GLY E 102 16.50 20.86 19.11
N SER E 103 15.57 20.44 19.95
CA SER E 103 15.47 19.04 20.36
C SER E 103 14.21 18.88 21.20
N MET E 104 14.01 17.69 21.78
CA MET E 104 12.85 17.55 22.66
C MET E 104 13.04 18.45 23.86
N ARG E 105 14.28 18.83 24.13
CA ARG E 105 14.54 19.62 25.32
C ARG E 105 13.86 20.97 25.15
N THR E 106 13.82 21.45 23.93
N THR E 106 13.85 21.46 23.93
CA THR E 106 13.28 22.77 23.68
CA THR E 106 13.30 22.77 23.64
C THR E 106 11.82 22.73 23.24
C THR E 106 11.80 22.69 23.36
N HIS E 107 11.34 21.56 22.83
CA HIS E 107 9.98 21.47 22.32
C HIS E 107 8.97 20.64 23.15
N ARG E 108 9.46 19.88 24.13
CA ARG E 108 8.55 18.93 24.80
C ARG E 108 7.41 19.58 25.58
N VAL E 109 7.65 20.74 26.20
CA VAL E 109 6.55 21.40 26.89
C VAL E 109 5.43 21.79 25.92
N MET E 110 5.78 22.45 24.82
CA MET E 110 4.77 22.80 23.82
C MET E 110 4.04 21.55 23.32
N LEU E 111 4.79 20.48 23.06
CA LEU E 111 4.16 19.29 22.53
C LEU E 111 3.22 18.69 23.57
N SER E 112 3.56 18.83 24.85
CA SER E 112 2.69 18.30 25.91
C SER E 112 1.35 19.04 25.92
N HIS E 113 1.39 20.34 25.65
CA HIS E 113 0.15 21.12 25.54
C HIS E 113 -0.68 20.69 24.34
N ILE E 114 -0.03 20.47 23.21
CA ILE E 114 -0.74 19.97 22.03
C ILE E 114 -1.35 18.59 22.32
N ALA E 115 -0.56 17.72 22.93
CA ALA E 115 -1.04 16.39 23.27
C ALA E 115 -2.32 16.46 24.10
N ARG E 116 -2.28 17.24 25.17
CA ARG E 116 -3.45 17.37 26.05
C ARG E 116 -4.64 17.98 25.31
N ALA E 117 -4.38 18.96 24.45
CA ALA E 117 -5.46 19.60 23.71
C ALA E 117 -6.11 18.65 22.70
N ALA E 118 -5.30 17.83 22.03
CA ALA E 118 -5.82 16.94 21.00
C ALA E 118 -6.31 15.64 21.61
N GLY E 119 -5.84 15.33 22.80
CA GLY E 119 -6.13 14.07 23.45
C GLY E 119 -5.42 12.90 22.78
N CYS E 120 -4.29 13.16 22.13
CA CYS E 120 -3.55 12.09 21.48
C CYS E 120 -2.15 11.93 22.07
N ARG E 121 -1.40 10.97 21.53
CA ARG E 121 0.03 10.86 21.86
C ARG E 121 0.83 11.70 20.87
N VAL E 122 1.90 12.32 21.35
CA VAL E 122 2.87 12.98 20.47
C VAL E 122 4.13 12.10 20.39
N LEU E 123 4.59 11.83 19.18
CA LEU E 123 5.88 11.21 18.99
C LEU E 123 6.84 12.28 18.42
N GLY E 124 7.70 12.83 19.27
CA GLY E 124 8.64 13.85 18.84
C GLY E 124 9.98 13.27 18.44
N LEU E 125 10.47 13.64 17.27
CA LEU E 125 11.72 13.10 16.76
C LEU E 125 12.92 13.97 17.06
N ASP E 126 13.95 13.40 17.68
CA ASP E 126 15.24 14.09 17.73
C ASP E 126 16.01 13.70 16.47
N TYR E 127 15.56 14.22 15.34
CA TYR E 127 16.12 13.83 14.05
C TYR E 127 17.53 14.40 13.87
N ARG E 128 18.24 13.87 12.89
CA ARG E 128 19.62 14.26 12.63
C ARG E 128 19.79 15.73 12.22
N LEU E 129 20.72 16.42 12.85
CA LEU E 129 20.90 17.84 12.59
C LEU E 129 22.17 18.11 11.80
N ALA E 130 22.17 19.21 11.06
CA ALA E 130 23.37 19.76 10.45
C ALA E 130 24.10 20.64 11.49
N PRO E 131 25.41 20.88 11.28
CA PRO E 131 26.21 20.46 10.12
C PRO E 131 26.65 19.01 10.14
N GLU E 132 26.48 18.30 11.26
CA GLU E 132 27.01 16.96 11.37
C GLU E 132 26.47 16.03 10.27
N THR E 133 25.16 16.10 10.06
CA THR E 133 24.52 15.35 9.00
C THR E 133 23.57 16.30 8.28
N PRO E 134 23.89 16.63 7.03
CA PRO E 134 23.17 17.64 6.23
C PRO E 134 21.89 17.09 5.58
N PHE E 135 21.16 18.00 4.93
CA PHE E 135 20.07 17.67 4.02
C PHE E 135 20.52 16.54 3.10
N PRO E 136 19.65 15.54 2.86
CA PRO E 136 18.26 15.41 3.31
C PRO E 136 18.04 14.47 4.52
N ALA E 137 18.99 14.39 5.45
CA ALA E 137 18.85 13.46 6.57
C ALA E 137 17.51 13.55 7.34
N PRO E 138 17.02 14.78 7.60
CA PRO E 138 15.77 14.84 8.39
C PRO E 138 14.57 14.29 7.66
N VAL E 139 14.58 14.39 6.33
CA VAL E 139 13.51 13.81 5.53
C VAL E 139 13.60 12.29 5.66
N GLU E 140 14.80 11.75 5.53
CA GLU E 140 14.99 10.31 5.74
C GLU E 140 14.49 9.87 7.11
N ASP E 141 14.82 10.65 8.14
CA ASP E 141 14.41 10.30 9.50
C ASP E 141 12.91 10.31 9.68
N THR E 142 12.25 11.29 9.07
CA THR E 142 10.81 11.41 9.24
C THR E 142 10.15 10.20 8.60
N VAL E 143 10.59 9.86 7.38
CA VAL E 143 10.12 8.67 6.68
C VAL E 143 10.34 7.39 7.47
N ALA E 144 11.54 7.23 8.04
CA ALA E 144 11.82 6.03 8.85
C ALA E 144 10.85 5.92 10.04
N ALA E 145 10.61 7.04 10.71
CA ALA E 145 9.72 7.08 11.87
C ALA E 145 8.29 6.76 11.48
N TYR E 146 7.84 7.31 10.36
CA TYR E 146 6.49 7.04 9.89
C TYR E 146 6.37 5.57 9.52
N ARG E 147 7.38 5.06 8.83
CA ARG E 147 7.38 3.63 8.50
C ARG E 147 7.33 2.78 9.77
N TRP E 148 7.94 3.29 10.85
CA TRP E 148 7.93 2.56 12.10
C TRP E 148 6.49 2.50 12.64
N LEU E 149 5.79 3.62 12.55
CA LEU E 149 4.43 3.64 13.06
C LEU E 149 3.56 2.64 12.31
N LEU E 150 3.66 2.66 10.98
CA LEU E 150 2.88 1.73 10.17
C LEU E 150 3.21 0.28 10.51
N ALA E 151 4.49 -0.01 10.66
CA ALA E 151 4.95 -1.36 10.98
C ALA E 151 4.45 -1.80 12.35
N HIS E 152 4.15 -0.83 13.22
CA HIS E 152 3.72 -1.18 14.56
C HIS E 152 2.23 -1.06 14.77
N GLY E 153 1.49 -1.16 13.67
CA GLY E 153 0.04 -1.27 13.72
C GLY E 153 -0.72 0.03 13.90
N TYR E 154 -0.03 1.16 13.79
CA TYR E 154 -0.74 2.44 13.82
C TYR E 154 -1.37 2.70 12.47
N ASP E 155 -2.57 3.26 12.47
CA ASP E 155 -3.35 3.48 11.25
C ASP E 155 -3.05 4.84 10.63
N PRO E 156 -2.76 4.86 9.32
CA PRO E 156 -2.54 6.13 8.61
C PRO E 156 -3.63 7.17 8.91
N SER E 157 -4.88 6.74 9.04
CA SER E 157 -5.97 7.70 9.28
C SER E 157 -5.96 8.24 10.72
N ARG E 158 -5.12 7.70 11.57
CA ARG E 158 -5.00 8.20 12.94
C ARG E 158 -3.63 8.82 13.26
N ILE E 159 -2.88 9.13 12.21
CA ILE E 159 -1.58 9.78 12.35
C ILE E 159 -1.59 11.13 11.65
N ALA E 160 -1.07 12.17 12.31
CA ALA E 160 -0.82 13.44 11.67
C ALA E 160 0.64 13.85 11.87
N LEU E 161 1.20 14.59 10.92
CA LEU E 161 2.55 15.14 11.05
C LEU E 161 2.45 16.61 11.42
N GLY E 162 3.31 17.06 12.33
CA GLY E 162 3.34 18.46 12.70
C GLY E 162 4.78 18.93 12.83
N GLY E 163 4.98 20.23 12.68
CA GLY E 163 6.31 20.80 12.87
C GLY E 163 6.28 22.30 12.84
N ASP E 164 7.32 22.93 13.41
CA ASP E 164 7.45 24.38 13.40
C ASP E 164 8.75 24.77 12.71
N SER E 165 8.71 25.90 12.02
CA SER E 165 9.87 26.49 11.32
C SER E 165 10.46 25.46 10.36
N ALA E 166 11.73 25.11 10.53
CA ALA E 166 12.32 24.06 9.69
C ALA E 166 11.42 22.82 9.71
N GLY E 167 10.89 22.49 10.89
CA GLY E 167 9.95 21.36 11.06
C GLY E 167 8.67 21.49 10.26
N GLY E 168 8.14 22.72 10.19
CA GLY E 168 6.97 22.98 9.34
C GLY E 168 7.23 22.67 7.88
N GLY E 169 8.40 23.07 7.39
CA GLY E 169 8.77 22.76 6.01
C GLY E 169 9.00 21.26 5.83
N LEU E 170 9.63 20.66 6.83
CA LEU E 170 9.89 19.23 6.85
C LEU E 170 8.59 18.43 6.77
N VAL E 171 7.56 18.90 7.45
CA VAL E 171 6.26 18.21 7.37
C VAL E 171 5.88 18.05 5.90
N VAL E 172 6.00 19.15 5.15
CA VAL E 172 5.60 19.17 3.75
C VAL E 172 6.50 18.27 2.88
N ALA E 173 7.82 18.46 2.99
CA ALA E 173 8.78 17.63 2.28
C ALA E 173 8.56 16.16 2.56
N ALA E 174 8.31 15.83 3.82
CA ALA E 174 8.12 14.44 4.20
C ALA E 174 6.85 13.85 3.61
N LEU E 175 5.77 14.65 3.59
CA LEU E 175 4.51 14.21 3.00
C LEU E 175 4.73 13.95 1.51
N VAL E 176 5.46 14.85 0.85
CA VAL E 176 5.78 14.67 -0.55
C VAL E 176 6.63 13.40 -0.75
N ALA E 177 7.69 13.26 0.03
CA ALA E 177 8.52 12.05 -0.04
C ALA E 177 7.68 10.79 0.13
N LEU E 178 6.85 10.75 1.16
CA LEU E 178 5.98 9.59 1.39
C LEU E 178 5.12 9.23 0.17
N ARG E 179 4.53 10.23 -0.46
CA ARG E 179 3.74 9.97 -1.67
C ARG E 179 4.62 9.43 -2.81
N TYR E 180 5.78 10.05 -2.99
CA TYR E 180 6.72 9.61 -4.01
C TYR E 180 7.20 8.15 -3.85
N ILE E 181 7.33 7.66 -2.62
CA ILE E 181 7.72 6.26 -2.41
C ILE E 181 6.53 5.34 -2.09
N GLY E 182 5.32 5.82 -2.36
CA GLY E 182 4.15 4.96 -2.31
C GLY E 182 3.58 4.54 -0.96
N GLU E 183 3.99 5.22 0.12
CA GLU E 183 3.48 4.94 1.45
C GLU E 183 2.07 5.51 1.57
N PRO E 184 1.20 4.84 2.34
CA PRO E 184 -0.13 5.41 2.56
C PRO E 184 0.02 6.67 3.41
N LEU E 185 -0.61 7.74 2.96
CA LEU E 185 -0.38 9.05 3.57
C LEU E 185 -1.16 9.22 4.86
N PRO E 186 -0.62 10.02 5.79
CA PRO E 186 -1.23 10.37 7.07
C PRO E 186 -2.51 11.19 6.87
N ALA E 187 -3.25 11.40 7.95
CA ALA E 187 -4.53 12.09 7.87
C ALA E 187 -4.38 13.59 7.67
N ALA E 188 -3.26 14.16 8.12
CA ALA E 188 -3.13 15.61 8.11
C ALA E 188 -1.72 16.09 8.40
N GLY E 189 -1.47 17.35 8.09
CA GLY E 189 -0.22 18.01 8.44
C GLY E 189 -0.51 19.33 9.15
N VAL E 190 0.32 19.64 10.14
CA VAL E 190 0.25 20.92 10.85
C VAL E 190 1.58 21.67 10.71
N CYS E 191 1.53 22.89 10.21
CA CYS E 191 2.75 23.68 9.96
C CYS E 191 2.72 25.00 10.75
N LEU E 192 3.56 25.10 11.77
CA LEU E 192 3.66 26.31 12.58
C LEU E 192 4.84 27.16 12.13
N SER E 193 4.58 28.32 11.52
CA SER E 193 5.63 29.21 10.99
C SER E 193 6.61 28.45 10.10
N PRO E 194 6.10 27.70 9.12
CA PRO E 194 6.95 26.84 8.30
C PRO E 194 8.00 27.63 7.52
N TRP E 195 9.18 27.05 7.40
CA TRP E 195 10.24 27.58 6.55
C TRP E 195 10.31 26.68 5.30
N ILE E 196 9.88 27.19 4.14
CA ILE E 196 9.81 26.37 2.93
C ILE E 196 10.71 26.85 1.81
N ASP E 197 11.57 27.82 2.12
CA ASP E 197 12.37 28.47 1.09
C ASP E 197 13.77 28.78 1.62
N MET E 198 14.73 27.97 1.20
CA MET E 198 16.11 28.09 1.67
C MET E 198 16.74 29.45 1.37
N GLU E 199 16.21 30.13 0.37
CA GLU E 199 16.84 31.36 -0.12
C GLU E 199 16.22 32.61 0.50
N ALA E 200 15.17 32.41 1.31
CA ALA E 200 14.51 33.49 2.03
C ALA E 200 14.08 34.64 1.12
N THR E 201 13.35 34.32 0.05
CA THR E 201 12.96 35.31 -0.95
C THR E 201 11.64 35.98 -0.66
N GLY E 202 10.92 35.50 0.34
CA GLY E 202 9.64 36.09 0.72
C GLY E 202 9.78 37.58 1.01
N GLU E 203 8.81 38.37 0.57
CA GLU E 203 8.88 39.82 0.71
C GLU E 203 8.88 40.27 2.17
N SER E 204 8.24 39.47 3.01
CA SER E 204 8.17 39.74 4.43
C SER E 204 9.56 39.74 5.08
N PHE E 205 10.54 39.10 4.43
CA PHE E 205 11.90 39.18 4.94
C PHE E 205 12.42 40.60 4.87
N THR E 206 11.83 41.39 3.98
CA THR E 206 12.12 42.82 3.92
C THR E 206 11.14 43.62 4.75
N THR E 207 9.84 43.46 4.45
CA THR E 207 8.84 44.30 5.10
C THR E 207 8.76 44.09 6.61
N ASN E 208 9.00 42.87 7.08
CA ASN E 208 8.85 42.59 8.50
C ASN E 208 10.17 42.57 9.25
N ALA E 209 11.23 43.00 8.58
CA ALA E 209 12.57 42.87 9.12
C ALA E 209 12.74 43.55 10.49
N THR E 210 12.14 44.71 10.68
CA THR E 210 12.28 45.40 11.97
C THR E 210 11.19 44.99 12.94
N MET E 211 10.23 44.21 12.47
CA MET E 211 9.11 43.79 13.31
C MET E 211 9.36 42.46 14.01
N ASP E 212 10.21 41.63 13.43
CA ASP E 212 10.44 40.27 13.88
C ASP E 212 11.60 40.25 14.88
N PRO E 213 11.32 39.89 16.13
CA PRO E 213 12.37 39.91 17.15
C PRO E 213 13.30 38.69 17.14
N SER E 214 13.05 37.68 16.31
CA SER E 214 13.86 36.46 16.39
C SER E 214 14.38 35.89 15.08
N VAL E 215 13.74 36.20 13.96
CA VAL E 215 14.20 35.64 12.67
C VAL E 215 14.54 36.77 11.70
N ASN E 216 15.68 36.65 11.03
CA ASN E 216 16.03 37.59 9.98
C ASN E 216 16.69 36.92 8.77
N LYS E 217 16.73 37.63 7.65
CA LYS E 217 17.18 37.03 6.39
C LYS E 217 18.62 36.52 6.48
N GLU E 218 19.49 37.26 7.16
CA GLU E 218 20.89 36.85 7.22
C GLU E 218 21.08 35.57 8.01
N ARG E 219 20.38 35.46 9.13
CA ARG E 219 20.38 34.25 9.93
C ARG E 219 19.89 33.06 9.12
N VAL E 220 18.79 33.24 8.41
CA VAL E 220 18.17 32.15 7.67
C VAL E 220 19.11 31.65 6.60
N MET E 221 19.75 32.59 5.90
CA MET E 221 20.62 32.16 4.82
C MET E 221 21.87 31.45 5.32
N SER E 222 22.44 31.92 6.43
CA SER E 222 23.59 31.25 7.03
C SER E 222 23.25 29.82 7.43
N ILE E 223 22.12 29.67 8.10
CA ILE E 223 21.65 28.36 8.53
C ILE E 223 21.34 27.45 7.33
N ALA E 224 20.71 28.00 6.30
CA ALA E 224 20.41 27.24 5.10
C ALA E 224 21.67 26.65 4.50
N ALA E 225 22.77 27.42 4.51
CA ALA E 225 24.01 26.96 3.93
C ALA E 225 24.59 25.80 4.73
N LEU E 226 24.44 25.87 6.04
CA LEU E 226 24.82 24.77 6.93
C LEU E 226 24.02 23.51 6.65
N TYR E 227 22.72 23.65 6.42
CA TYR E 227 21.85 22.50 6.24
C TYR E 227 22.12 21.84 4.88
N LEU E 228 22.33 22.67 3.87
CA LEU E 228 22.37 22.20 2.49
C LEU E 228 23.64 21.42 2.19
N GLY E 229 24.70 21.69 2.94
CA GLY E 229 25.98 21.03 2.70
C GLY E 229 26.38 21.05 1.22
N GLY E 230 26.12 22.16 0.55
CA GLY E 230 26.54 22.34 -0.83
C GLY E 230 25.53 21.89 -1.88
N LYS E 231 24.40 21.35 -1.42
CA LYS E 231 23.35 20.91 -2.34
C LYS E 231 22.53 22.08 -2.84
N ASN E 232 21.79 21.86 -3.91
CA ASN E 232 21.00 22.93 -4.52
C ASN E 232 19.96 23.58 -3.58
N PRO E 233 20.06 24.90 -3.35
CA PRO E 233 19.16 25.56 -2.39
C PRO E 233 17.69 25.47 -2.80
N GLN E 234 17.41 25.22 -4.08
CA GLN E 234 16.04 25.12 -4.54
C GLN E 234 15.54 23.66 -4.65
N ALA E 235 16.31 22.71 -4.16
CA ALA E 235 15.86 21.32 -4.10
C ALA E 235 14.49 21.22 -3.46
N PRO E 236 13.52 20.61 -4.16
CA PRO E 236 12.15 20.48 -3.63
C PRO E 236 12.02 19.98 -2.18
N LEU E 237 12.87 19.07 -1.73
CA LEU E 237 12.73 18.52 -0.39
C LEU E 237 13.36 19.40 0.70
N ALA E 238 14.20 20.35 0.30
CA ALA E 238 14.76 21.32 1.23
C ALA E 238 13.89 22.57 1.18
N SER E 239 13.44 22.91 -0.03
CA SER E 239 12.59 24.09 -0.27
C SER E 239 11.29 23.67 -0.93
N PRO E 240 10.33 23.14 -0.15
CA PRO E 240 9.09 22.63 -0.74
C PRO E 240 8.28 23.72 -1.47
N LEU E 241 8.71 24.97 -1.37
CA LEU E 241 8.24 26.00 -2.30
C LEU E 241 8.28 25.49 -3.75
N TYR E 242 9.15 24.52 -4.03
CA TYR E 242 9.34 24.01 -5.39
C TYR E 242 8.86 22.57 -5.55
N ALA E 243 8.24 22.02 -4.51
CA ALA E 243 7.86 20.62 -4.51
C ALA E 243 6.48 20.41 -5.13
N ASP E 244 6.27 19.23 -5.70
CA ASP E 244 4.97 18.82 -6.21
C ASP E 244 4.08 18.50 -5.01
N LEU E 245 3.04 19.31 -4.79
CA LEU E 245 2.20 19.16 -3.60
C LEU E 245 0.91 18.37 -3.84
N GLN E 246 0.78 17.79 -5.02
CA GLN E 246 -0.40 17.01 -5.35
C GLN E 246 -0.61 15.86 -4.38
N GLY E 247 -1.86 15.63 -4.01
CA GLY E 247 -2.21 14.45 -3.21
C GLY E 247 -2.03 14.58 -1.70
N LEU E 248 -1.50 15.70 -1.21
CA LEU E 248 -1.27 15.83 0.22
C LEU E 248 -2.59 15.94 0.98
N PRO E 249 -2.59 15.51 2.25
CA PRO E 249 -3.80 15.56 3.06
C PRO E 249 -3.98 16.98 3.64
N PRO E 250 -5.10 17.20 4.33
CA PRO E 250 -5.42 18.56 4.81
C PRO E 250 -4.31 19.18 5.66
N LEU E 251 -4.03 20.45 5.42
CA LEU E 251 -3.01 21.15 6.20
C LEU E 251 -3.62 22.26 7.04
N LEU E 252 -3.10 22.41 8.26
CA LEU E 252 -3.34 23.62 9.04
C LEU E 252 -2.03 24.39 9.11
N VAL E 253 -2.04 25.64 8.68
CA VAL E 253 -0.87 26.49 8.78
C VAL E 253 -1.14 27.69 9.71
N GLN E 254 -0.32 27.85 10.75
CA GLN E 254 -0.36 29.04 11.61
C GLN E 254 0.94 29.82 11.46
N VAL E 255 0.86 31.15 11.53
CA VAL E 255 2.03 32.01 11.43
C VAL E 255 1.70 33.35 12.08
N GLY E 256 2.73 34.08 12.50
CA GLY E 256 2.52 35.34 13.19
C GLY E 256 2.58 36.49 12.20
N GLY E 257 1.78 37.52 12.43
CA GLY E 257 1.71 38.64 11.52
C GLY E 257 2.98 39.49 11.42
N ILE E 258 3.85 39.45 12.43
CA ILE E 258 5.07 40.25 12.38
C ILE E 258 6.26 39.45 11.86
N GLU E 259 6.03 38.20 11.47
CA GLU E 259 7.12 37.32 11.09
C GLU E 259 7.71 37.63 9.73
N THR E 260 9.04 37.58 9.64
CA THR E 260 9.69 37.60 8.34
C THR E 260 9.30 36.34 7.53
N LEU E 261 8.91 35.28 8.22
CA LEU E 261 8.53 34.02 7.57
C LEU E 261 7.07 34.01 7.12
N LEU E 262 6.40 35.14 7.27
CA LEU E 262 4.99 35.27 6.93
C LEU E 262 4.71 34.86 5.49
N ASP E 263 5.51 35.32 4.57
CA ASP E 263 5.29 34.99 3.17
C ASP E 263 5.59 33.52 2.84
N ASP E 264 6.42 32.86 3.64
CA ASP E 264 6.59 31.42 3.47
C ASP E 264 5.27 30.69 3.74
N ALA E 265 4.60 31.10 4.82
CA ALA E 265 3.32 30.48 5.18
C ALA E 265 2.25 30.74 4.11
N ARG E 266 2.24 31.96 3.56
CA ARG E 266 1.26 32.32 2.55
C ARG E 266 1.51 31.56 1.25
N ALA E 267 2.78 31.49 0.86
CA ALA E 267 3.19 30.78 -0.35
C ALA E 267 2.84 29.29 -0.27
N LEU E 268 3.08 28.70 0.90
CA LEU E 268 2.78 27.28 1.07
C LEU E 268 1.29 27.04 0.91
N THR E 269 0.49 27.89 1.56
CA THR E 269 -0.97 27.76 1.51
C THR E 269 -1.50 27.92 0.07
N THR E 270 -0.95 28.88 -0.66
CA THR E 270 -1.36 29.17 -2.02
C THR E 270 -0.96 28.03 -2.94
N ARG E 271 0.27 27.55 -2.78
CA ARG E 271 0.76 26.45 -3.60
C ARG E 271 -0.03 25.17 -3.31
N ALA E 272 -0.29 24.91 -2.04
CA ALA E 272 -1.10 23.77 -1.65
C ALA E 272 -2.49 23.79 -2.29
N LYS E 273 -3.19 24.91 -2.12
CA LYS E 273 -4.55 25.04 -2.68
C LYS E 273 -4.55 24.83 -4.19
N ALA E 274 -3.57 25.40 -4.86
CA ALA E 274 -3.44 25.28 -6.30
C ALA E 274 -3.23 23.83 -6.73
N ALA E 275 -2.68 23.02 -5.83
CA ALA E 275 -2.43 21.61 -6.12
C ALA E 275 -3.61 20.73 -5.70
N GLY E 276 -4.67 21.35 -5.22
CA GLY E 276 -5.88 20.64 -4.81
C GLY E 276 -5.92 20.21 -3.36
N VAL E 277 -4.99 20.71 -2.57
CA VAL E 277 -4.86 20.33 -1.17
C VAL E 277 -5.75 21.25 -0.34
N ASP E 278 -6.41 20.67 0.65
CA ASP E 278 -7.24 21.41 1.58
C ASP E 278 -6.33 22.06 2.62
N ALA E 279 -5.99 23.34 2.41
CA ALA E 279 -5.07 24.02 3.31
C ALA E 279 -5.72 25.25 3.92
N ASP E 280 -5.52 25.45 5.20
CA ASP E 280 -6.10 26.60 5.85
C ASP E 280 -5.05 27.38 6.59
N LEU E 281 -4.98 28.68 6.30
CA LEU E 281 -3.97 29.53 6.90
C LEU E 281 -4.58 30.44 7.97
N GLU E 282 -3.93 30.51 9.12
CA GLU E 282 -4.29 31.46 10.15
C GLU E 282 -3.12 32.36 10.40
N VAL E 283 -3.27 33.66 10.17
CA VAL E 283 -2.26 34.64 10.53
C VAL E 283 -2.64 35.31 11.85
N TRP E 284 -1.81 35.15 12.88
CA TRP E 284 -2.15 35.67 14.20
C TRP E 284 -1.45 37.01 14.39
N ASP E 285 -2.23 38.08 14.42
CA ASP E 285 -1.66 39.42 14.57
C ASP E 285 -0.74 39.52 15.79
N ASP E 286 0.37 40.23 15.62
CA ASP E 286 1.28 40.62 16.69
C ASP E 286 2.12 39.49 17.26
N MET E 287 1.93 38.27 16.76
CA MET E 287 2.62 37.12 17.35
C MET E 287 3.99 36.90 16.73
N PRO E 288 4.99 36.59 17.58
CA PRO E 288 6.34 36.32 17.11
C PRO E 288 6.45 34.86 16.67
N HIS E 289 7.56 34.53 16.05
CA HIS E 289 7.88 33.19 15.57
C HIS E 289 7.57 32.10 16.60
N VAL E 290 6.74 31.14 16.21
CA VAL E 290 6.35 30.02 17.06
C VAL E 290 6.05 30.46 18.49
N TRP E 291 5.11 31.39 18.60
CA TRP E 291 4.70 31.91 19.90
C TRP E 291 4.05 30.81 20.72
N GLN E 292 3.66 29.72 20.04
CA GLN E 292 3.04 28.59 20.74
C GLN E 292 3.94 27.96 21.81
N HIS E 293 5.25 28.15 21.71
CA HIS E 293 6.19 27.68 22.75
C HIS E 293 5.82 28.29 24.09
N PHE E 294 5.28 29.50 24.07
CA PHE E 294 5.08 30.25 25.31
C PHE E 294 3.68 30.07 25.88
N ALA E 295 2.93 29.11 25.34
CA ALA E 295 1.58 28.83 25.85
C ALA E 295 1.40 28.92 27.38
N PRO E 296 2.37 28.39 28.16
CA PRO E 296 2.26 28.42 29.62
C PRO E 296 2.10 29.84 30.20
N ILE E 297 2.66 30.84 29.54
CA ILE E 297 2.58 32.22 30.02
C ILE E 297 1.86 33.18 29.07
N LEU E 298 1.41 32.66 27.93
CA LEU E 298 0.82 33.50 26.88
C LEU E 298 -0.56 33.02 26.39
N PRO E 299 -1.61 33.80 26.70
CA PRO E 299 -2.97 33.43 26.25
C PRO E 299 -3.07 33.07 24.75
N GLU E 300 -2.37 33.78 23.89
CA GLU E 300 -2.46 33.50 22.46
C GLU E 300 -1.79 32.17 22.13
N GLY E 301 -0.86 31.77 23.00
CA GLY E 301 -0.20 30.48 22.86
C GLY E 301 -1.20 29.40 23.14
N LYS E 302 -1.90 29.53 24.27
CA LYS E 302 -2.94 28.57 24.60
C LYS E 302 -4.03 28.52 23.53
N GLN E 303 -4.44 29.69 23.02
CA GLN E 303 -5.51 29.74 22.03
C GLN E 303 -5.10 29.02 20.73
N ALA E 304 -3.89 29.31 20.27
CA ALA E 304 -3.39 28.72 19.04
C ALA E 304 -3.28 27.21 19.16
N ILE E 305 -2.84 26.75 20.32
CA ILE E 305 -2.72 25.31 20.57
C ILE E 305 -4.12 24.66 20.68
N ALA E 306 -5.07 25.35 21.28
CA ALA E 306 -6.45 24.83 21.33
C ALA E 306 -6.97 24.63 19.91
N ARG E 307 -6.53 25.49 19.01
CA ARG E 307 -6.96 25.44 17.62
C ARG E 307 -6.29 24.25 16.91
N ILE E 308 -5.01 24.04 17.19
CA ILE E 308 -4.32 22.85 16.68
C ILE E 308 -5.03 21.59 17.18
N GLY E 309 -5.35 21.57 18.47
CA GLY E 309 -6.06 20.45 19.09
C GLY E 309 -7.40 20.12 18.43
N GLU E 310 -8.18 21.15 18.14
CA GLU E 310 -9.46 20.98 17.44
C GLU E 310 -9.25 20.39 16.07
N PHE E 311 -8.27 20.92 15.34
CA PHE E 311 -7.95 20.43 14.01
C PHE E 311 -7.56 18.95 14.06
N LEU E 312 -6.73 18.60 15.02
CA LEU E 312 -6.28 17.21 15.15
C LEU E 312 -7.44 16.27 15.51
N ARG E 313 -8.24 16.66 16.49
CA ARG E 313 -9.42 15.86 16.86
C ARG E 313 -10.32 15.62 15.66
N LYS E 314 -10.45 16.61 14.79
CA LYS E 314 -11.25 16.43 13.58
C LYS E 314 -10.63 15.43 12.60
N GLN E 315 -9.32 15.53 12.41
CA GLN E 315 -8.63 14.76 11.37
C GLN E 315 -8.23 13.34 11.80
N ILE E 316 -7.76 13.18 13.03
CA ILE E 316 -7.32 11.85 13.48
C ILE E 316 -8.19 11.30 14.59
N GLY E 317 -9.04 12.15 15.16
CA GLY E 317 -9.91 11.74 16.24
C GLY E 317 -11.28 11.32 15.74
N MET F 21 -22.41 2.94 60.25
CA MET F 21 -23.08 2.73 58.98
C MET F 21 -24.50 3.27 59.01
N ALA F 22 -25.36 2.64 59.81
CA ALA F 22 -26.72 3.17 60.00
C ALA F 22 -27.15 3.12 61.46
N LYS F 23 -28.24 3.82 61.75
CA LYS F 23 -28.64 4.08 63.12
C LYS F 23 -29.57 2.99 63.65
N SER F 24 -29.36 2.65 64.92
CA SER F 24 -29.86 1.43 65.55
C SER F 24 -28.69 1.01 66.41
N PRO F 25 -28.85 1.00 67.74
CA PRO F 25 -27.70 0.63 68.57
C PRO F 25 -27.17 -0.77 68.25
N GLU F 26 -28.06 -1.71 67.93
CA GLU F 26 -27.65 -3.07 67.62
C GLU F 26 -26.78 -3.13 66.37
N LEU F 27 -27.22 -2.48 65.29
CA LEU F 27 -26.41 -2.35 64.08
C LEU F 27 -25.09 -1.61 64.34
N ASP F 28 -25.15 -0.54 65.14
CA ASP F 28 -23.93 0.20 65.48
C ASP F 28 -22.92 -0.74 66.11
N ARG F 29 -23.39 -1.58 67.02
CA ARG F 29 -22.53 -2.51 67.72
C ARG F 29 -21.91 -3.52 66.75
N VAL F 30 -22.71 -4.03 65.80
CA VAL F 30 -22.21 -4.99 64.82
C VAL F 30 -21.13 -4.34 63.95
N ILE F 31 -21.43 -3.15 63.43
CA ILE F 31 -20.49 -2.45 62.57
C ILE F 31 -19.16 -2.24 63.31
N GLY F 32 -19.24 -1.93 64.60
CA GLY F 32 -18.06 -1.78 65.43
C GLY F 32 -17.21 -3.04 65.49
N MET F 33 -17.85 -4.18 65.69
CA MET F 33 -17.11 -5.45 65.72
C MET F 33 -16.42 -5.70 64.38
N ILE F 34 -17.11 -5.36 63.29
CA ILE F 34 -16.59 -5.58 61.96
C ILE F 34 -15.40 -4.65 61.69
N ARG F 35 -15.56 -3.38 62.04
CA ARG F 35 -14.51 -2.38 61.79
C ARG F 35 -13.29 -2.68 62.64
N GLU F 36 -13.49 -3.23 63.83
CA GLU F 36 -12.35 -3.55 64.67
C GLU F 36 -11.50 -4.63 64.00
N ARG F 37 -12.15 -5.70 63.57
CA ARG F 37 -11.42 -6.74 62.84
C ARG F 37 -10.70 -6.19 61.60
N ALA F 38 -11.41 -5.40 60.79
CA ALA F 38 -10.84 -4.89 59.55
C ALA F 38 -9.61 -4.01 59.79
N ALA F 39 -9.51 -3.45 60.99
CA ALA F 39 -8.42 -2.54 61.32
C ALA F 39 -7.33 -3.21 62.15
N THR F 40 -7.57 -4.45 62.59
CA THR F 40 -6.57 -5.17 63.38
C THR F 40 -5.41 -5.64 62.49
N PRO F 41 -4.17 -5.25 62.86
CA PRO F 41 -2.97 -5.59 62.10
C PRO F 41 -2.70 -7.10 62.07
N ARG F 42 -2.43 -7.62 60.88
CA ARG F 42 -2.24 -9.07 60.72
C ARG F 42 -1.07 -9.35 59.77
N LYS F 43 -0.51 -10.55 59.85
CA LYS F 43 0.63 -10.90 59.03
C LYS F 43 0.42 -12.19 58.25
N THR F 44 0.09 -13.26 58.96
CA THR F 44 0.06 -14.59 58.34
C THR F 44 -1.35 -15.03 58.01
N THR F 45 -1.47 -16.03 57.14
CA THR F 45 -2.76 -16.62 56.84
C THR F 45 -3.44 -17.10 58.11
N ASP F 46 -2.69 -17.76 58.99
CA ASP F 46 -3.32 -18.26 60.19
C ASP F 46 -3.73 -17.12 61.13
N ASP F 47 -2.97 -16.02 61.12
CA ASP F 47 -3.40 -14.81 61.84
C ASP F 47 -4.77 -14.36 61.33
N ASP F 48 -4.94 -14.30 60.01
CA ASP F 48 -6.24 -13.95 59.43
C ASP F 48 -7.34 -14.94 59.83
N ARG F 49 -7.01 -16.23 59.83
CA ARG F 49 -7.97 -17.24 60.28
C ARG F 49 -8.40 -17.02 61.74
N ARG F 50 -7.43 -16.78 62.60
CA ARG F 50 -7.70 -16.59 64.02
C ARG F 50 -8.52 -15.32 64.28
N LEU F 51 -8.20 -14.25 63.55
CA LEU F 51 -8.89 -12.96 63.72
C LEU F 51 -10.37 -13.07 63.39
N TYR F 52 -10.70 -13.87 62.38
CA TYR F 52 -12.10 -14.10 61.99
C TYR F 52 -12.80 -14.83 63.13
N GLU F 53 -12.14 -15.86 63.65
CA GLU F 53 -12.63 -16.59 64.81
C GLU F 53 -12.83 -15.65 66.01
N THR F 54 -11.91 -14.71 66.19
CA THR F 54 -11.98 -13.79 67.32
C THR F 54 -13.21 -12.90 67.23
N MET F 55 -13.48 -12.38 66.03
CA MET F 55 -14.61 -11.48 65.85
C MET F 55 -15.92 -12.15 66.25
N LEU F 56 -16.05 -13.43 65.92
CA LEU F 56 -17.32 -14.12 66.06
C LEU F 56 -17.36 -14.93 67.35
N GLY F 57 -16.26 -14.90 68.09
CA GLY F 57 -16.08 -15.78 69.22
C GLY F 57 -16.71 -15.34 70.52
N SER F 58 -17.25 -14.13 70.58
CA SER F 58 -17.91 -13.65 71.79
C SER F 58 -19.39 -14.07 71.85
N MET F 59 -19.87 -14.74 70.80
CA MET F 59 -21.24 -15.21 70.76
C MET F 59 -21.28 -16.74 70.82
N PRO F 60 -21.51 -17.29 72.02
CA PRO F 60 -21.43 -18.73 72.33
C PRO F 60 -22.60 -19.56 71.77
N LEU F 61 -22.38 -20.87 71.61
CA LEU F 61 -23.42 -21.79 71.17
C LEU F 61 -24.46 -21.94 72.28
N ASP F 62 -25.74 -21.87 71.94
CA ASP F 62 -26.80 -22.17 72.89
C ASP F 62 -26.58 -23.52 73.55
N ASP F 63 -26.93 -23.63 74.82
CA ASP F 63 -26.72 -24.85 75.61
C ASP F 63 -27.44 -26.07 75.03
N ASP F 64 -28.55 -25.85 74.35
CA ASP F 64 -29.37 -26.96 73.91
C ASP F 64 -29.03 -27.44 72.50
N ILE F 65 -27.99 -26.88 71.89
CA ILE F 65 -27.59 -27.25 70.55
C ILE F 65 -26.73 -28.51 70.58
N GLN F 66 -27.08 -29.48 69.75
CA GLN F 66 -26.24 -30.67 69.64
C GLN F 66 -25.27 -30.50 68.47
N THR F 67 -24.02 -30.92 68.66
CA THR F 67 -23.04 -30.96 67.58
C THR F 67 -22.30 -32.29 67.57
N GLU F 68 -21.81 -32.69 66.40
CA GLU F 68 -21.02 -33.91 66.26
C GLU F 68 -20.05 -33.77 65.11
N ARG F 69 -18.77 -34.01 65.37
CA ARG F 69 -17.76 -33.95 64.32
C ARG F 69 -17.68 -35.32 63.66
N LEU F 70 -17.59 -35.35 62.35
CA LEU F 70 -17.49 -36.61 61.63
C LEU F 70 -16.91 -36.36 60.25
N GLY F 71 -16.52 -37.44 59.57
CA GLY F 71 -16.03 -37.33 58.21
C GLY F 71 -17.14 -37.80 57.29
N VAL F 72 -17.35 -37.07 56.20
CA VAL F 72 -18.32 -37.46 55.19
C VAL F 72 -17.57 -37.66 53.88
N ASN F 73 -17.37 -38.91 53.50
CA ASN F 73 -16.53 -39.19 52.32
C ASN F 73 -15.20 -38.45 52.41
N GLY F 74 -14.60 -38.45 53.59
CA GLY F 74 -13.27 -37.91 53.75
C GLY F 74 -13.25 -36.43 54.07
N VAL F 75 -14.40 -35.76 54.00
CA VAL F 75 -14.46 -34.34 54.31
C VAL F 75 -14.79 -34.11 55.79
N PRO F 76 -13.96 -33.33 56.51
CA PRO F 76 -14.31 -33.05 57.90
C PRO F 76 -15.60 -32.24 57.95
N ALA F 77 -16.50 -32.60 58.88
CA ALA F 77 -17.83 -32.01 58.92
C ALA F 77 -18.39 -31.98 60.34
N GLU F 78 -19.52 -31.29 60.51
CA GLU F 78 -20.14 -31.15 61.81
C GLU F 78 -21.67 -31.14 61.69
N TRP F 79 -22.35 -32.09 62.33
CA TRP F 79 -23.79 -32.02 62.47
C TRP F 79 -24.07 -30.93 63.49
N ILE F 80 -25.05 -30.08 63.19
CA ILE F 80 -25.50 -29.05 64.10
C ILE F 80 -27.02 -29.06 64.10
N TYR F 81 -27.63 -29.26 65.27
CA TYR F 81 -29.09 -29.23 65.33
C TYR F 81 -29.66 -28.89 66.71
N ALA F 82 -30.86 -28.33 66.68
CA ALA F 82 -31.58 -27.94 67.89
C ALA F 82 -32.60 -29.02 68.25
N PRO F 83 -33.15 -28.96 69.47
CA PRO F 83 -34.16 -29.95 69.88
C PRO F 83 -35.31 -30.00 68.88
N GLY F 84 -35.83 -31.20 68.62
CA GLY F 84 -36.99 -31.35 67.77
C GLY F 84 -36.66 -31.31 66.30
N ALA F 85 -35.38 -31.40 65.97
CA ALA F 85 -34.95 -31.34 64.58
C ALA F 85 -35.45 -32.58 63.83
N ARG F 86 -35.76 -32.40 62.55
CA ARG F 86 -36.02 -33.53 61.66
C ARG F 86 -34.74 -34.13 61.17
N ASP F 87 -34.49 -35.37 61.57
CA ASP F 87 -33.22 -36.03 61.28
C ASP F 87 -33.14 -36.45 59.81
N ASP F 88 -34.24 -36.29 59.07
CA ASP F 88 -34.22 -36.64 57.65
C ASP F 88 -34.14 -35.41 56.74
N GLN F 89 -34.14 -34.21 57.33
CA GLN F 89 -33.94 -33.01 56.53
C GLN F 89 -32.55 -32.45 56.80
N VAL F 90 -31.82 -32.13 55.73
CA VAL F 90 -30.44 -31.69 55.88
C VAL F 90 -30.15 -30.44 55.04
N PHE F 91 -29.59 -29.44 55.72
CA PHE F 91 -29.08 -28.22 55.10
C PHE F 91 -27.57 -28.39 55.08
N LEU F 92 -27.03 -28.65 53.89
CA LEU F 92 -25.60 -28.90 53.72
C LEU F 92 -24.94 -27.55 53.51
N TYR F 93 -24.14 -27.12 54.48
CA TYR F 93 -23.74 -25.71 54.52
C TYR F 93 -22.27 -25.47 54.19
N LEU F 94 -22.01 -24.46 53.37
N LEU F 94 -22.00 -24.47 53.35
CA LEU F 94 -20.66 -24.11 52.91
CA LEU F 94 -20.65 -24.12 52.91
C LEU F 94 -20.29 -22.71 53.41
C LEU F 94 -20.28 -22.72 53.41
N HIS F 95 -19.37 -22.63 54.37
CA HIS F 95 -19.04 -21.35 55.01
C HIS F 95 -18.26 -20.43 54.07
N GLY F 96 -18.28 -19.14 54.40
CA GLY F 96 -17.54 -18.13 53.67
C GLY F 96 -16.16 -17.90 54.28
N GLY F 97 -15.42 -16.93 53.76
CA GLY F 97 -14.02 -16.78 54.09
C GLY F 97 -13.12 -16.70 52.85
N GLY F 98 -13.70 -16.40 51.70
CA GLY F 98 -12.93 -16.28 50.47
C GLY F 98 -12.21 -17.55 50.02
N TYR F 99 -12.70 -18.69 50.47
CA TYR F 99 -12.07 -20.00 50.23
C TYR F 99 -10.71 -20.15 50.90
N VAL F 100 -10.41 -19.25 51.84
CA VAL F 100 -9.09 -19.20 52.48
C VAL F 100 -9.18 -19.23 54.01
N ILE F 101 -10.21 -18.59 54.56
CA ILE F 101 -10.41 -18.63 56.01
C ILE F 101 -11.81 -19.14 56.33
N GLY F 102 -12.15 -19.16 57.61
CA GLY F 102 -13.48 -19.62 58.04
C GLY F 102 -13.48 -21.09 58.42
N SER F 103 -14.44 -21.49 59.23
CA SER F 103 -14.60 -22.89 59.64
C SER F 103 -15.90 -23.02 60.43
N MET F 104 -16.14 -24.19 61.01
CA MET F 104 -17.32 -24.31 61.86
C MET F 104 -17.13 -23.44 63.08
N ARG F 105 -15.89 -23.06 63.36
CA ARG F 105 -15.64 -22.27 64.55
C ARG F 105 -16.27 -20.91 64.37
N THR F 106 -16.24 -20.39 63.15
N THR F 106 -16.22 -20.38 63.14
CA THR F 106 -16.79 -19.07 62.91
CA THR F 106 -16.78 -19.07 62.84
C THR F 106 -18.24 -19.10 62.42
C THR F 106 -18.26 -19.12 62.51
N HIS F 107 -18.73 -20.27 62.02
CA HIS F 107 -20.07 -20.35 61.46
C HIS F 107 -21.11 -21.14 62.27
N ARG F 108 -20.68 -21.90 63.28
CA ARG F 108 -21.63 -22.84 63.91
C ARG F 108 -22.79 -22.17 64.65
N VAL F 109 -22.53 -21.00 65.25
CA VAL F 109 -23.62 -20.33 65.94
C VAL F 109 -24.70 -19.92 64.94
N MET F 110 -24.30 -19.24 63.86
CA MET F 110 -25.27 -18.88 62.82
C MET F 110 -26.01 -20.10 62.29
N LEU F 111 -25.30 -21.19 62.07
CA LEU F 111 -25.95 -22.38 61.52
C LEU F 111 -26.94 -22.95 62.53
N SER F 112 -26.60 -22.89 63.81
CA SER F 112 -27.52 -23.36 64.85
C SER F 112 -28.84 -22.57 64.84
N HIS F 113 -28.77 -21.28 64.56
CA HIS F 113 -29.98 -20.45 64.43
C HIS F 113 -30.80 -20.85 63.21
N ILE F 114 -30.11 -21.11 62.11
CA ILE F 114 -30.81 -21.57 60.90
C ILE F 114 -31.46 -22.91 61.16
N ALA F 115 -30.72 -23.80 61.81
CA ALA F 115 -31.24 -25.13 62.13
C ALA F 115 -32.53 -25.03 62.91
N ARG F 116 -32.52 -24.24 63.97
CA ARG F 116 -33.68 -24.09 64.84
C ARG F 116 -34.85 -23.47 64.08
N ALA F 117 -34.56 -22.47 63.25
CA ALA F 117 -35.60 -21.81 62.47
C ALA F 117 -36.25 -22.72 61.41
N ALA F 118 -35.43 -23.54 60.75
CA ALA F 118 -35.92 -24.44 59.71
C ALA F 118 -36.47 -25.74 60.29
N GLY F 119 -36.03 -26.07 61.50
CA GLY F 119 -36.39 -27.33 62.14
C GLY F 119 -35.69 -28.52 61.48
N CYS F 120 -34.54 -28.27 60.88
CA CYS F 120 -33.81 -29.37 60.24
C CYS F 120 -32.43 -29.55 60.86
N ARG F 121 -31.67 -30.54 60.36
CA ARG F 121 -30.28 -30.67 60.75
C ARG F 121 -29.41 -29.88 59.77
N VAL F 122 -28.33 -29.30 60.29
CA VAL F 122 -27.33 -28.66 59.44
C VAL F 122 -26.10 -29.58 59.37
N LEU F 123 -25.62 -29.85 58.16
CA LEU F 123 -24.32 -30.49 57.99
C LEU F 123 -23.33 -29.45 57.45
N GLY F 124 -22.46 -28.94 58.32
CA GLY F 124 -21.51 -27.93 57.93
C GLY F 124 -20.17 -28.54 57.56
N LEU F 125 -19.64 -28.17 56.40
CA LEU F 125 -18.38 -28.72 55.93
C LEU F 125 -17.18 -27.88 56.27
N ASP F 126 -16.18 -28.48 56.93
CA ASP F 126 -14.88 -27.81 57.01
C ASP F 126 -14.09 -28.22 55.78
N TYR F 127 -14.50 -27.70 54.62
CA TYR F 127 -13.92 -28.11 53.35
C TYR F 127 -12.50 -27.57 53.21
N ARG F 128 -11.76 -28.10 52.23
CA ARG F 128 -10.36 -27.74 52.02
C ARG F 128 -10.17 -26.28 51.60
N LEU F 129 -9.20 -25.63 52.23
CA LEU F 129 -9.00 -24.21 52.00
C LEU F 129 -7.70 -23.95 51.24
N ALA F 130 -7.68 -22.87 50.47
CA ALA F 130 -6.45 -22.33 49.91
C ALA F 130 -5.72 -21.48 50.98
N PRO F 131 -4.40 -21.27 50.80
CA PRO F 131 -3.58 -21.70 49.66
C PRO F 131 -3.17 -23.16 49.69
N GLU F 132 -3.38 -23.86 50.80
CA GLU F 132 -2.88 -25.22 50.94
C GLU F 132 -3.42 -26.13 49.83
N THR F 133 -4.72 -26.04 49.59
CA THR F 133 -5.35 -26.79 48.52
C THR F 133 -6.27 -25.82 47.78
N PRO F 134 -5.91 -25.49 46.53
CA PRO F 134 -6.59 -24.47 45.73
C PRO F 134 -7.84 -24.98 45.05
N PHE F 135 -8.53 -24.07 44.36
CA PHE F 135 -9.60 -24.37 43.43
C PHE F 135 -9.16 -25.53 42.54
N PRO F 136 -10.06 -26.47 42.27
CA PRO F 136 -11.46 -26.59 42.67
C PRO F 136 -11.73 -27.53 43.88
N ALA F 137 -10.80 -27.63 44.81
CA ALA F 137 -10.99 -28.54 45.95
C ALA F 137 -12.36 -28.41 46.67
N PRO F 138 -12.83 -27.18 46.90
CA PRO F 138 -14.08 -27.09 47.67
C PRO F 138 -15.28 -27.62 46.91
N VAL F 139 -15.23 -27.53 45.59
CA VAL F 139 -16.30 -28.09 44.77
C VAL F 139 -16.26 -29.60 44.90
N GLU F 140 -15.06 -30.16 44.80
CA GLU F 140 -14.90 -31.61 45.00
C GLU F 140 -15.45 -32.04 46.35
N ASP F 141 -15.14 -31.26 47.40
CA ASP F 141 -15.57 -31.61 48.74
C ASP F 141 -17.08 -31.56 48.90
N THR F 142 -17.70 -30.57 48.28
CA THR F 142 -19.14 -30.43 48.40
C THR F 142 -19.80 -31.62 47.73
N VAL F 143 -19.32 -31.97 46.54
CA VAL F 143 -19.83 -33.13 45.82
C VAL F 143 -19.67 -34.41 46.64
N ALA F 144 -18.50 -34.61 47.25
CA ALA F 144 -18.25 -35.81 48.05
C ALA F 144 -19.25 -35.90 49.21
N ALA F 145 -19.49 -34.77 49.87
CA ALA F 145 -20.39 -34.73 51.01
C ALA F 145 -21.82 -35.01 50.58
N TYR F 146 -22.25 -34.43 49.46
CA TYR F 146 -23.57 -34.67 48.94
C TYR F 146 -23.72 -36.15 48.57
N ARG F 147 -22.71 -36.68 47.90
CA ARG F 147 -22.73 -38.11 47.58
C ARG F 147 -22.84 -38.95 48.86
N TRP F 148 -22.22 -38.48 49.94
CA TRP F 148 -22.29 -39.21 51.19
C TRP F 148 -23.73 -39.22 51.69
N LEU F 149 -24.42 -38.09 51.59
CA LEU F 149 -25.79 -38.04 52.07
C LEU F 149 -26.65 -39.02 51.29
N LEU F 150 -26.51 -39.02 49.97
CA LEU F 150 -27.31 -39.91 49.14
C LEU F 150 -27.02 -41.36 49.50
N ALA F 151 -25.75 -41.68 49.65
CA ALA F 151 -25.33 -43.03 49.99
C ALA F 151 -25.90 -43.47 51.34
N HIS F 152 -26.19 -42.50 52.21
CA HIS F 152 -26.66 -42.84 53.53
C HIS F 152 -28.17 -42.68 53.70
N GLY F 153 -28.87 -42.75 52.59
CA GLY F 153 -30.32 -42.83 52.61
C GLY F 153 -31.05 -41.51 52.76
N TYR F 154 -30.33 -40.39 52.66
CA TYR F 154 -31.02 -39.11 52.66
C TYR F 154 -31.62 -38.84 51.29
N ASP F 155 -32.80 -38.22 51.26
CA ASP F 155 -33.53 -38.01 50.02
C ASP F 155 -33.20 -36.65 49.42
N PRO F 156 -32.89 -36.63 48.12
CA PRO F 156 -32.61 -35.37 47.43
C PRO F 156 -33.66 -34.29 47.69
N SER F 157 -34.93 -34.67 47.82
CA SER F 157 -35.99 -33.70 48.00
C SER F 157 -36.01 -33.14 49.42
N ARG F 158 -35.20 -33.72 50.30
CA ARG F 158 -35.10 -33.26 51.68
C ARG F 158 -33.72 -32.66 52.03
N ILE F 159 -32.95 -32.34 50.99
CA ILE F 159 -31.64 -31.74 51.17
C ILE F 159 -31.61 -30.38 50.47
N ALA F 160 -31.07 -29.37 51.16
CA ALA F 160 -30.77 -28.08 50.53
C ALA F 160 -29.32 -27.74 50.77
N LEU F 161 -28.71 -27.03 49.82
CA LEU F 161 -27.36 -26.49 49.99
C LEU F 161 -27.45 -25.01 50.36
N GLY F 162 -26.59 -24.58 51.28
CA GLY F 162 -26.55 -23.18 51.67
C GLY F 162 -25.10 -22.76 51.84
N GLY F 163 -24.85 -21.46 51.74
CA GLY F 163 -23.50 -20.93 51.91
C GLY F 163 -23.50 -19.41 51.91
N ASP F 164 -22.46 -18.82 52.50
CA ASP F 164 -22.29 -17.37 52.50
C ASP F 164 -20.98 -16.99 51.84
N SER F 165 -20.96 -15.83 51.16
CA SER F 165 -19.78 -15.32 50.48
C SER F 165 -19.20 -16.36 49.52
N ALA F 166 -17.94 -16.70 49.67
CA ALA F 166 -17.35 -17.80 48.88
C ALA F 166 -18.28 -19.02 48.87
N GLY F 167 -18.84 -19.34 50.03
CA GLY F 167 -19.78 -20.44 50.17
C GLY F 167 -21.05 -20.27 49.33
N GLY F 168 -21.54 -19.03 49.25
CA GLY F 168 -22.69 -18.75 48.40
C GLY F 168 -22.41 -19.07 46.96
N GLY F 169 -21.23 -18.68 46.48
CA GLY F 169 -20.82 -19.00 45.13
C GLY F 169 -20.63 -20.49 44.95
N LEU F 170 -20.04 -21.12 45.97
CA LEU F 170 -19.82 -22.57 45.98
C LEU F 170 -21.14 -23.34 45.89
N VAL F 171 -22.18 -22.84 46.56
CA VAL F 171 -23.49 -23.48 46.42
C VAL F 171 -23.85 -23.62 44.94
N VAL F 172 -23.67 -22.52 44.21
CA VAL F 172 -24.03 -22.49 42.78
C VAL F 172 -23.15 -23.43 41.96
N ALA F 173 -21.83 -23.27 42.09
CA ALA F 173 -20.86 -24.14 41.40
C ALA F 173 -21.14 -25.61 41.67
N ALA F 174 -21.42 -25.92 42.93
CA ALA F 174 -21.65 -27.32 43.31
C ALA F 174 -22.92 -27.87 42.68
N LEU F 175 -23.95 -27.05 42.63
CA LEU F 175 -25.21 -27.44 42.01
C LEU F 175 -24.98 -27.72 40.51
N VAL F 176 -24.20 -26.84 39.86
CA VAL F 176 -23.85 -27.03 38.47
C VAL F 176 -23.02 -28.31 38.29
N ALA F 177 -21.99 -28.48 39.10
CA ALA F 177 -21.19 -29.69 39.06
C ALA F 177 -22.07 -30.94 39.21
N LEU F 178 -22.93 -30.95 40.21
CA LEU F 178 -23.82 -32.11 40.42
C LEU F 178 -24.64 -32.45 39.17
N ARG F 179 -25.22 -31.44 38.52
CA ARG F 179 -25.98 -31.69 37.29
C ARG F 179 -25.08 -32.25 36.18
N TYR F 180 -23.89 -31.66 36.03
CA TYR F 180 -22.94 -32.12 35.03
C TYR F 180 -22.50 -33.59 35.22
N ILE F 181 -22.43 -34.07 36.46
CA ILE F 181 -22.08 -35.47 36.69
C ILE F 181 -23.29 -36.36 36.99
N GLY F 182 -24.48 -35.86 36.64
CA GLY F 182 -25.68 -36.69 36.68
C GLY F 182 -26.24 -37.11 38.04
N GLU F 183 -25.85 -36.42 39.11
CA GLU F 183 -26.42 -36.70 40.42
C GLU F 183 -27.81 -36.10 40.51
N PRO F 184 -28.71 -36.75 41.25
CA PRO F 184 -30.03 -36.15 41.44
C PRO F 184 -29.87 -34.87 42.28
N LEU F 185 -30.46 -33.79 41.80
CA LEU F 185 -30.21 -32.49 42.41
C LEU F 185 -31.03 -32.30 43.69
N PRO F 186 -30.49 -31.51 44.63
CA PRO F 186 -31.14 -31.15 45.89
C PRO F 186 -32.39 -30.33 45.64
N ALA F 187 -33.16 -30.09 46.69
CA ALA F 187 -34.42 -29.36 46.59
C ALA F 187 -34.24 -27.86 46.41
N ALA F 188 -33.11 -27.33 46.86
CA ALA F 188 -32.95 -25.88 46.90
C ALA F 188 -31.53 -25.42 47.23
N GLY F 189 -31.24 -24.16 46.92
CA GLY F 189 -29.99 -23.53 47.30
C GLY F 189 -30.25 -22.19 48.00
N VAL F 190 -29.45 -21.90 49.02
CA VAL F 190 -29.51 -20.61 49.73
C VAL F 190 -28.16 -19.90 49.65
N CYS F 191 -28.17 -18.66 49.17
CA CYS F 191 -26.94 -17.91 48.92
C CYS F 191 -26.93 -16.59 49.70
N LEU F 192 -26.12 -16.52 50.73
CA LEU F 192 -26.02 -15.32 51.58
C LEU F 192 -24.80 -14.51 51.15
N SER F 193 -25.03 -13.32 50.58
CA SER F 193 -23.94 -12.47 50.05
C SER F 193 -22.96 -13.26 49.17
N PRO F 194 -23.48 -14.00 48.17
CA PRO F 194 -22.61 -14.87 47.38
C PRO F 194 -21.52 -14.10 46.63
N TRP F 195 -20.36 -14.73 46.53
CA TRP F 195 -19.27 -14.24 45.71
C TRP F 195 -19.20 -15.15 44.46
N ILE F 196 -19.57 -14.61 43.30
CA ILE F 196 -19.63 -15.43 42.08
C ILE F 196 -18.70 -14.96 40.99
N ASP F 197 -17.83 -14.00 41.31
CA ASP F 197 -16.98 -13.38 40.30
C ASP F 197 -15.59 -13.09 40.87
N MET F 198 -14.64 -13.93 40.49
CA MET F 198 -13.28 -13.83 40.98
C MET F 198 -12.61 -12.49 40.68
N GLU F 199 -13.11 -11.80 39.67
CA GLU F 199 -12.44 -10.58 39.20
C GLU F 199 -13.06 -9.32 39.78
N ALA F 200 -14.11 -9.50 40.59
CA ALA F 200 -14.76 -8.40 41.28
C ALA F 200 -15.14 -7.24 40.35
N THR F 201 -15.87 -7.56 39.28
CA THR F 201 -16.19 -6.57 38.26
C THR F 201 -17.51 -5.86 38.50
N GLY F 202 -18.28 -6.32 39.48
CA GLY F 202 -19.55 -5.70 39.80
C GLY F 202 -19.39 -4.21 40.12
N GLU F 203 -20.34 -3.39 39.68
CA GLU F 203 -20.22 -1.94 39.83
C GLU F 203 -20.28 -1.48 41.28
N SER F 204 -20.96 -2.26 42.11
CA SER F 204 -21.03 -2.00 43.53
C SER F 204 -19.65 -2.02 44.20
N PHE F 205 -18.68 -2.68 43.57
CA PHE F 205 -17.32 -2.65 44.13
C PHE F 205 -16.76 -1.23 44.09
N THR F 206 -17.31 -0.44 43.17
CA THR F 206 -16.99 0.98 43.10
C THR F 206 -17.97 1.81 43.90
N THR F 207 -19.27 1.66 43.59
CA THR F 207 -20.26 2.53 44.22
C THR F 207 -20.38 2.34 45.72
N ASN F 208 -20.22 1.11 46.21
CA ASN F 208 -20.38 0.84 47.64
C ASN F 208 -19.07 0.79 48.41
N ALA F 209 -17.99 1.22 47.77
CA ALA F 209 -16.67 1.02 48.33
C ALA F 209 -16.51 1.69 49.70
N THR F 210 -17.05 2.90 49.86
CA THR F 210 -16.95 3.58 51.16
C THR F 210 -18.08 3.19 52.11
N MET F 211 -19.05 2.42 51.62
CA MET F 211 -20.20 2.02 52.44
C MET F 211 -20.02 0.68 53.15
N ASP F 212 -19.17 -0.17 52.59
CA ASP F 212 -18.99 -1.54 53.05
C ASP F 212 -17.84 -1.58 54.05
N PRO F 213 -18.16 -1.95 55.31
CA PRO F 213 -17.13 -1.95 56.35
C PRO F 213 -16.22 -3.19 56.36
N SER F 214 -16.47 -4.18 55.51
CA SER F 214 -15.70 -5.43 55.61
C SER F 214 -15.16 -6.03 54.32
N VAL F 215 -15.76 -5.69 53.18
CA VAL F 215 -15.28 -6.24 51.92
C VAL F 215 -14.89 -5.12 50.96
N ASN F 216 -13.74 -5.26 50.31
CA ASN F 216 -13.35 -4.33 49.27
C ASN F 216 -12.70 -5.03 48.08
N LYS F 217 -12.60 -4.32 46.96
CA LYS F 217 -12.14 -4.93 45.72
C LYS F 217 -10.71 -5.46 45.83
N GLU F 218 -9.83 -4.73 46.51
CA GLU F 218 -8.44 -5.17 46.64
C GLU F 218 -8.31 -6.47 47.43
N ARG F 219 -9.04 -6.57 48.53
CA ARG F 219 -9.09 -7.79 49.34
C ARG F 219 -9.58 -8.96 48.52
N VAL F 220 -10.65 -8.75 47.75
CA VAL F 220 -11.27 -9.83 46.99
C VAL F 220 -10.33 -10.35 45.93
N MET F 221 -9.65 -9.43 45.25
CA MET F 221 -8.76 -9.87 44.18
C MET F 221 -7.54 -10.59 44.74
N SER F 222 -7.01 -10.11 45.86
CA SER F 222 -5.91 -10.82 46.50
C SER F 222 -6.30 -12.24 46.86
N ILE F 223 -7.43 -12.39 47.55
CA ILE F 223 -7.92 -13.69 47.95
C ILE F 223 -8.20 -14.58 46.73
N ALA F 224 -8.80 -14.01 45.68
CA ALA F 224 -9.08 -14.79 44.48
C ALA F 224 -7.82 -15.41 43.92
N ALA F 225 -6.71 -14.67 43.97
CA ALA F 225 -5.47 -15.15 43.41
C ALA F 225 -4.94 -16.33 44.23
N LEU F 226 -5.13 -16.26 45.54
CA LEU F 226 -4.79 -17.35 46.44
C LEU F 226 -5.61 -18.59 46.15
N TYR F 227 -6.90 -18.42 45.91
CA TYR F 227 -7.78 -19.56 45.69
C TYR F 227 -7.51 -20.22 44.33
N LEU F 228 -7.24 -19.39 43.33
CA LEU F 228 -7.18 -19.88 41.95
C LEU F 228 -5.93 -20.70 41.67
N GLY F 229 -4.87 -20.45 42.42
CA GLY F 229 -3.61 -21.15 42.21
C GLY F 229 -3.18 -21.13 40.76
N GLY F 230 -3.43 -20.00 40.09
CA GLY F 230 -2.94 -19.82 38.74
C GLY F 230 -3.93 -20.23 37.67
N LYS F 231 -5.07 -20.77 38.07
CA LYS F 231 -6.11 -21.18 37.14
C LYS F 231 -6.89 -19.99 36.60
N ASN F 232 -7.65 -20.19 35.54
CA ASN F 232 -8.36 -19.11 34.88
C ASN F 232 -9.40 -18.45 35.80
N PRO F 233 -9.30 -17.12 36.03
CA PRO F 233 -10.19 -16.46 36.99
C PRO F 233 -11.65 -16.51 36.53
N GLN F 234 -11.89 -16.75 35.25
CA GLN F 234 -13.26 -16.81 34.75
C GLN F 234 -13.78 -18.25 34.62
N ALA F 235 -13.04 -19.22 35.13
CA ALA F 235 -13.53 -20.60 35.17
C ALA F 235 -14.93 -20.68 35.79
N PRO F 236 -15.88 -21.28 35.09
CA PRO F 236 -17.27 -21.36 35.58
C PRO F 236 -17.45 -21.86 37.02
N LEU F 237 -16.62 -22.78 37.48
CA LEU F 237 -16.82 -23.33 38.81
C LEU F 237 -16.20 -22.46 39.91
N ALA F 238 -15.33 -21.53 39.53
CA ALA F 238 -14.76 -20.57 40.47
C ALA F 238 -15.59 -19.30 40.39
N SER F 239 -15.98 -18.93 39.17
CA SER F 239 -16.83 -17.74 38.92
C SER F 239 -18.12 -18.15 38.24
N PRO F 240 -19.12 -18.63 39.00
CA PRO F 240 -20.35 -19.13 38.39
C PRO F 240 -21.10 -18.04 37.63
N LEU F 241 -20.65 -16.79 37.75
CA LEU F 241 -21.10 -15.75 36.81
C LEU F 241 -21.04 -16.28 35.37
N TYR F 242 -20.17 -17.24 35.10
CA TYR F 242 -19.96 -17.75 33.73
C TYR F 242 -20.47 -19.18 33.56
N ALA F 243 -21.12 -19.72 34.58
CA ALA F 243 -21.54 -21.11 34.57
C ALA F 243 -22.91 -21.29 33.91
N ASP F 244 -23.13 -22.47 33.32
CA ASP F 244 -24.44 -22.86 32.79
C ASP F 244 -25.38 -23.15 33.96
N LEU F 245 -26.38 -22.32 34.16
CA LEU F 245 -27.24 -22.45 35.35
C LEU F 245 -28.54 -23.22 35.06
N GLN F 246 -28.67 -23.73 33.86
CA GLN F 246 -29.85 -24.52 33.52
C GLN F 246 -30.10 -25.68 34.48
N GLY F 247 -31.38 -25.91 34.81
CA GLY F 247 -31.74 -27.05 35.63
C GLY F 247 -31.62 -26.92 37.14
N LEU F 248 -31.08 -25.81 37.63
CA LEU F 248 -30.90 -25.69 39.08
C LEU F 248 -32.24 -25.59 39.79
N PRO F 249 -32.26 -26.01 41.05
CA PRO F 249 -33.49 -25.93 41.84
C PRO F 249 -33.66 -24.50 42.41
N PRO F 250 -34.77 -24.24 43.10
CA PRO F 250 -35.08 -22.87 43.56
C PRO F 250 -33.98 -22.26 44.43
N LEU F 251 -33.66 -20.99 44.21
CA LEU F 251 -32.64 -20.33 44.99
C LEU F 251 -33.23 -19.20 45.84
N LEU F 252 -32.73 -19.06 47.05
CA LEU F 252 -32.97 -17.85 47.85
C LEU F 252 -31.65 -17.09 47.97
N VAL F 253 -31.63 -15.84 47.53
CA VAL F 253 -30.44 -15.02 47.65
C VAL F 253 -30.70 -13.82 48.55
N GLN F 254 -29.91 -13.70 49.63
CA GLN F 254 -29.96 -12.52 50.49
C GLN F 254 -28.64 -11.77 50.38
N VAL F 255 -28.70 -10.44 50.47
CA VAL F 255 -27.51 -9.62 50.41
C VAL F 255 -27.81 -8.26 51.04
N GLY F 256 -26.78 -7.55 51.50
CA GLY F 256 -26.96 -6.28 52.16
C GLY F 256 -26.87 -5.12 51.18
N GLY F 257 -27.64 -4.07 51.41
CA GLY F 257 -27.69 -2.93 50.50
C GLY F 257 -26.40 -2.14 50.41
N ILE F 258 -25.55 -2.19 51.43
CA ILE F 258 -24.30 -1.43 51.41
C ILE F 258 -23.11 -2.25 50.92
N GLU F 259 -23.36 -3.49 50.49
CA GLU F 259 -22.29 -4.41 50.14
C GLU F 259 -21.64 -4.13 48.80
N THR F 260 -20.32 -4.20 48.75
CA THR F 260 -19.63 -4.21 47.47
C THR F 260 -20.03 -5.46 46.65
N LEU F 261 -20.43 -6.53 47.34
CA LEU F 261 -20.85 -7.76 46.68
C LEU F 261 -22.29 -7.73 46.19
N LEU F 262 -22.94 -6.57 46.34
CA LEU F 262 -24.34 -6.42 45.97
C LEU F 262 -24.61 -6.82 44.53
N ASP F 263 -23.75 -6.39 43.62
CA ASP F 263 -23.96 -6.69 42.21
C ASP F 263 -23.67 -8.17 41.88
N ASP F 264 -22.91 -8.87 42.72
CA ASP F 264 -22.75 -10.30 42.55
C ASP F 264 -24.08 -10.99 42.78
N ALA F 265 -24.78 -10.58 43.83
CA ALA F 265 -26.09 -11.16 44.16
C ALA F 265 -27.11 -10.86 43.08
N ARG F 266 -27.09 -9.63 42.54
CA ARG F 266 -28.02 -9.26 41.49
C ARG F 266 -27.75 -10.03 40.19
N ALA F 267 -26.47 -10.13 39.83
CA ALA F 267 -26.07 -10.85 38.62
C ALA F 267 -26.45 -12.33 38.70
N LEU F 268 -26.26 -12.92 39.86
CA LEU F 268 -26.60 -14.33 40.04
C LEU F 268 -28.08 -14.52 39.84
N THR F 269 -28.88 -13.66 40.47
CA THR F 269 -30.34 -13.76 40.38
C THR F 269 -30.82 -13.57 38.93
N THR F 270 -30.24 -12.59 38.24
CA THR F 270 -30.58 -12.31 36.83
C THR F 270 -30.18 -13.47 35.91
N ARG F 271 -29.00 -14.01 36.14
CA ARG F 271 -28.51 -15.11 35.30
C ARG F 271 -29.33 -16.39 35.57
N ALA F 272 -29.64 -16.62 36.84
CA ALA F 272 -30.48 -17.75 37.20
C ALA F 272 -31.86 -17.68 36.53
N LYS F 273 -32.54 -16.54 36.70
CA LYS F 273 -33.86 -16.39 36.10
C LYS F 273 -33.82 -16.62 34.58
N ALA F 274 -32.80 -16.07 33.93
CA ALA F 274 -32.65 -16.20 32.48
C ALA F 274 -32.47 -17.65 32.05
N ALA F 275 -31.94 -18.46 32.97
CA ALA F 275 -31.74 -19.88 32.72
C ALA F 275 -32.96 -20.74 33.11
N GLY F 276 -34.04 -20.07 33.56
CA GLY F 276 -35.27 -20.76 33.91
C GLY F 276 -35.35 -21.20 35.35
N VAL F 277 -34.41 -20.74 36.17
CA VAL F 277 -34.36 -21.11 37.58
C VAL F 277 -35.24 -20.18 38.39
N ASP F 278 -35.94 -20.75 39.35
CA ASP F 278 -36.75 -19.99 40.28
C ASP F 278 -35.87 -19.34 41.35
N ALA F 279 -35.50 -18.07 41.15
CA ALA F 279 -34.58 -17.40 42.07
C ALA F 279 -35.23 -16.16 42.66
N ASP F 280 -35.04 -15.99 43.96
CA ASP F 280 -35.60 -14.83 44.62
C ASP F 280 -34.55 -14.04 45.37
N LEU F 281 -34.44 -12.75 45.07
CA LEU F 281 -33.44 -11.91 45.69
C LEU F 281 -34.05 -11.00 46.76
N GLU F 282 -33.43 -10.98 47.93
CA GLU F 282 -33.77 -9.99 48.96
C GLU F 282 -32.58 -9.11 49.24
N VAL F 283 -32.73 -7.80 49.02
CA VAL F 283 -31.69 -6.87 49.38
C VAL F 283 -32.09 -6.20 50.69
N TRP F 284 -31.31 -6.39 51.74
CA TRP F 284 -31.64 -5.85 53.05
C TRP F 284 -30.92 -4.52 53.26
N ASP F 285 -31.68 -3.43 53.28
CA ASP F 285 -31.09 -2.11 53.43
C ASP F 285 -30.21 -2.01 54.69
N ASP F 286 -29.09 -1.32 54.54
CA ASP F 286 -28.20 -0.98 55.64
C ASP F 286 -27.39 -2.13 56.22
N MET F 287 -27.60 -3.35 55.72
CA MET F 287 -26.94 -4.51 56.31
C MET F 287 -25.56 -4.75 55.72
N PRO F 288 -24.60 -5.08 56.59
CA PRO F 288 -23.24 -5.39 56.16
C PRO F 288 -23.15 -6.85 55.73
N HIS F 289 -22.02 -7.20 55.14
CA HIS F 289 -21.73 -8.56 54.65
C HIS F 289 -22.08 -9.65 55.67
N VAL F 290 -22.92 -10.60 55.25
CA VAL F 290 -23.35 -11.71 56.11
C VAL F 290 -23.68 -11.24 57.53
N TRP F 291 -24.57 -10.27 57.62
CA TRP F 291 -25.05 -9.76 58.90
C TRP F 291 -25.74 -10.85 59.70
N GLN F 292 -26.13 -11.93 59.03
CA GLN F 292 -26.80 -13.06 59.71
C GLN F 292 -25.94 -13.72 60.82
N HIS F 293 -24.63 -13.56 60.76
CA HIS F 293 -23.72 -14.03 61.81
C HIS F 293 -24.12 -13.43 63.15
N PHE F 294 -24.62 -12.21 63.10
CA PHE F 294 -24.84 -11.46 64.34
C PHE F 294 -26.26 -11.58 64.86
N ALA F 295 -27.01 -12.53 64.30
CA ALA F 295 -28.40 -12.77 64.78
C ALA F 295 -28.61 -12.70 66.31
N PRO F 296 -27.67 -13.25 67.11
CA PRO F 296 -27.81 -13.20 68.57
C PRO F 296 -27.95 -11.79 69.14
N ILE F 297 -27.34 -10.79 68.49
CA ILE F 297 -27.41 -9.42 68.97
C ILE F 297 -28.09 -8.44 67.99
N LEU F 298 -28.51 -8.94 66.84
CA LEU F 298 -29.06 -8.09 65.78
C LEU F 298 -30.44 -8.54 65.27
N PRO F 299 -31.48 -7.75 65.56
CA PRO F 299 -32.83 -8.07 65.08
C PRO F 299 -32.89 -8.44 63.58
N GLU F 300 -32.17 -7.72 62.72
CA GLU F 300 -32.23 -8.00 61.29
C GLU F 300 -31.57 -9.34 60.95
N GLY F 301 -30.67 -9.77 61.83
CA GLY F 301 -30.04 -11.07 61.72
C GLY F 301 -31.09 -12.13 61.98
N LYS F 302 -31.80 -11.99 63.09
CA LYS F 302 -32.87 -12.94 63.40
C LYS F 302 -33.93 -12.96 62.29
N GLN F 303 -34.29 -11.79 61.77
CA GLN F 303 -35.35 -11.72 60.78
C GLN F 303 -34.93 -12.44 59.50
N ALA F 304 -33.70 -12.18 59.06
CA ALA F 304 -33.20 -12.76 57.82
C ALA F 304 -33.11 -14.28 57.95
N ILE F 305 -32.72 -14.74 59.13
CA ILE F 305 -32.64 -16.19 59.39
C ILE F 305 -34.04 -16.80 59.46
N ALA F 306 -34.99 -16.09 60.06
CA ALA F 306 -36.38 -16.56 60.06
C ALA F 306 -36.87 -16.76 58.62
N ARG F 307 -36.40 -15.91 57.72
CA ARG F 307 -36.81 -15.96 56.32
C ARG F 307 -36.14 -17.17 55.64
N ILE F 308 -34.90 -17.42 55.99
CA ILE F 308 -34.20 -18.60 55.48
C ILE F 308 -34.94 -19.86 55.94
N GLY F 309 -35.32 -19.87 57.22
CA GLY F 309 -36.05 -20.99 57.79
C GLY F 309 -37.38 -21.26 57.09
N GLU F 310 -38.13 -20.21 56.80
CA GLU F 310 -39.39 -20.35 56.07
C GLU F 310 -39.14 -20.97 54.70
N PHE F 311 -38.12 -20.47 54.02
CA PHE F 311 -37.81 -20.95 52.69
C PHE F 311 -37.44 -22.42 52.72
N LEU F 312 -36.63 -22.80 53.69
CA LEU F 312 -36.22 -24.20 53.85
C LEU F 312 -37.43 -25.10 54.17
N ARG F 313 -38.26 -24.67 55.13
CA ARG F 313 -39.45 -25.46 55.48
C ARG F 313 -40.32 -25.71 54.24
N LYS F 314 -40.39 -24.72 53.36
CA LYS F 314 -41.18 -24.85 52.15
C LYS F 314 -40.54 -25.86 51.18
N GLN F 315 -39.23 -25.78 51.02
CA GLN F 315 -38.52 -26.58 50.02
C GLN F 315 -38.17 -28.00 50.47
N ILE F 316 -37.73 -28.18 51.70
CA ILE F 316 -37.36 -29.53 52.15
C ILE F 316 -38.27 -30.06 53.25
N GLY F 317 -39.13 -29.21 53.78
CA GLY F 317 -40.04 -29.60 54.84
C GLY F 317 -41.39 -30.01 54.29
N MET G 21 40.08 -40.66 -9.68
CA MET G 21 40.43 -40.39 -8.29
C MET G 21 40.25 -41.64 -7.42
N ALA G 22 39.03 -42.15 -7.32
CA ALA G 22 38.81 -43.49 -6.78
C ALA G 22 37.72 -44.25 -7.54
N LYS G 23 37.69 -45.56 -7.32
CA LYS G 23 36.90 -46.46 -8.15
C LYS G 23 35.49 -46.66 -7.59
N SER G 24 34.53 -46.73 -8.50
CA SER G 24 33.11 -46.55 -8.23
C SER G 24 32.66 -45.72 -9.41
N PRO G 25 31.80 -46.27 -10.27
CA PRO G 25 31.39 -45.50 -11.43
C PRO G 25 30.76 -44.16 -11.04
N GLU G 26 30.01 -44.11 -9.93
CA GLU G 26 29.34 -42.88 -9.52
C GLU G 26 30.35 -41.81 -9.13
N LEU G 27 31.34 -42.20 -8.33
CA LEU G 27 32.44 -41.28 -8.00
C LEU G 27 33.25 -40.88 -9.23
N ASP G 28 33.55 -41.83 -10.11
CA ASP G 28 34.22 -41.50 -11.38
C ASP G 28 33.48 -40.41 -12.12
N ARG G 29 32.15 -40.56 -12.21
CA ARG G 29 31.32 -39.58 -12.91
C ARG G 29 31.40 -38.19 -12.25
N VAL G 30 31.32 -38.16 -10.92
CA VAL G 30 31.42 -36.89 -10.19
C VAL G 30 32.78 -36.22 -10.45
N ILE G 31 33.86 -37.00 -10.30
CA ILE G 31 35.20 -36.44 -10.50
C ILE G 31 35.35 -35.86 -11.91
N GLY G 32 34.76 -36.55 -12.90
CA GLY G 32 34.72 -36.05 -14.26
C GLY G 32 34.04 -34.69 -14.41
N MET G 33 32.89 -34.52 -13.78
CA MET G 33 32.20 -33.23 -13.81
C MET G 33 33.06 -32.13 -13.20
N ILE G 34 33.74 -32.47 -12.11
CA ILE G 34 34.59 -31.51 -11.40
C ILE G 34 35.81 -31.13 -12.25
N ARG G 35 36.46 -32.15 -12.84
CA ARG G 35 37.65 -31.91 -13.66
C ARG G 35 37.32 -31.12 -14.91
N GLU G 36 36.15 -31.37 -15.48
CA GLU G 36 35.73 -30.60 -16.65
C GLU G 36 35.64 -29.11 -16.33
N ARG G 37 34.93 -28.78 -15.25
CA ARG G 37 34.87 -27.39 -14.81
C ARG G 37 36.26 -26.78 -14.57
N ALA G 38 37.11 -27.49 -13.82
CA ALA G 38 38.41 -26.98 -13.45
C ALA G 38 39.28 -26.69 -14.67
N ALA G 39 38.98 -27.37 -15.77
CA ALA G 39 39.78 -27.24 -16.98
C ALA G 39 39.14 -26.32 -18.01
N THR G 40 37.91 -25.87 -17.75
CA THR G 40 37.23 -24.95 -18.67
C THR G 40 37.81 -23.55 -18.60
N PRO G 41 38.27 -23.02 -19.74
CA PRO G 41 38.88 -21.68 -19.82
C PRO G 41 37.90 -20.57 -19.44
N ARG G 42 38.34 -19.66 -18.59
CA ARG G 42 37.48 -18.58 -18.11
C ARG G 42 38.26 -17.27 -18.05
N LYS G 43 37.53 -16.16 -18.05
CA LYS G 43 38.18 -14.85 -18.03
C LYS G 43 37.67 -13.98 -16.88
N THR G 44 36.36 -13.81 -16.79
CA THR G 44 35.81 -12.81 -15.88
C THR G 44 35.26 -13.46 -14.63
N THR G 45 35.04 -12.65 -13.60
CA THR G 45 34.36 -13.10 -12.40
C THR G 45 33.02 -13.73 -12.74
N ASP G 46 32.24 -13.08 -13.59
CA ASP G 46 30.92 -13.63 -13.91
C ASP G 46 31.02 -14.92 -14.72
N ASP G 47 32.08 -15.06 -15.51
CA ASP G 47 32.34 -16.33 -16.21
C ASP G 47 32.54 -17.43 -15.17
N ASP G 48 33.31 -17.13 -14.12
CA ASP G 48 33.52 -18.10 -13.04
C ASP G 48 32.22 -18.43 -12.32
N ARG G 49 31.38 -17.41 -12.09
CA ARG G 49 30.08 -17.64 -11.47
C ARG G 49 29.20 -18.55 -12.34
N ARG G 50 29.19 -18.29 -13.63
CA ARG G 50 28.34 -19.05 -14.54
C ARG G 50 28.81 -20.48 -14.65
N LEU G 51 30.12 -20.65 -14.69
CA LEU G 51 30.71 -22.01 -14.83
C LEU G 51 30.36 -22.92 -13.66
N TYR G 52 30.30 -22.34 -12.47
CA TYR G 52 29.93 -23.07 -11.25
C TYR G 52 28.48 -23.51 -11.38
N GLU G 53 27.62 -22.57 -11.76
CA GLU G 53 26.22 -22.88 -12.06
C GLU G 53 26.10 -23.99 -13.12
N THR G 54 26.93 -23.94 -14.15
CA THR G 54 26.88 -24.94 -15.23
C THR G 54 27.17 -26.34 -14.70
N MET G 55 28.18 -26.44 -13.85
CA MET G 55 28.60 -27.75 -13.35
C MET G 55 27.46 -28.43 -12.61
N LEU G 56 26.72 -27.65 -11.84
CA LEU G 56 25.70 -28.18 -10.95
C LEU G 56 24.32 -28.13 -11.58
N GLY G 57 24.24 -27.57 -12.78
CA GLY G 57 22.96 -27.28 -13.42
C GLY G 57 22.27 -28.44 -14.11
N SER G 58 22.93 -29.59 -14.23
CA SER G 58 22.30 -30.77 -14.84
C SER G 58 21.51 -31.59 -13.83
N MET G 59 21.51 -31.18 -12.56
CA MET G 59 20.74 -31.88 -11.53
C MET G 59 19.59 -30.99 -11.05
N PRO G 60 18.38 -31.23 -11.58
CA PRO G 60 17.18 -30.40 -11.36
C PRO G 60 16.56 -30.54 -9.96
N LEU G 61 15.79 -29.55 -9.53
CA LEU G 61 15.06 -29.60 -8.26
C LEU G 61 13.95 -30.62 -8.38
N ASP G 62 13.78 -31.46 -7.36
CA ASP G 62 12.63 -32.37 -7.31
C ASP G 62 11.32 -31.60 -7.43
N ASP G 63 10.35 -32.20 -8.12
CA ASP G 63 9.06 -31.56 -8.38
C ASP G 63 8.31 -31.15 -7.13
N ASP G 64 8.53 -31.87 -6.02
CA ASP G 64 7.75 -31.63 -4.82
C ASP G 64 8.39 -30.62 -3.87
N ILE G 65 9.51 -30.04 -4.26
CA ILE G 65 10.20 -29.08 -3.42
C ILE G 65 9.56 -27.69 -3.52
N GLN G 66 9.26 -27.10 -2.38
CA GLN G 66 8.74 -25.73 -2.41
C GLN G 66 9.90 -24.75 -2.22
N THR G 67 9.87 -23.64 -2.95
CA THR G 67 10.84 -22.57 -2.77
C THR G 67 10.15 -21.21 -2.80
N GLU G 68 10.74 -20.24 -2.12
CA GLU G 68 10.19 -18.89 -2.09
C GLU G 68 11.33 -17.89 -1.92
N ARG G 69 11.40 -16.89 -2.80
CA ARG G 69 12.41 -15.84 -2.68
C ARG G 69 11.86 -14.74 -1.80
N LEU G 70 12.68 -14.25 -0.89
CA LEU G 70 12.26 -13.16 -0.01
C LEU G 70 13.47 -12.44 0.52
N GLY G 71 13.25 -11.29 1.13
CA GLY G 71 14.31 -10.55 1.78
C GLY G 71 14.20 -10.76 3.27
N VAL G 72 15.33 -11.01 3.92
CA VAL G 72 15.36 -11.13 5.38
C VAL G 72 16.28 -10.03 5.92
N ASN G 73 15.69 -9.01 6.53
CA ASN G 73 16.47 -7.86 6.94
C ASN G 73 17.37 -7.34 5.82
N GLY G 74 16.83 -7.29 4.61
CA GLY G 74 17.56 -6.74 3.49
C GLY G 74 18.45 -7.71 2.76
N VAL G 75 18.59 -8.93 3.27
CA VAL G 75 19.41 -9.94 2.58
C VAL G 75 18.54 -10.81 1.67
N PRO G 76 18.90 -10.91 0.38
CA PRO G 76 18.12 -11.79 -0.50
C PRO G 76 18.26 -13.23 -0.01
N ALA G 77 17.16 -13.99 -0.01
CA ALA G 77 17.12 -15.33 0.57
C ALA G 77 16.09 -16.21 -0.13
N GLU G 78 16.11 -17.49 0.21
CA GLU G 78 15.18 -18.45 -0.39
C GLU G 78 14.79 -19.53 0.63
N TRP G 79 13.48 -19.64 0.92
CA TRP G 79 12.99 -20.78 1.69
C TRP G 79 13.05 -21.99 0.77
N ILE G 80 13.56 -23.10 1.27
CA ILE G 80 13.58 -24.35 0.52
C ILE G 80 13.10 -25.46 1.43
N TYR G 81 12.03 -26.16 1.07
CA TYR G 81 11.54 -27.25 1.91
C TYR G 81 10.75 -28.32 1.17
N ALA G 82 10.77 -29.53 1.73
CA ALA G 82 10.06 -30.67 1.17
C ALA G 82 8.74 -30.88 1.91
N PRO G 83 7.85 -31.71 1.34
CA PRO G 83 6.58 -31.96 2.00
C PRO G 83 6.79 -32.45 3.43
N GLY G 84 5.90 -32.05 4.34
CA GLY G 84 5.96 -32.50 5.71
C GLY G 84 7.01 -31.79 6.55
N ALA G 85 7.56 -30.70 6.03
CA ALA G 85 8.59 -29.96 6.75
C ALA G 85 8.02 -29.30 8.00
N ARG G 86 8.82 -29.23 9.05
CA ARG G 86 8.47 -28.45 10.23
C ARG G 86 8.76 -26.99 10.01
N ASP G 87 7.70 -26.20 9.96
CA ASP G 87 7.83 -24.78 9.63
C ASP G 87 8.48 -23.98 10.76
N ASP G 88 8.73 -24.63 11.89
CA ASP G 88 9.34 -23.92 13.02
C ASP G 88 10.80 -24.33 13.23
N GLN G 89 11.28 -25.26 12.40
CA GLN G 89 12.70 -25.61 12.45
C GLN G 89 13.39 -25.04 11.21
N VAL G 90 14.50 -24.34 11.42
CA VAL G 90 15.16 -23.63 10.34
C VAL G 90 16.66 -23.90 10.31
N PHE G 91 17.13 -24.35 9.15
CA PHE G 91 18.56 -24.51 8.84
C PHE G 91 18.95 -23.28 8.01
N LEU G 92 19.66 -22.35 8.63
CA LEU G 92 20.07 -21.11 7.98
C LEU G 92 21.37 -21.40 7.27
N TYR G 93 21.35 -21.39 5.94
CA TYR G 93 22.45 -21.96 5.17
C TYR G 93 23.30 -20.92 4.42
N LEU G 94 24.62 -21.06 4.53
CA LEU G 94 25.60 -20.17 3.90
C LEU G 94 26.40 -20.91 2.84
N HIS G 95 26.15 -20.64 1.56
CA HIS G 95 26.79 -21.37 0.46
C HIS G 95 28.30 -21.08 0.33
N GLY G 96 28.99 -22.00 -0.33
CA GLY G 96 30.41 -21.84 -0.62
C GLY G 96 30.66 -21.17 -1.96
N GLY G 97 31.93 -21.05 -2.35
CA GLY G 97 32.27 -20.23 -3.51
C GLY G 97 33.37 -19.21 -3.22
N GLY G 98 34.11 -19.43 -2.14
CA GLY G 98 35.21 -18.55 -1.78
C GLY G 98 34.81 -17.12 -1.43
N TYR G 99 33.53 -16.93 -1.10
CA TYR G 99 32.94 -15.61 -0.86
C TYR G 99 32.86 -14.76 -2.13
N VAL G 100 33.03 -15.39 -3.28
CA VAL G 100 33.11 -14.69 -4.56
C VAL G 100 32.11 -15.22 -5.56
N ILE G 101 31.91 -16.54 -5.56
CA ILE G 101 30.92 -17.15 -6.45
C ILE G 101 29.90 -17.97 -5.65
N GLY G 102 28.97 -18.58 -6.35
CA GLY G 102 27.94 -19.40 -5.71
C GLY G 102 26.67 -18.63 -5.46
N SER G 103 25.56 -19.36 -5.30
CA SER G 103 24.26 -18.75 -5.02
C SER G 103 23.26 -19.88 -4.78
N MET G 104 22.00 -19.55 -4.60
CA MET G 104 21.01 -20.62 -4.48
C MET G 104 20.95 -21.42 -5.78
N ARG G 105 21.42 -20.81 -6.86
CA ARG G 105 21.34 -21.51 -8.13
C ARG G 105 22.26 -22.72 -8.09
N THR G 106 23.41 -22.60 -7.45
CA THR G 106 24.34 -23.71 -7.31
C THR G 106 23.99 -24.64 -6.14
N HIS G 107 23.34 -24.12 -5.12
CA HIS G 107 23.20 -24.88 -3.86
C HIS G 107 21.79 -25.40 -3.54
N ARG G 108 20.76 -24.96 -4.26
CA ARG G 108 19.39 -25.28 -3.83
C ARG G 108 19.03 -26.77 -3.89
N VAL G 109 19.56 -27.50 -4.86
CA VAL G 109 19.29 -28.93 -4.91
C VAL G 109 19.86 -29.64 -3.67
N MET G 110 21.12 -29.38 -3.36
CA MET G 110 21.73 -29.98 -2.17
C MET G 110 20.94 -29.60 -0.92
N LEU G 111 20.55 -28.33 -0.82
CA LEU G 111 19.80 -27.90 0.36
C LEU G 111 18.44 -28.60 0.42
N SER G 112 17.82 -28.83 -0.73
CA SER G 112 16.54 -29.54 -0.73
C SER G 112 16.68 -30.96 -0.19
N HIS G 113 17.82 -31.61 -0.48
CA HIS G 113 18.08 -32.94 0.08
C HIS G 113 18.28 -32.87 1.59
N ILE G 114 19.03 -31.88 2.04
CA ILE G 114 19.21 -31.71 3.49
C ILE G 114 17.87 -31.45 4.16
N ALA G 115 17.07 -30.55 3.59
CA ALA G 115 15.75 -30.23 4.12
C ALA G 115 14.90 -31.48 4.33
N ARG G 116 14.84 -32.32 3.29
CA ARG G 116 14.01 -33.51 3.33
C ARG G 116 14.56 -34.50 4.37
N ALA G 117 15.89 -34.63 4.43
CA ALA G 117 16.52 -35.53 5.39
C ALA G 117 16.28 -35.09 6.85
N ALA G 118 16.39 -33.79 7.10
CA ALA G 118 16.22 -33.27 8.46
C ALA G 118 14.76 -33.08 8.81
N GLY G 119 13.90 -32.97 7.80
CA GLY G 119 12.51 -32.66 8.01
C GLY G 119 12.29 -31.21 8.44
N CYS G 120 13.20 -30.33 8.06
CA CYS G 120 13.07 -28.92 8.44
C CYS G 120 12.98 -28.00 7.21
N ARG G 121 12.84 -26.70 7.46
CA ARG G 121 12.94 -25.72 6.39
C ARG G 121 14.40 -25.26 6.28
N VAL G 122 14.84 -25.00 5.07
CA VAL G 122 16.14 -24.39 4.86
C VAL G 122 15.92 -22.94 4.46
N LEU G 123 16.63 -22.02 5.11
CA LEU G 123 16.69 -20.64 4.65
C LEU G 123 18.08 -20.35 4.07
N GLY G 124 18.20 -20.34 2.75
CA GLY G 124 19.49 -20.16 2.10
C GLY G 124 19.69 -18.70 1.75
N LEU G 125 20.84 -18.14 2.15
CA LEU G 125 21.13 -16.74 1.92
C LEU G 125 21.93 -16.49 0.66
N ASP G 126 21.43 -15.63 -0.22
CA ASP G 126 22.27 -15.12 -1.29
C ASP G 126 22.98 -13.89 -0.76
N TYR G 127 23.94 -14.11 0.13
CA TYR G 127 24.61 -13.03 0.83
C TYR G 127 25.54 -12.27 -0.12
N ARG G 128 26.00 -11.09 0.31
CA ARG G 128 26.84 -10.24 -0.53
C ARG G 128 28.19 -10.85 -0.85
N LEU G 129 28.60 -10.76 -2.12
CA LEU G 129 29.83 -11.41 -2.55
C LEU G 129 30.90 -10.38 -2.87
N ALA G 130 32.16 -10.79 -2.73
CA ALA G 130 33.29 -10.04 -3.25
C ALA G 130 33.51 -10.37 -4.73
N PRO G 131 34.20 -9.49 -5.50
CA PRO G 131 34.86 -8.27 -5.02
C PRO G 131 33.93 -7.09 -4.78
N GLU G 132 32.67 -7.16 -5.23
CA GLU G 132 31.79 -6.01 -5.18
C GLU G 132 31.65 -5.47 -3.75
N THR G 133 31.43 -6.39 -2.82
CA THR G 133 31.33 -6.05 -1.41
C THR G 133 32.17 -7.06 -0.66
N PRO G 134 33.30 -6.60 -0.10
CA PRO G 134 34.30 -7.45 0.55
C PRO G 134 33.96 -7.82 1.98
N PHE G 135 34.83 -8.66 2.57
CA PHE G 135 34.84 -8.94 3.99
C PHE G 135 34.72 -7.61 4.77
N PRO G 136 33.90 -7.59 5.83
CA PRO G 136 33.10 -8.67 6.44
C PRO G 136 31.61 -8.70 6.07
N ALA G 137 31.25 -8.29 4.86
CA ALA G 137 29.83 -8.25 4.48
C ALA G 137 29.04 -9.53 4.76
N PRO G 138 29.61 -10.70 4.43
CA PRO G 138 28.80 -11.91 4.62
C PRO G 138 28.51 -12.20 6.09
N VAL G 139 29.42 -11.80 6.98
CA VAL G 139 29.18 -11.96 8.40
C VAL G 139 28.02 -11.04 8.81
N GLU G 140 28.07 -9.81 8.33
CA GLU G 140 26.96 -8.89 8.58
C GLU G 140 25.64 -9.47 8.10
N ASP G 141 25.65 -10.07 6.91
CA ASP G 141 24.43 -10.61 6.32
C ASP G 141 23.87 -11.78 7.10
N THR G 142 24.75 -12.65 7.57
CA THR G 142 24.33 -13.80 8.34
C THR G 142 23.67 -13.32 9.63
N VAL G 143 24.33 -12.38 10.30
CA VAL G 143 23.76 -11.78 11.52
C VAL G 143 22.39 -11.15 11.28
N ALA G 144 22.26 -10.38 10.20
CA ALA G 144 20.98 -9.76 9.88
C ALA G 144 19.88 -10.80 9.68
N ALA G 145 20.20 -11.86 8.95
CA ALA G 145 19.24 -12.92 8.69
C ALA G 145 18.83 -13.64 9.97
N TYR G 146 19.80 -13.93 10.84
CA TYR G 146 19.52 -14.58 12.12
C TYR G 146 18.66 -13.66 12.98
N ARG G 147 19.02 -12.39 13.04
CA ARG G 147 18.18 -11.42 13.77
C ARG G 147 16.76 -11.40 13.21
N TRP G 148 16.62 -11.59 11.89
CA TRP G 148 15.31 -11.64 11.28
C TRP G 148 14.51 -12.83 11.80
N LEU G 149 15.15 -14.00 11.89
CA LEU G 149 14.45 -15.17 12.39
C LEU G 149 13.97 -14.93 13.83
N LEU G 150 14.84 -14.36 14.66
CA LEU G 150 14.46 -14.14 16.04
C LEU G 150 13.30 -13.16 16.13
N ALA G 151 13.38 -12.11 15.33
CA ALA G 151 12.33 -11.09 15.30
C ALA G 151 11.00 -11.67 14.84
N HIS G 152 11.05 -12.76 14.07
CA HIS G 152 9.83 -13.34 13.52
C HIS G 152 9.34 -14.57 14.29
N GLY G 153 9.75 -14.67 15.55
CA GLY G 153 9.23 -15.69 16.43
C GLY G 153 9.86 -17.06 16.32
N TYR G 154 10.94 -17.20 15.56
CA TYR G 154 11.64 -18.48 15.51
C TYR G 154 12.49 -18.63 16.77
N ASP G 155 12.53 -19.84 17.30
CA ASP G 155 13.23 -20.11 18.55
C ASP G 155 14.69 -20.49 18.32
N PRO G 156 15.61 -19.85 19.05
CA PRO G 156 17.04 -20.18 18.93
C PRO G 156 17.29 -21.69 19.00
N SER G 157 16.53 -22.41 19.81
CA SER G 157 16.80 -23.82 20.02
C SER G 157 16.31 -24.67 18.83
N ARG G 158 15.60 -24.03 17.90
CA ARG G 158 15.14 -24.72 16.69
C ARG G 158 15.79 -24.16 15.41
N ILE G 159 16.88 -23.42 15.58
CA ILE G 159 17.65 -22.91 14.45
C ILE G 159 19.06 -23.50 14.46
N ALA G 160 19.52 -23.97 13.30
CA ALA G 160 20.92 -24.32 13.11
C ALA G 160 21.50 -23.54 11.93
N LEU G 161 22.79 -23.23 12.00
CA LEU G 161 23.51 -22.62 10.89
C LEU G 161 24.32 -23.70 10.17
N GLY G 162 24.33 -23.66 8.84
CA GLY G 162 25.12 -24.59 8.05
C GLY G 162 25.80 -23.88 6.90
N GLY G 163 26.88 -24.45 6.39
CA GLY G 163 27.56 -23.85 5.25
C GLY G 163 28.67 -24.76 4.74
N ASP G 164 29.10 -24.53 3.48
CA ASP G 164 30.16 -25.31 2.89
C ASP G 164 31.27 -24.39 2.43
N SER G 165 32.51 -24.85 2.56
CA SER G 165 33.71 -24.11 2.12
C SER G 165 33.75 -22.72 2.80
N ALA G 166 33.76 -21.66 2.00
CA ALA G 166 33.68 -20.32 2.58
C ALA G 166 32.50 -20.24 3.57
N GLY G 167 31.38 -20.86 3.21
CA GLY G 167 30.20 -20.91 4.05
C GLY G 167 30.43 -21.64 5.36
N GLY G 168 31.24 -22.70 5.30
CA GLY G 168 31.56 -23.44 6.51
C GLY G 168 32.33 -22.57 7.50
N GLY G 169 33.26 -21.77 6.97
CA GLY G 169 34.02 -20.86 7.79
C GLY G 169 33.11 -19.75 8.31
N LEU G 170 32.22 -19.30 7.44
CA LEU G 170 31.23 -18.26 7.78
C LEU G 170 30.32 -18.70 8.93
N VAL G 171 29.94 -19.98 8.93
CA VAL G 171 29.13 -20.48 10.05
C VAL G 171 29.84 -20.18 11.37
N VAL G 172 31.13 -20.49 11.41
CA VAL G 172 31.93 -20.29 12.62
C VAL G 172 32.06 -18.80 12.98
N ALA G 173 32.49 -17.99 12.02
CA ALA G 173 32.61 -16.55 12.23
C ALA G 173 31.31 -15.93 12.71
N ALA G 174 30.21 -16.36 12.09
CA ALA G 174 28.92 -15.80 12.44
C ALA G 174 28.50 -16.17 13.85
N LEU G 175 28.81 -17.39 14.28
CA LEU G 175 28.47 -17.86 15.60
C LEU G 175 29.28 -17.05 16.62
N VAL G 176 30.55 -16.82 16.30
CA VAL G 176 31.39 -15.99 17.14
C VAL G 176 30.84 -14.56 17.21
N ALA G 177 30.52 -13.98 16.05
CA ALA G 177 29.95 -12.63 16.02
C ALA G 177 28.69 -12.54 16.86
N LEU G 178 27.78 -13.49 16.68
CA LEU G 178 26.54 -13.51 17.47
C LEU G 178 26.80 -13.49 18.98
N ARG G 179 27.77 -14.29 19.43
CA ARG G 179 28.09 -14.31 20.85
C ARG G 179 28.65 -12.95 21.29
N TYR G 180 29.57 -12.42 20.50
CA TYR G 180 30.16 -11.12 20.78
C TYR G 180 29.15 -9.97 20.87
N ILE G 181 28.05 -10.03 20.12
CA ILE G 181 27.02 -8.98 20.20
C ILE G 181 25.82 -9.43 21.04
N GLY G 182 26.01 -10.47 21.84
CA GLY G 182 25.00 -10.85 22.82
C GLY G 182 23.69 -11.45 22.36
N GLU G 183 23.63 -11.93 21.12
CA GLU G 183 22.43 -12.61 20.62
C GLU G 183 22.35 -14.02 21.20
N PRO G 184 21.13 -14.50 21.46
CA PRO G 184 21.00 -15.89 21.91
C PRO G 184 21.45 -16.82 20.80
N LEU G 185 22.34 -17.76 21.10
CA LEU G 185 22.97 -18.56 20.07
C LEU G 185 22.06 -19.67 19.59
N PRO G 186 22.23 -20.08 18.32
CA PRO G 186 21.50 -21.18 17.67
C PRO G 186 21.82 -22.52 18.33
N ALA G 187 21.07 -23.56 17.96
CA ALA G 187 21.26 -24.89 18.57
C ALA G 187 22.52 -25.60 18.10
N ALA G 188 23.00 -25.24 16.91
CA ALA G 188 24.07 -26.03 16.30
C ALA G 188 24.64 -25.39 15.04
N GLY G 189 25.82 -25.87 14.65
CA GLY G 189 26.42 -25.49 13.39
C GLY G 189 26.87 -26.71 12.58
N VAL G 190 26.71 -26.63 11.26
CA VAL G 190 27.17 -27.69 10.35
C VAL G 190 28.18 -27.10 9.36
N CYS G 191 29.37 -27.68 9.33
CA CYS G 191 30.45 -27.16 8.49
C CYS G 191 30.91 -28.21 7.47
N LEU G 192 30.58 -28.00 6.20
CA LEU G 192 30.95 -28.95 5.14
C LEU G 192 32.21 -28.44 4.42
N SER G 193 33.33 -29.14 4.55
CA SER G 193 34.62 -28.70 3.96
C SER G 193 34.92 -27.23 4.26
N PRO G 194 34.86 -26.84 5.54
CA PRO G 194 35.00 -25.42 5.90
C PRO G 194 36.37 -24.83 5.52
N TRP G 195 36.35 -23.57 5.09
CA TRP G 195 37.58 -22.82 4.84
C TRP G 195 37.73 -21.81 5.98
N ILE G 196 38.69 -22.05 6.88
CA ILE G 196 38.84 -21.19 8.06
C ILE G 196 40.16 -20.43 8.11
N ASP G 197 40.92 -20.49 7.02
CA ASP G 197 42.26 -19.91 6.99
C ASP G 197 42.56 -19.26 5.64
N MET G 198 42.51 -17.95 5.62
CA MET G 198 42.70 -17.18 4.38
C MET G 198 44.05 -17.43 3.71
N GLU G 199 45.03 -17.88 4.50
CA GLU G 199 46.40 -17.99 4.02
C GLU G 199 46.73 -19.38 3.55
N ALA G 200 45.78 -20.30 3.69
CA ALA G 200 45.93 -21.67 3.21
C ALA G 200 47.21 -22.34 3.68
N THR G 201 47.44 -22.31 5.00
CA THR G 201 48.67 -22.81 5.62
C THR G 201 48.61 -24.30 5.97
N GLY G 202 47.42 -24.89 5.94
CA GLY G 202 47.26 -26.30 6.25
C GLY G 202 48.16 -27.19 5.40
N GLU G 203 48.73 -28.23 6.02
CA GLU G 203 49.72 -29.07 5.34
C GLU G 203 49.11 -29.83 4.17
N SER G 204 47.82 -30.11 4.27
CA SER G 204 47.08 -30.80 3.20
C SER G 204 47.10 -30.00 1.90
N PHE G 205 47.32 -28.70 1.99
CA PHE G 205 47.45 -27.92 0.75
C PHE G 205 48.66 -28.38 -0.04
N THR G 206 49.61 -28.99 0.65
CA THR G 206 50.77 -29.59 0.00
C THR G 206 50.54 -31.07 -0.24
N THR G 207 50.22 -31.81 0.81
CA THR G 207 50.15 -33.27 0.70
C THR G 207 49.03 -33.75 -0.22
N ASN G 208 47.93 -33.00 -0.29
CA ASN G 208 46.78 -33.43 -1.10
C ASN G 208 46.67 -32.66 -2.41
N ALA G 209 47.72 -31.94 -2.72
CA ALA G 209 47.64 -31.07 -3.87
C ALA G 209 47.39 -31.80 -5.20
N THR G 210 47.96 -32.98 -5.38
CA THR G 210 47.70 -33.74 -6.60
C THR G 210 46.46 -34.64 -6.47
N MET G 211 45.89 -34.71 -5.28
CA MET G 211 44.74 -35.58 -5.01
C MET G 211 43.39 -34.85 -5.18
N ASP G 212 43.41 -33.53 -4.97
CA ASP G 212 42.20 -32.72 -4.95
C ASP G 212 41.90 -32.19 -6.34
N PRO G 213 40.77 -32.63 -6.93
CA PRO G 213 40.46 -32.24 -8.32
C PRO G 213 39.87 -30.83 -8.46
N SER G 214 39.60 -30.13 -7.36
CA SER G 214 38.89 -28.85 -7.48
C SER G 214 39.44 -27.67 -6.68
N VAL G 215 40.17 -27.93 -5.62
CA VAL G 215 40.71 -26.83 -4.81
C VAL G 215 42.23 -26.91 -4.75
N ASN G 216 42.91 -25.78 -4.99
CA ASN G 216 44.36 -25.73 -4.78
C ASN G 216 44.81 -24.44 -4.09
N LYS G 217 46.04 -24.42 -3.61
CA LYS G 217 46.50 -23.31 -2.79
C LYS G 217 46.50 -21.99 -3.58
N GLU G 218 46.83 -22.03 -4.86
CA GLU G 218 46.91 -20.80 -5.62
C GLU G 218 45.53 -20.19 -5.85
N ARG G 219 44.56 -21.05 -6.11
CA ARG G 219 43.18 -20.61 -6.23
C ARG G 219 42.66 -19.97 -4.95
N VAL G 220 42.96 -20.63 -3.83
CA VAL G 220 42.48 -20.15 -2.54
C VAL G 220 43.07 -18.79 -2.20
N MET G 221 44.35 -18.62 -2.47
CA MET G 221 45.00 -17.37 -2.11
C MET G 221 44.53 -16.23 -3.00
N SER G 222 44.32 -16.51 -4.29
CA SER G 222 43.73 -15.55 -5.23
C SER G 222 42.33 -15.09 -4.80
N ILE G 223 41.53 -16.04 -4.37
CA ILE G 223 40.19 -15.72 -3.92
C ILE G 223 40.21 -14.98 -2.58
N ALA G 224 41.09 -15.39 -1.68
CA ALA G 224 41.20 -14.74 -0.38
C ALA G 224 41.50 -13.26 -0.55
N ALA G 225 42.34 -12.92 -1.52
CA ALA G 225 42.74 -11.53 -1.71
C ALA G 225 41.54 -10.73 -2.22
N LEU G 226 40.74 -11.35 -3.07
CA LEU G 226 39.51 -10.73 -3.54
C LEU G 226 38.54 -10.46 -2.39
N TYR G 227 38.43 -11.40 -1.47
CA TYR G 227 37.47 -11.27 -0.37
C TYR G 227 37.92 -10.23 0.65
N LEU G 228 39.21 -10.25 0.95
CA LEU G 228 39.75 -9.43 2.03
C LEU G 228 39.73 -7.94 1.73
N GLY G 229 39.80 -7.59 0.45
CA GLY G 229 39.84 -6.19 0.06
C GLY G 229 40.88 -5.40 0.84
N GLY G 230 42.03 -6.02 1.07
CA GLY G 230 43.15 -5.33 1.71
C GLY G 230 43.19 -5.47 3.23
N LYS G 231 42.19 -6.13 3.81
CA LYS G 231 42.14 -6.29 5.26
C LYS G 231 43.07 -7.40 5.69
N ASN G 232 43.34 -7.47 6.99
CA ASN G 232 44.30 -8.44 7.52
C ASN G 232 43.86 -9.90 7.28
N PRO G 233 44.70 -10.70 6.61
CA PRO G 233 44.29 -12.06 6.24
C PRO G 233 44.05 -12.93 7.47
N GLN G 234 44.60 -12.54 8.62
CA GLN G 234 44.42 -13.34 9.82
C GLN G 234 43.32 -12.81 10.74
N ALA G 235 42.55 -11.83 10.27
CA ALA G 235 41.37 -11.35 10.99
C ALA G 235 40.48 -12.53 11.43
N PRO G 236 40.21 -12.65 12.73
CA PRO G 236 39.38 -13.75 13.26
C PRO G 236 38.07 -14.04 12.51
N LEU G 237 37.38 -13.02 12.00
CA LEU G 237 36.10 -13.27 11.34
C LEU G 237 36.23 -13.70 9.88
N ALA G 238 37.43 -13.53 9.31
CA ALA G 238 37.70 -14.01 7.96
C ALA G 238 38.40 -15.36 8.07
N SER G 239 39.30 -15.47 9.05
CA SER G 239 40.02 -16.72 9.34
C SER G 239 39.74 -17.20 10.77
N PRO G 240 38.61 -17.88 10.98
CA PRO G 240 38.23 -18.27 12.36
C PRO G 240 39.25 -19.22 13.01
N LEU G 241 40.20 -19.71 12.23
CA LEU G 241 41.40 -20.33 12.81
C LEU G 241 41.93 -19.49 13.97
N TYR G 242 41.68 -18.19 13.95
CA TYR G 242 42.23 -17.28 14.95
C TYR G 242 41.16 -16.72 15.89
N ALA G 243 39.92 -17.20 15.74
CA ALA G 243 38.81 -16.64 16.49
C ALA G 243 38.65 -17.31 17.86
N ASP G 244 38.10 -16.56 18.80
CA ASP G 244 37.72 -17.08 20.12
C ASP G 244 36.47 -17.96 19.94
N LEU G 245 36.62 -19.27 20.14
CA LEU G 245 35.52 -20.21 19.87
C LEU G 245 34.71 -20.59 21.10
N GLN G 246 35.02 -19.97 22.23
CA GLN G 246 34.32 -20.26 23.47
C GLN G 246 32.82 -20.04 23.34
N GLY G 247 32.04 -20.94 23.93
CA GLY G 247 30.59 -20.77 23.99
C GLY G 247 29.78 -21.21 22.78
N LEU G 248 30.44 -21.69 21.74
CA LEU G 248 29.70 -22.09 20.55
C LEU G 248 28.90 -23.35 20.83
N PRO G 249 27.80 -23.53 20.11
CA PRO G 249 26.97 -24.72 20.25
C PRO G 249 27.59 -25.90 19.46
N PRO G 250 27.02 -27.11 19.58
CA PRO G 250 27.59 -28.30 18.95
C PRO G 250 27.84 -28.16 17.46
N LEU G 251 28.99 -28.63 16.98
CA LEU G 251 29.33 -28.54 15.56
C LEU G 251 29.44 -29.94 14.94
N LEU G 252 28.92 -30.10 13.73
CA LEU G 252 29.25 -31.27 12.90
C LEU G 252 30.15 -30.78 11.75
N VAL G 253 31.32 -31.37 11.63
CA VAL G 253 32.22 -31.04 10.52
C VAL G 253 32.41 -32.26 9.61
N GLN G 254 32.10 -32.11 8.33
CA GLN G 254 32.39 -33.15 7.33
C GLN G 254 33.40 -32.62 6.34
N VAL G 255 34.29 -33.50 5.87
CA VAL G 255 35.31 -33.09 4.90
C VAL G 255 35.77 -34.36 4.15
N GLY G 256 36.34 -34.17 2.97
CA GLY G 256 36.79 -35.31 2.18
C GLY G 256 38.25 -35.64 2.39
N GLY G 257 38.61 -36.92 2.31
CA GLY G 257 39.97 -37.35 2.59
C GLY G 257 41.02 -36.86 1.61
N ILE G 258 40.61 -36.53 0.39
CA ILE G 258 41.57 -36.10 -0.62
C ILE G 258 41.65 -34.57 -0.72
N GLU G 259 40.96 -33.87 0.18
CA GLU G 259 40.88 -32.42 0.12
C GLU G 259 42.13 -31.69 0.58
N THR G 260 42.51 -30.65 -0.15
CA THR G 260 43.52 -29.74 0.34
C THR G 260 43.02 -28.99 1.58
N LEU G 261 41.70 -28.88 1.71
CA LEU G 261 41.09 -28.23 2.86
C LEU G 261 40.96 -29.15 4.07
N LEU G 262 41.50 -30.36 3.96
CA LEU G 262 41.40 -31.35 5.02
C LEU G 262 41.92 -30.84 6.37
N ASP G 263 43.07 -30.21 6.35
CA ASP G 263 43.62 -29.69 7.59
C ASP G 263 42.87 -28.47 8.16
N ASP G 264 42.11 -27.77 7.33
CA ASP G 264 41.23 -26.72 7.88
C ASP G 264 40.16 -27.36 8.76
N ALA G 265 39.57 -28.46 8.27
CA ALA G 265 38.53 -29.16 9.03
C ALA G 265 39.08 -29.74 10.33
N ARG G 266 40.30 -30.26 10.28
CA ARG G 266 40.92 -30.82 11.47
C ARG G 266 41.24 -29.72 12.49
N ALA G 267 41.83 -28.63 12.02
CA ALA G 267 42.18 -27.50 12.88
C ALA G 267 40.96 -26.91 13.57
N LEU G 268 39.85 -26.82 12.82
CA LEU G 268 38.64 -26.23 13.36
C LEU G 268 38.12 -27.09 14.49
N THR G 269 38.09 -28.40 14.24
CA THR G 269 37.58 -29.36 15.22
C THR G 269 38.44 -29.37 16.47
N THR G 270 39.75 -29.32 16.29
CA THR G 270 40.67 -29.35 17.41
C THR G 270 40.57 -28.05 18.22
N ARG G 271 40.49 -26.91 17.52
CA ARG G 271 40.38 -25.61 18.18
C ARG G 271 39.06 -25.49 18.93
N ALA G 272 37.99 -25.97 18.30
CA ALA G 272 36.67 -25.99 18.93
C ALA G 272 36.70 -26.81 20.23
N LYS G 273 37.16 -28.04 20.14
CA LYS G 273 37.22 -28.90 21.32
C LYS G 273 38.00 -28.24 22.45
N ALA G 274 39.12 -27.61 22.11
CA ALA G 274 39.99 -26.99 23.10
C ALA G 274 39.29 -25.80 23.78
N ALA G 275 38.32 -25.23 23.09
CA ALA G 275 37.51 -24.14 23.62
C ALA G 275 36.27 -24.63 24.37
N GLY G 276 36.12 -25.95 24.51
CA GLY G 276 35.00 -26.52 25.25
C GLY G 276 33.77 -26.78 24.41
N VAL G 277 33.90 -26.64 23.10
CA VAL G 277 32.78 -26.84 22.19
C VAL G 277 32.66 -28.31 21.84
N ASP G 278 31.44 -28.80 21.77
CA ASP G 278 31.15 -30.17 21.36
C ASP G 278 31.24 -30.26 19.84
N ALA G 279 32.38 -30.67 19.31
CA ALA G 279 32.58 -30.71 17.86
C ALA G 279 32.91 -32.13 17.43
N ASP G 280 32.35 -32.54 16.31
CA ASP G 280 32.60 -33.88 15.80
C ASP G 280 33.05 -33.81 14.35
N LEU G 281 34.16 -34.46 14.03
CA LEU G 281 34.70 -34.48 12.68
C LEU G 281 34.50 -35.82 12.00
N GLU G 282 34.02 -35.76 10.76
CA GLU G 282 33.94 -36.95 9.91
C GLU G 282 34.78 -36.72 8.68
N VAL G 283 35.82 -37.52 8.49
CA VAL G 283 36.58 -37.47 7.25
C VAL G 283 36.14 -38.60 6.33
N TRP G 284 35.60 -38.26 5.16
CA TRP G 284 35.05 -39.28 4.27
C TRP G 284 36.07 -39.65 3.19
N ASP G 285 36.60 -40.86 3.27
CA ASP G 285 37.65 -41.28 2.36
C ASP G 285 37.24 -41.10 0.90
N ASP G 286 38.19 -40.63 0.10
CA ASP G 286 38.06 -40.58 -1.38
C ASP G 286 37.12 -39.49 -1.88
N MET G 287 36.51 -38.73 -0.98
CA MET G 287 35.53 -37.74 -1.41
C MET G 287 36.15 -36.40 -1.77
N PRO G 288 35.67 -35.81 -2.87
CA PRO G 288 36.13 -34.49 -3.29
C PRO G 288 35.39 -33.39 -2.53
N HIS G 289 35.86 -32.17 -2.69
CA HIS G 289 35.29 -30.98 -2.04
C HIS G 289 33.76 -30.93 -2.16
N VAL G 290 33.07 -30.82 -1.02
CA VAL G 290 31.61 -30.74 -0.99
C VAL G 290 30.94 -31.73 -1.96
N TRP G 291 31.31 -32.99 -1.82
CA TRP G 291 30.73 -34.06 -2.62
C TRP G 291 29.23 -34.18 -2.37
N GLN G 292 28.75 -33.60 -1.28
CA GLN G 292 27.31 -33.60 -1.00
C GLN G 292 26.44 -32.96 -2.11
N HIS G 293 27.02 -32.06 -2.91
CA HIS G 293 26.32 -31.47 -4.05
C HIS G 293 25.80 -32.57 -4.97
N PHE G 294 26.53 -33.68 -5.04
CA PHE G 294 26.24 -34.70 -6.06
C PHE G 294 25.37 -35.83 -5.52
N ALA G 295 24.77 -35.61 -4.35
CA ALA G 295 23.87 -36.60 -3.75
C ALA G 295 22.92 -37.30 -4.74
N PRO G 296 22.33 -36.55 -5.68
CA PRO G 296 21.41 -37.17 -6.65
C PRO G 296 22.03 -38.31 -7.46
N ILE G 297 23.34 -38.26 -7.68
CA ILE G 297 24.01 -39.31 -8.47
C ILE G 297 25.09 -40.09 -7.69
N LEU G 298 25.30 -39.73 -6.43
CA LEU G 298 26.40 -40.28 -5.66
C LEU G 298 25.96 -40.82 -4.29
N PRO G 299 26.02 -42.14 -4.11
CA PRO G 299 25.64 -42.77 -2.84
C PRO G 299 26.29 -42.12 -1.62
N GLU G 300 27.57 -41.74 -1.68
CA GLU G 300 28.23 -41.11 -0.53
C GLU G 300 27.67 -39.73 -0.24
N GLY G 301 27.09 -39.13 -1.28
CA GLY G 301 26.44 -37.84 -1.14
C GLY G 301 25.19 -38.00 -0.33
N LYS G 302 24.37 -38.98 -0.71
CA LYS G 302 23.17 -39.29 0.05
C LYS G 302 23.48 -39.69 1.49
N GLN G 303 24.54 -40.48 1.68
CA GLN G 303 24.89 -40.95 3.01
C GLN G 303 25.28 -39.77 3.91
N ALA G 304 26.11 -38.88 3.37
CA ALA G 304 26.63 -37.76 4.15
C ALA G 304 25.48 -36.83 4.53
N ILE G 305 24.55 -36.66 3.60
CA ILE G 305 23.38 -35.83 3.85
C ILE G 305 22.45 -36.48 4.88
N ALA G 306 22.27 -37.79 4.79
CA ALA G 306 21.49 -38.50 5.82
C ALA G 306 22.10 -38.27 7.19
N ARG G 307 23.42 -38.16 7.23
CA ARG G 307 24.11 -37.95 8.49
C ARG G 307 23.89 -36.52 9.00
N ILE G 308 23.92 -35.55 8.09
CA ILE G 308 23.57 -34.18 8.44
C ILE G 308 22.15 -34.12 8.97
N GLY G 309 21.24 -34.80 8.29
CA GLY G 309 19.84 -34.85 8.70
C GLY G 309 19.62 -35.41 10.10
N GLU G 310 20.33 -36.49 10.43
CA GLU G 310 20.28 -37.07 11.78
C GLU G 310 20.76 -36.08 12.84
N PHE G 311 21.87 -35.41 12.53
CA PHE G 311 22.44 -34.44 13.44
C PHE G 311 21.45 -33.30 13.67
N LEU G 312 20.84 -32.83 12.60
CA LEU G 312 19.87 -31.74 12.72
C LEU G 312 18.61 -32.17 13.51
N ARG G 313 18.09 -33.35 13.21
CA ARG G 313 16.94 -33.84 13.96
C ARG G 313 17.24 -33.91 15.46
N LYS G 314 18.46 -34.30 15.80
CA LYS G 314 18.87 -34.34 17.21
C LYS G 314 18.92 -32.95 17.84
N GLN G 315 19.50 -31.99 17.13
CA GLN G 315 19.78 -30.67 17.68
C GLN G 315 18.61 -29.69 17.62
N ILE G 316 17.85 -29.70 16.53
CA ILE G 316 16.74 -28.76 16.44
C ILE G 316 15.40 -29.44 16.35
N GLY G 317 15.41 -30.75 16.20
CA GLY G 317 14.18 -31.52 16.16
C GLY G 317 13.83 -32.08 17.52
N MET H 21 7.02 39.52 -18.81
CA MET H 21 7.71 38.48 -19.55
C MET H 21 7.40 37.13 -18.91
N ALA H 22 7.18 36.10 -19.75
CA ALA H 22 6.96 34.72 -19.30
C ALA H 22 5.90 33.97 -20.10
N LYS H 23 5.82 32.66 -19.88
CA LYS H 23 5.03 31.78 -20.72
C LYS H 23 3.60 31.62 -20.19
N SER H 24 2.66 31.56 -21.12
CA SER H 24 1.23 31.78 -20.88
C SER H 24 0.84 32.62 -22.07
N PRO H 25 -0.02 32.09 -22.96
CA PRO H 25 -0.39 32.88 -24.13
C PRO H 25 -0.99 34.24 -23.74
N GLU H 26 -1.78 34.29 -22.67
CA GLU H 26 -2.42 35.55 -22.28
C GLU H 26 -1.39 36.59 -21.86
N LEU H 27 -0.42 36.18 -21.04
CA LEU H 27 0.69 37.05 -20.67
C LEU H 27 1.54 37.45 -21.89
N ASP H 28 1.80 36.51 -22.79
CA ASP H 28 2.52 36.81 -24.01
C ASP H 28 1.84 37.92 -24.79
N ARG H 29 0.52 37.80 -24.93
CA ARG H 29 -0.27 38.80 -25.63
C ARG H 29 -0.15 40.18 -24.96
N VAL H 30 -0.29 40.22 -23.63
CA VAL H 30 -0.17 41.49 -22.90
C VAL H 30 1.21 42.12 -23.12
N ILE H 31 2.27 41.33 -22.93
CA ILE H 31 3.63 41.83 -23.11
C ILE H 31 3.81 42.41 -24.51
N GLY H 32 3.22 41.75 -25.50
CA GLY H 32 3.24 42.23 -26.87
C GLY H 32 2.62 43.61 -27.04
N MET H 33 1.44 43.82 -26.46
CA MET H 33 0.79 45.14 -26.48
C MET H 33 1.68 46.21 -25.85
N ILE H 34 2.35 45.85 -24.76
CA ILE H 34 3.18 46.80 -24.02
C ILE H 34 4.44 47.13 -24.83
N ARG H 35 5.06 46.10 -25.40
CA ARG H 35 6.27 46.30 -26.19
C ARG H 35 6.00 47.09 -27.45
N GLU H 36 4.83 46.90 -28.04
CA GLU H 36 4.47 47.68 -29.22
C GLU H 36 4.41 49.17 -28.90
N ARG H 37 3.69 49.51 -27.83
CA ARG H 37 3.65 50.91 -27.40
C ARG H 37 5.06 51.47 -27.14
N ALA H 38 5.86 50.74 -26.37
CA ALA H 38 7.17 51.22 -25.97
C ALA H 38 8.07 51.47 -27.16
N ALA H 39 7.78 50.82 -28.27
CA ALA H 39 8.61 50.92 -29.45
C ALA H 39 8.02 51.87 -30.50
N THR H 40 6.80 52.35 -30.27
CA THR H 40 6.17 53.27 -31.20
C THR H 40 6.79 54.66 -31.12
N PRO H 41 7.28 55.18 -32.25
CA PRO H 41 7.92 56.50 -32.31
C PRO H 41 6.95 57.62 -31.97
N ARG H 42 7.38 58.52 -31.09
CA ARG H 42 6.55 59.62 -30.64
C ARG H 42 7.35 60.92 -30.55
N LYS H 43 6.65 62.04 -30.58
CA LYS H 43 7.33 63.34 -30.54
C LYS H 43 6.81 64.24 -29.41
N THR H 44 5.50 64.45 -29.37
CA THR H 44 4.94 65.45 -28.46
C THR H 44 4.33 64.82 -27.22
N THR H 45 4.11 65.64 -26.19
CA THR H 45 3.39 65.20 -25.02
C THR H 45 2.06 64.59 -25.38
N ASP H 46 1.30 65.27 -26.25
CA ASP H 46 -0.01 64.74 -26.60
C ASP H 46 0.09 63.46 -27.41
N ASP H 47 1.17 63.30 -28.18
CA ASP H 47 1.42 62.03 -28.87
C ASP H 47 1.57 60.91 -27.84
N ASP H 48 2.31 61.19 -26.76
CA ASP H 48 2.46 60.20 -25.68
C ASP H 48 1.12 59.92 -24.99
N ARG H 49 0.30 60.95 -24.80
CA ARG H 49 -1.00 60.76 -24.19
C ARG H 49 -1.88 59.87 -25.07
N ARG H 50 -1.87 60.13 -26.37
CA ARG H 50 -2.71 59.39 -27.30
C ARG H 50 -2.26 57.93 -27.42
N LEU H 51 -0.95 57.72 -27.44
CA LEU H 51 -0.39 56.36 -27.55
C LEU H 51 -0.81 55.47 -26.38
N TYR H 52 -0.87 56.05 -25.18
CA TYR H 52 -1.29 55.32 -23.98
C TYR H 52 -2.75 54.91 -24.15
N GLU H 53 -3.56 55.87 -24.58
CA GLU H 53 -4.97 55.60 -24.89
C GLU H 53 -5.10 54.50 -25.96
N THR H 54 -4.22 54.53 -26.95
CA THR H 54 -4.28 53.55 -28.04
C THR H 54 -4.04 52.15 -27.52
N MET H 55 -3.06 52.01 -26.64
CA MET H 55 -2.69 50.70 -26.12
C MET H 55 -3.85 50.05 -25.40
N LEU H 56 -4.60 50.86 -24.65
CA LEU H 56 -5.64 50.33 -23.78
C LEU H 56 -7.01 50.40 -24.45
N GLY H 57 -7.05 50.94 -25.66
CA GLY H 57 -8.28 51.29 -26.32
C GLY H 57 -9.01 50.15 -27.03
N SER H 58 -8.38 48.99 -27.13
CA SER H 58 -9.02 47.83 -27.76
C SER H 58 -9.87 47.02 -26.77
N MET H 59 -9.88 47.44 -25.51
CA MET H 59 -10.67 46.76 -24.50
C MET H 59 -11.81 47.67 -24.03
N PRO H 60 -13.02 47.48 -24.59
CA PRO H 60 -14.20 48.33 -24.38
C PRO H 60 -14.86 48.19 -23.00
N LEU H 61 -15.62 49.21 -22.60
CA LEU H 61 -16.35 49.17 -21.34
C LEU H 61 -17.49 48.18 -21.49
N ASP H 62 -17.70 47.33 -20.48
CA ASP H 62 -18.89 46.47 -20.45
C ASP H 62 -20.17 47.28 -20.62
N ASP H 63 -21.13 46.70 -21.33
CA ASP H 63 -22.41 47.36 -21.61
C ASP H 63 -23.18 47.80 -20.37
N ASP H 64 -23.02 47.07 -19.27
CA ASP H 64 -23.83 47.34 -18.09
C ASP H 64 -23.19 48.32 -17.12
N ILE H 65 -22.04 48.87 -17.48
CA ILE H 65 -21.35 49.81 -16.62
C ILE H 65 -21.95 51.21 -16.75
N GLN H 66 -22.26 51.83 -15.62
CA GLN H 66 -22.74 53.20 -15.65
C GLN H 66 -21.57 54.17 -15.44
N THR H 67 -21.55 55.25 -16.20
CA THR H 67 -20.55 56.29 -15.98
C THR H 67 -21.20 57.68 -15.99
N GLU H 68 -20.60 58.63 -15.29
CA GLU H 68 -21.11 60.00 -15.28
C GLU H 68 -19.97 60.98 -15.08
N ARG H 69 -19.85 61.97 -15.97
CA ARG H 69 -18.82 62.99 -15.84
C ARG H 69 -19.36 64.11 -14.98
N LEU H 70 -18.55 64.58 -14.05
CA LEU H 70 -18.96 65.69 -13.18
C LEU H 70 -17.75 66.38 -12.63
N GLY H 71 -17.97 67.54 -12.02
CA GLY H 71 -16.89 68.23 -11.33
C GLY H 71 -17.05 68.02 -9.84
N VAL H 72 -15.95 67.75 -9.15
CA VAL H 72 -15.96 67.63 -7.71
C VAL H 72 -15.03 68.70 -7.13
N ASN H 73 -15.61 69.73 -6.53
CA ASN H 73 -14.80 70.87 -6.11
C ASN H 73 -13.87 71.35 -7.23
N GLY H 74 -14.39 71.42 -8.45
CA GLY H 74 -13.62 71.97 -9.56
C GLY H 74 -12.73 70.97 -10.26
N VAL H 75 -12.63 69.74 -9.74
CA VAL H 75 -11.80 68.72 -10.39
C VAL H 75 -12.67 67.87 -11.33
N PRO H 76 -12.29 67.77 -12.61
CA PRO H 76 -13.06 66.89 -13.50
C PRO H 76 -12.96 65.46 -13.03
N ALA H 77 -14.08 64.73 -13.07
CA ALA H 77 -14.17 63.40 -12.47
C ALA H 77 -15.21 62.53 -13.18
N GLU H 78 -15.22 61.26 -12.84
CA GLU H 78 -16.16 60.31 -13.46
C GLU H 78 -16.62 59.25 -12.46
N TRP H 79 -17.92 59.20 -12.18
CA TRP H 79 -18.46 58.06 -11.44
C TRP H 79 -18.41 56.83 -12.37
N ILE H 80 -17.97 55.71 -11.82
CA ILE H 80 -17.94 54.46 -12.58
C ILE H 80 -18.48 53.34 -11.69
N TYR H 81 -19.56 52.69 -12.10
CA TYR H 81 -20.10 51.61 -11.26
C TYR H 81 -20.90 50.56 -12.04
N ALA H 82 -20.93 49.37 -11.46
CA ALA H 82 -21.65 48.23 -12.04
C ALA H 82 -22.99 48.06 -11.34
N PRO H 83 -23.88 47.26 -11.93
CA PRO H 83 -25.18 47.02 -11.30
C PRO H 83 -25.00 46.53 -9.86
N GLY H 84 -25.88 46.97 -8.97
CA GLY H 84 -25.88 46.51 -7.60
C GLY H 84 -24.83 47.19 -6.74
N ALA H 85 -24.23 48.25 -7.25
CA ALA H 85 -23.22 48.97 -6.51
C ALA H 85 -23.81 49.62 -5.28
N ARG H 86 -23.02 49.69 -4.21
CA ARG H 86 -23.38 50.49 -3.02
C ARG H 86 -23.06 51.95 -3.23
N ASP H 87 -24.09 52.78 -3.28
CA ASP H 87 -23.93 54.18 -3.61
C ASP H 87 -23.31 54.97 -2.46
N ASP H 88 -23.12 54.31 -1.32
CA ASP H 88 -22.50 54.99 -0.19
C ASP H 88 -21.06 54.54 0.04
N GLN H 89 -20.56 53.62 -0.79
CA GLN H 89 -19.16 53.23 -0.70
C GLN H 89 -18.42 53.77 -1.92
N VAL H 90 -17.28 54.43 -1.69
CA VAL H 90 -16.56 55.13 -2.74
C VAL H 90 -15.08 54.83 -2.73
N PHE H 91 -14.59 54.38 -3.89
CA PHE H 91 -13.17 54.18 -4.15
C PHE H 91 -12.73 55.39 -4.98
N LEU H 92 -12.01 56.32 -4.34
CA LEU H 92 -11.55 57.55 -4.99
C LEU H 92 -10.24 57.21 -5.67
N TYR H 93 -10.24 57.23 -7.00
CA TYR H 93 -9.12 56.64 -7.74
C TYR H 93 -8.22 57.66 -8.46
N LEU H 94 -6.92 57.49 -8.29
CA LEU H 94 -5.90 58.34 -8.91
C LEU H 94 -5.09 57.56 -9.95
N HIS H 95 -5.29 57.86 -11.22
CA HIS H 95 -4.66 57.10 -12.32
C HIS H 95 -3.16 57.34 -12.42
N GLY H 96 -2.45 56.41 -13.07
CA GLY H 96 -1.03 56.56 -13.32
C GLY H 96 -0.73 57.22 -14.66
N GLY H 97 0.54 57.29 -15.04
CA GLY H 97 0.93 58.10 -16.18
C GLY H 97 2.06 59.09 -15.86
N GLY H 98 2.75 58.87 -14.75
CA GLY H 98 3.86 59.72 -14.37
C GLY H 98 3.49 61.17 -14.05
N TYR H 99 2.22 61.41 -13.77
CA TYR H 99 1.66 62.74 -13.53
C TYR H 99 1.63 63.58 -14.78
N VAL H 100 1.83 62.93 -15.93
CA VAL H 100 1.93 63.64 -17.20
C VAL H 100 0.95 63.12 -18.25
N ILE H 101 0.72 61.81 -18.25
CA ILE H 101 -0.26 61.23 -19.17
C ILE H 101 -1.32 60.45 -18.41
N GLY H 102 -2.26 59.88 -19.14
CA GLY H 102 -3.31 59.05 -18.53
C GLY H 102 -4.57 59.84 -18.27
N SER H 103 -5.70 59.13 -18.14
CA SER H 103 -6.99 59.76 -17.90
C SER H 103 -8.03 58.68 -17.68
N MET H 104 -9.31 59.05 -17.54
CA MET H 104 -10.31 58.01 -17.41
C MET H 104 -10.36 57.22 -18.72
N ARG H 105 -9.85 57.82 -19.79
CA ARG H 105 -9.90 57.12 -21.06
C ARG H 105 -9.03 55.86 -20.99
N THR H 106 -7.89 55.97 -20.31
CA THR H 106 -6.98 54.83 -20.16
C THR H 106 -7.37 53.90 -19.01
N HIS H 107 -8.05 54.44 -18.00
CA HIS H 107 -8.23 53.69 -16.76
C HIS H 107 -9.66 53.21 -16.46
N ARG H 108 -10.66 53.68 -17.21
CA ARG H 108 -12.04 53.38 -16.81
C ARG H 108 -12.43 51.90 -16.86
N VAL H 109 -11.90 51.15 -17.83
CA VAL H 109 -12.21 49.73 -17.90
C VAL H 109 -11.68 48.99 -16.66
N MET H 110 -10.42 49.20 -16.32
CA MET H 110 -9.86 48.61 -15.10
C MET H 110 -10.69 49.01 -13.88
N LEU H 111 -11.07 50.29 -13.80
CA LEU H 111 -11.81 50.75 -12.62
C LEU H 111 -13.18 50.09 -12.58
N SER H 112 -13.77 49.86 -13.75
CA SER H 112 -15.08 49.18 -13.79
C SER H 112 -14.99 47.76 -13.23
N HIS H 113 -13.86 47.09 -13.49
CA HIS H 113 -13.64 45.76 -12.94
C HIS H 113 -13.47 45.81 -11.42
N ILE H 114 -12.72 46.79 -10.95
CA ILE H 114 -12.57 46.97 -9.50
C ILE H 114 -13.92 47.27 -8.84
N ALA H 115 -14.68 48.18 -9.46
CA ALA H 115 -16.00 48.53 -8.95
C ALA H 115 -16.89 47.31 -8.76
N ARG H 116 -16.96 46.46 -9.80
CA ARG H 116 -17.80 45.28 -9.78
C ARG H 116 -17.30 44.29 -8.72
N ALA H 117 -15.98 44.12 -8.65
CA ALA H 117 -15.41 43.21 -7.66
C ALA H 117 -15.66 43.66 -6.21
N ALA H 118 -15.55 44.97 -5.95
CA ALA H 118 -15.73 45.47 -4.60
C ALA H 118 -17.19 45.71 -4.27
N GLY H 119 -18.02 45.80 -5.31
CA GLY H 119 -19.41 46.18 -5.16
C GLY H 119 -19.58 47.64 -4.73
N CYS H 120 -18.64 48.50 -5.09
CA CYS H 120 -18.75 49.91 -4.70
C CYS H 120 -18.79 50.83 -5.92
N ARG H 121 -18.92 52.14 -5.68
CA ARG H 121 -18.73 53.11 -6.74
C ARG H 121 -17.26 53.52 -6.82
N VAL H 122 -16.78 53.77 -8.02
CA VAL H 122 -15.46 54.34 -8.20
C VAL H 122 -15.65 55.81 -8.61
N LEU H 123 -14.93 56.70 -7.94
CA LEU H 123 -14.84 58.08 -8.40
C LEU H 123 -13.43 58.33 -8.94
N GLY H 124 -13.29 58.35 -10.26
CA GLY H 124 -11.98 58.51 -10.87
C GLY H 124 -11.72 59.97 -11.21
N LEU H 125 -10.56 60.47 -10.81
CA LEU H 125 -10.23 61.88 -11.03
C LEU H 125 -9.40 62.12 -12.27
N ASP H 126 -9.87 62.98 -13.16
CA ASP H 126 -9.00 63.48 -14.21
C ASP H 126 -8.24 64.69 -13.68
N TYR H 127 -7.32 64.44 -12.75
CA TYR H 127 -6.65 65.51 -12.03
C TYR H 127 -5.67 66.25 -12.96
N ARG H 128 -5.20 67.41 -12.52
CA ARG H 128 -4.29 68.24 -13.33
C ARG H 128 -2.94 67.60 -13.61
N LEU H 129 -2.52 67.66 -14.88
CA LEU H 129 -1.30 66.99 -15.30
C LEU H 129 -0.19 67.99 -15.59
N ALA H 130 1.04 67.55 -15.41
CA ALA H 130 2.19 68.30 -15.90
C ALA H 130 2.42 67.96 -17.37
N PRO H 131 3.16 68.81 -18.11
CA PRO H 131 3.86 70.01 -17.62
C PRO H 131 2.94 71.22 -17.41
N GLU H 132 1.70 71.17 -17.89
CA GLU H 132 0.84 72.33 -17.86
C GLU H 132 0.67 72.88 -16.44
N THR H 133 0.44 71.96 -15.51
CA THR H 133 0.31 72.31 -14.11
C THR H 133 1.11 71.28 -13.33
N PRO H 134 2.22 71.72 -12.73
CA PRO H 134 3.20 70.85 -12.07
C PRO H 134 2.82 70.48 -10.64
N PHE H 135 3.64 69.63 -10.03
CA PHE H 135 3.60 69.33 -8.60
C PHE H 135 3.49 70.66 -7.84
N PRO H 136 2.65 70.72 -6.80
CA PRO H 136 1.82 69.65 -6.22
C PRO H 136 0.34 69.66 -6.63
N ALA H 137 0.02 70.06 -7.85
CA ALA H 137 -1.39 70.17 -8.25
C ALA H 137 -2.23 68.90 -7.99
N PRO H 138 -1.67 67.71 -8.29
CA PRO H 138 -2.51 66.52 -8.12
C PRO H 138 -2.85 66.24 -6.67
N VAL H 139 -1.95 66.61 -5.76
CA VAL H 139 -2.23 66.46 -4.34
C VAL H 139 -3.37 67.41 -3.96
N GLU H 140 -3.29 68.64 -4.42
CA GLU H 140 -4.38 69.59 -4.21
C GLU H 140 -5.71 69.04 -4.72
N ASP H 141 -5.68 68.44 -5.92
CA ASP H 141 -6.89 67.94 -6.54
C ASP H 141 -7.49 66.78 -5.77
N THR H 142 -6.64 65.88 -5.30
CA THR H 142 -7.13 64.75 -4.52
C THR H 142 -7.80 65.24 -3.25
N VAL H 143 -7.15 66.15 -2.56
CA VAL H 143 -7.73 66.76 -1.35
C VAL H 143 -9.07 67.43 -1.63
N ALA H 144 -9.15 68.21 -2.70
CA ALA H 144 -10.41 68.87 -3.07
C ALA H 144 -11.53 67.83 -3.29
N ALA H 145 -11.23 66.77 -4.02
CA ALA H 145 -12.21 65.73 -4.30
C ALA H 145 -12.66 65.02 -3.03
N TYR H 146 -11.72 64.76 -2.13
CA TYR H 146 -12.04 64.10 -0.86
C TYR H 146 -12.89 65.03 -0.02
N ARG H 147 -12.49 66.30 0.06
CA ARG H 147 -13.34 67.28 0.74
C ARG H 147 -14.74 67.33 0.14
N TRP H 148 -14.85 67.15 -1.17
CA TRP H 148 -16.16 67.11 -1.81
C TRP H 148 -16.99 65.94 -1.31
N LEU H 149 -16.38 64.77 -1.20
CA LEU H 149 -17.11 63.61 -0.71
C LEU H 149 -17.63 63.85 0.72
N LEU H 150 -16.77 64.38 1.57
CA LEU H 150 -17.18 64.65 2.94
C LEU H 150 -18.32 65.65 2.99
N ALA H 151 -18.20 66.69 2.17
CA ALA H 151 -19.22 67.74 2.13
C ALA H 151 -20.55 67.20 1.64
N HIS H 152 -20.51 66.12 0.85
CA HIS H 152 -21.73 65.57 0.30
C HIS H 152 -22.26 64.34 1.04
N GLY H 153 -21.86 64.23 2.31
CA GLY H 153 -22.44 63.24 3.20
C GLY H 153 -21.86 61.85 3.11
N TYR H 154 -20.76 61.68 2.37
CA TYR H 154 -20.10 60.38 2.35
C TYR H 154 -19.28 60.20 3.62
N ASP H 155 -19.31 59.00 4.17
CA ASP H 155 -18.62 58.70 5.43
C ASP H 155 -17.17 58.28 5.22
N PRO H 156 -16.24 58.92 5.95
CA PRO H 156 -14.83 58.54 5.88
C PRO H 156 -14.61 57.02 5.97
N SER H 157 -15.39 56.33 6.79
CA SER H 157 -15.20 54.91 7.00
C SER H 157 -15.68 54.08 5.79
N ARG H 158 -16.35 54.73 4.85
CA ARG H 158 -16.79 54.06 3.62
C ARG H 158 -16.07 54.59 2.35
N ILE H 159 -14.97 55.30 2.55
CA ILE H 159 -14.17 55.80 1.43
C ILE H 159 -12.77 55.18 1.46
N ALA H 160 -12.30 54.71 0.32
CA ALA H 160 -10.91 54.32 0.17
C ALA H 160 -10.26 55.05 -1.00
N LEU H 161 -8.98 55.34 -0.90
CA LEU H 161 -8.20 55.92 -1.99
C LEU H 161 -7.41 54.84 -2.70
N GLY H 162 -7.36 54.91 -4.03
CA GLY H 162 -6.59 53.94 -4.79
C GLY H 162 -5.86 54.64 -5.92
N GLY H 163 -4.77 54.06 -6.40
CA GLY H 163 -4.03 54.63 -7.50
C GLY H 163 -2.96 53.69 -8.00
N ASP H 164 -2.51 53.90 -9.24
CA ASP H 164 -1.45 53.09 -9.81
C ASP H 164 -0.30 53.99 -10.24
N SER H 165 0.92 53.48 -10.11
CA SER H 165 2.14 54.19 -10.52
C SER H 165 2.20 55.58 -9.86
N ALA H 166 2.24 56.64 -10.66
CA ALA H 166 2.17 57.99 -10.06
C ALA H 166 0.99 58.08 -9.09
N GLY H 167 -0.14 57.52 -9.48
CA GLY H 167 -1.34 57.48 -8.65
C GLY H 167 -1.16 56.74 -7.34
N GLY H 168 -0.39 55.66 -7.37
CA GLY H 168 -0.09 54.91 -6.16
C GLY H 168 0.67 55.79 -5.16
N GLY H 169 1.63 56.55 -5.66
CA GLY H 169 2.39 57.43 -4.81
C GLY H 169 1.50 58.57 -4.31
N LEU H 170 0.64 59.04 -5.21
CA LEU H 170 -0.32 60.10 -4.89
C LEU H 170 -1.27 59.70 -3.77
N VAL H 171 -1.68 58.43 -3.77
CA VAL H 171 -2.53 57.96 -2.70
C VAL H 171 -1.87 58.25 -1.35
N VAL H 172 -0.59 57.90 -1.26
CA VAL H 172 0.17 58.06 -0.03
C VAL H 172 0.35 59.54 0.33
N ALA H 173 0.83 60.34 -0.62
CA ALA H 173 1.00 61.78 -0.41
C ALA H 173 -0.30 62.43 0.04
N ALA H 174 -1.39 62.05 -0.62
CA ALA H 174 -2.69 62.63 -0.30
C ALA H 174 -3.14 62.26 1.10
N LEU H 175 -2.87 61.04 1.52
CA LEU H 175 -3.26 60.58 2.86
C LEU H 175 -2.48 61.37 3.88
N VAL H 176 -1.19 61.56 3.61
CA VAL H 176 -0.35 62.37 4.47
C VAL H 176 -0.86 63.82 4.50
N ALA H 177 -1.10 64.43 3.34
CA ALA H 177 -1.65 65.77 3.29
C ALA H 177 -2.95 65.88 4.11
N LEU H 178 -3.90 64.98 3.88
CA LEU H 178 -5.14 64.97 4.64
C LEU H 178 -4.92 64.99 6.16
N ARG H 179 -4.02 64.15 6.65
CA ARG H 179 -3.69 64.14 8.09
C ARG H 179 -3.13 65.48 8.53
N TYR H 180 -2.18 66.00 7.75
CA TYR H 180 -1.55 67.29 8.05
C TYR H 180 -2.53 68.47 8.14
N ILE H 181 -3.61 68.45 7.36
CA ILE H 181 -4.62 69.51 7.42
C ILE H 181 -5.85 69.10 8.24
N GLY H 182 -5.71 68.05 9.03
CA GLY H 182 -6.76 67.69 9.97
C GLY H 182 -8.08 67.11 9.49
N GLU H 183 -8.11 66.63 8.24
CA GLU H 183 -9.30 65.98 7.71
C GLU H 183 -9.43 64.56 8.28
N PRO H 184 -10.66 64.10 8.49
CA PRO H 184 -10.82 62.72 8.96
C PRO H 184 -10.37 61.78 7.85
N LEU H 185 -9.52 60.83 8.18
CA LEU H 185 -8.88 59.99 7.17
C LEU H 185 -9.81 58.90 6.66
N PRO H 186 -9.64 58.51 5.40
CA PRO H 186 -10.37 57.43 4.74
C PRO H 186 -10.08 56.08 5.39
N ALA H 187 -10.84 55.06 5.01
CA ALA H 187 -10.72 53.74 5.63
C ALA H 187 -9.47 53.00 5.18
N ALA H 188 -8.97 53.33 4.01
CA ALA H 188 -7.88 52.54 3.43
C ALA H 188 -7.25 53.16 2.19
N GLY H 189 -6.08 52.66 1.84
CA GLY H 189 -5.43 53.03 0.58
C GLY H 189 -5.04 51.78 -0.20
N VAL H 190 -5.15 51.85 -1.53
CA VAL H 190 -4.68 50.79 -2.43
C VAL H 190 -3.63 51.35 -3.40
N CYS H 191 -2.44 50.74 -3.40
CA CYS H 191 -1.34 51.23 -4.22
C CYS H 191 -0.88 50.16 -5.22
N LEU H 192 -1.17 50.38 -6.50
CA LEU H 192 -0.80 49.42 -7.56
C LEU H 192 0.48 49.90 -8.27
N SER H 193 1.59 49.18 -8.11
CA SER H 193 2.90 49.59 -8.66
C SER H 193 3.21 51.06 -8.35
N PRO H 194 3.11 51.46 -7.06
CA PRO H 194 3.28 52.86 -6.72
C PRO H 194 4.68 53.41 -7.07
N TRP H 195 4.71 54.67 -7.48
CA TRP H 195 5.97 55.39 -7.70
C TRP H 195 6.13 56.40 -6.55
N ILE H 196 7.06 56.14 -5.64
CA ILE H 196 7.20 56.99 -4.46
C ILE H 196 8.54 57.71 -4.37
N ASP H 197 9.31 57.62 -5.43
CA ASP H 197 10.67 58.17 -5.41
C ASP H 197 11.02 58.80 -6.75
N MET H 198 11.02 60.14 -6.78
CA MET H 198 11.25 60.89 -8.01
C MET H 198 12.62 60.61 -8.65
N GLU H 199 13.55 60.14 -7.83
CA GLU H 199 14.94 59.99 -8.29
C GLU H 199 15.25 58.59 -8.78
N ALA H 200 14.28 57.68 -8.66
CA ALA H 200 14.40 56.30 -9.12
C ALA H 200 15.65 55.61 -8.59
N THR H 201 15.82 55.61 -7.27
CA THR H 201 17.04 55.10 -6.66
C THR H 201 16.95 53.62 -6.30
N GLY H 202 15.76 53.06 -6.40
CA GLY H 202 15.55 51.66 -6.08
C GLY H 202 16.48 50.76 -6.89
N GLU H 203 16.99 49.71 -6.25
CA GLU H 203 17.96 48.84 -6.90
C GLU H 203 17.34 48.07 -8.06
N SER H 204 16.04 47.85 -7.99
CA SER H 204 15.31 47.18 -9.06
C SER H 204 15.38 47.95 -10.38
N PHE H 205 15.68 49.24 -10.31
CA PHE H 205 15.83 50.02 -11.53
C PHE H 205 17.06 49.53 -12.30
N THR H 206 17.97 48.89 -11.57
CA THR H 206 19.12 48.24 -12.18
C THR H 206 18.86 46.76 -12.43
N THR H 207 18.49 46.04 -11.39
CA THR H 207 18.37 44.60 -11.51
C THR H 207 17.25 44.15 -12.46
N ASN H 208 16.17 44.92 -12.54
CA ASN H 208 15.04 44.55 -13.40
C ASN H 208 15.02 45.32 -14.72
N ALA H 209 16.10 46.03 -15.01
CA ALA H 209 16.12 46.88 -16.19
C ALA H 209 15.83 46.12 -17.49
N THR H 210 16.34 44.91 -17.62
CA THR H 210 16.09 44.17 -18.86
C THR H 210 14.82 43.31 -18.77
N MET H 211 14.20 43.29 -17.60
CA MET H 211 13.03 42.45 -17.36
C MET H 211 11.72 43.22 -17.57
N ASP H 212 11.77 44.52 -17.36
CA ASP H 212 10.58 45.37 -17.37
C ASP H 212 10.34 45.91 -18.78
N PRO H 213 9.20 45.51 -19.38
CA PRO H 213 8.93 45.91 -20.78
C PRO H 213 8.38 47.32 -20.94
N SER H 214 8.09 48.04 -19.84
CA SER H 214 7.43 49.35 -19.99
C SER H 214 8.01 50.50 -19.18
N VAL H 215 8.72 50.21 -18.10
CA VAL H 215 9.26 51.30 -17.27
C VAL H 215 10.77 51.15 -17.18
N ASN H 216 11.48 52.26 -17.34
CA ASN H 216 12.92 52.26 -17.10
C ASN H 216 13.37 53.52 -16.37
N LYS H 217 14.59 53.51 -15.86
CA LYS H 217 15.08 54.63 -15.07
C LYS H 217 15.12 55.96 -15.83
N GLU H 218 15.49 55.91 -17.11
CA GLU H 218 15.63 57.15 -17.87
C GLU H 218 14.26 57.79 -18.13
N ARG H 219 13.27 56.96 -18.40
CA ARG H 219 11.91 57.44 -18.59
C ARG H 219 11.35 58.07 -17.32
N VAL H 220 11.63 57.43 -16.19
CA VAL H 220 11.11 57.90 -14.91
C VAL H 220 11.71 59.24 -14.55
N MET H 221 13.02 59.36 -14.74
CA MET H 221 13.69 60.62 -14.40
C MET H 221 13.25 61.74 -15.32
N SER H 222 13.03 61.41 -16.59
CA SER H 222 12.57 62.39 -17.58
C SER H 222 11.19 62.93 -17.21
N ILE H 223 10.31 62.04 -16.82
CA ILE H 223 8.99 62.40 -16.39
C ILE H 223 9.00 63.14 -15.04
N ALA H 224 9.85 62.71 -14.11
CA ALA H 224 9.94 63.38 -12.82
C ALA H 224 10.29 64.85 -12.96
N ALA H 225 11.16 65.16 -13.92
CA ALA H 225 11.60 66.53 -14.11
C ALA H 225 10.43 67.37 -14.63
N LEU H 226 9.62 66.77 -15.50
CA LEU H 226 8.42 67.43 -16.00
C LEU H 226 7.42 67.71 -14.88
N TYR H 227 7.25 66.76 -13.97
CA TYR H 227 6.28 66.93 -12.90
C TYR H 227 6.74 67.96 -11.87
N LEU H 228 8.02 67.91 -11.55
CA LEU H 228 8.54 68.71 -10.43
C LEU H 228 8.57 70.21 -10.75
N GLY H 229 8.69 70.55 -12.02
CA GLY H 229 8.77 71.95 -12.43
C GLY H 229 9.80 72.71 -11.62
N GLY H 230 10.94 72.07 -11.33
CA GLY H 230 12.03 72.74 -10.67
C GLY H 230 12.04 72.63 -9.16
N LYS H 231 11.01 72.00 -8.60
CA LYS H 231 10.93 71.82 -7.15
C LYS H 231 11.82 70.67 -6.71
N ASN H 232 12.08 70.61 -5.41
CA ASN H 232 12.98 69.60 -4.84
C ASN H 232 12.51 68.15 -5.08
N PRO H 233 13.35 67.32 -5.74
CA PRO H 233 12.91 65.98 -6.12
C PRO H 233 12.63 65.11 -4.90
N GLN H 234 13.17 65.49 -3.74
CA GLN H 234 12.94 64.71 -2.53
C GLN H 234 11.82 65.27 -1.65
N ALA H 235 11.08 66.26 -2.15
CA ALA H 235 9.89 66.76 -1.44
C ALA H 235 8.97 65.61 -1.03
N PRO H 236 8.65 65.51 0.27
CA PRO H 236 7.79 64.42 0.77
C PRO H 236 6.48 64.16 0.02
N LEU H 237 5.83 65.19 -0.53
CA LEU H 237 4.57 64.97 -1.23
C LEU H 237 4.74 64.55 -2.69
N ALA H 238 5.93 64.70 -3.24
CA ALA H 238 6.24 64.20 -4.57
C ALA H 238 6.88 62.83 -4.43
N SER H 239 7.75 62.69 -3.42
CA SER H 239 8.45 61.43 -3.13
C SER H 239 8.13 60.97 -1.71
N PRO H 240 6.97 60.33 -1.51
CA PRO H 240 6.55 59.94 -0.16
C PRO H 240 7.51 58.95 0.50
N LEU H 241 8.50 58.45 -0.24
CA LEU H 241 9.67 57.80 0.37
C LEU H 241 10.20 58.62 1.54
N TYR H 242 9.95 59.93 1.54
CA TYR H 242 10.51 60.82 2.56
C TYR H 242 9.43 61.42 3.46
N ALA H 243 8.18 60.99 3.26
CA ALA H 243 7.06 61.57 4.01
C ALA H 243 6.86 60.89 5.36
N ASP H 244 6.29 61.64 6.30
CA ASP H 244 5.87 61.12 7.59
C ASP H 244 4.61 60.28 7.41
N LEU H 245 4.72 58.96 7.60
CA LEU H 245 3.60 58.06 7.29
C LEU H 245 2.75 57.68 8.51
N GLN H 246 3.06 58.27 9.64
CA GLN H 246 2.31 58.02 10.87
C GLN H 246 0.82 58.29 10.70
N GLY H 247 0.00 57.42 11.28
CA GLY H 247 -1.44 57.63 11.30
C GLY H 247 -2.22 57.18 10.07
N LEU H 248 -1.54 56.68 9.03
CA LEU H 248 -2.26 56.30 7.83
C LEU H 248 -3.10 55.05 8.06
N PRO H 249 -4.19 54.90 7.30
CA PRO H 249 -5.04 53.74 7.45
C PRO H 249 -4.43 52.56 6.68
N PRO H 250 -5.06 51.38 6.77
CA PRO H 250 -4.49 50.16 6.16
C PRO H 250 -4.19 50.30 4.67
N LEU H 251 -3.03 49.78 4.23
CA LEU H 251 -2.67 49.87 2.82
C LEU H 251 -2.57 48.47 2.21
N LEU H 252 -3.07 48.33 0.99
CA LEU H 252 -2.76 47.16 0.16
C LEU H 252 -1.85 47.62 -0.97
N VAL H 253 -0.66 47.01 -1.06
CA VAL H 253 0.26 47.31 -2.14
C VAL H 253 0.46 46.07 -3.05
N GLN H 254 0.16 46.22 -4.33
CA GLN H 254 0.47 45.18 -5.32
C GLN H 254 1.54 45.70 -6.29
N VAL H 255 2.37 44.80 -6.79
CA VAL H 255 3.45 45.17 -7.72
C VAL H 255 3.91 43.90 -8.44
N GLY H 256 4.48 44.05 -9.62
CA GLY H 256 4.92 42.90 -10.40
C GLY H 256 6.38 42.55 -10.13
N GLY H 257 6.71 41.26 -10.20
CA GLY H 257 8.05 40.80 -9.89
C GLY H 257 9.13 41.25 -10.85
N ILE H 258 8.76 41.60 -12.08
CA ILE H 258 9.75 42.02 -13.06
C ILE H 258 9.87 43.54 -13.16
N GLU H 259 9.16 44.25 -12.28
CA GLU H 259 9.14 45.72 -12.36
C GLU H 259 10.40 46.40 -11.86
N THR H 260 10.85 47.42 -12.59
CA THR H 260 11.86 48.31 -12.07
C THR H 260 11.33 49.08 -10.84
N LEU H 261 10.02 49.23 -10.74
CA LEU H 261 9.40 49.90 -9.59
C LEU H 261 9.21 48.97 -8.39
N LEU H 262 9.73 47.75 -8.49
CA LEU H 262 9.57 46.76 -7.43
C LEU H 262 10.07 47.28 -6.08
N ASP H 263 11.24 47.91 -6.08
CA ASP H 263 11.78 48.39 -4.81
C ASP H 263 11.03 49.61 -4.25
N ASP H 264 10.30 50.33 -5.10
CA ASP H 264 9.45 51.40 -4.58
C ASP H 264 8.33 50.81 -3.74
N ALA H 265 7.74 49.72 -4.22
CA ALA H 265 6.67 49.05 -3.47
C ALA H 265 7.17 48.45 -2.16
N ARG H 266 8.39 47.91 -2.18
CA ARG H 266 8.96 47.31 -0.97
C ARG H 266 9.28 48.40 0.05
N ALA H 267 9.88 49.50 -0.41
CA ALA H 267 10.24 50.62 0.46
C ALA H 267 9.01 51.24 1.10
N LEU H 268 7.94 51.37 0.33
CA LEU H 268 6.72 51.96 0.85
C LEU H 268 6.15 51.10 1.96
N THR H 269 6.09 49.79 1.70
CA THR H 269 5.55 48.85 2.68
C THR H 269 6.38 48.83 3.96
N THR H 270 7.70 48.83 3.81
CA THR H 270 8.60 48.79 4.94
C THR H 270 8.50 50.09 5.74
N ARG H 271 8.45 51.22 5.04
CA ARG H 271 8.37 52.52 5.69
C ARG H 271 7.04 52.66 6.41
N ALA H 272 5.97 52.23 5.76
CA ALA H 272 4.65 52.23 6.38
C ALA H 272 4.61 51.43 7.68
N LYS H 273 5.03 50.17 7.61
CA LYS H 273 5.05 49.32 8.79
C LYS H 273 5.84 49.95 9.93
N ALA H 274 6.99 50.55 9.60
CA ALA H 274 7.84 51.16 10.59
C ALA H 274 7.14 52.34 11.28
N ALA H 275 6.17 52.92 10.59
CA ALA H 275 5.42 54.06 11.11
C ALA H 275 4.15 53.62 11.81
N GLY H 276 3.97 52.29 11.93
CA GLY H 276 2.83 51.73 12.62
C GLY H 276 1.60 51.51 11.77
N VAL H 277 1.76 51.67 10.47
CA VAL H 277 0.66 51.48 9.53
C VAL H 277 0.52 50.01 9.17
N ASP H 278 -0.72 49.54 9.09
CA ASP H 278 -1.03 48.20 8.66
C ASP H 278 -0.90 48.14 7.13
N ALA H 279 0.26 47.71 6.64
CA ALA H 279 0.48 47.62 5.19
C ALA H 279 0.77 46.19 4.79
N ASP H 280 0.21 45.77 3.66
CA ASP H 280 0.47 44.44 3.15
C ASP H 280 0.95 44.53 1.72
N LEU H 281 2.05 43.83 1.42
CA LEU H 281 2.61 43.81 0.07
C LEU H 281 2.41 42.46 -0.62
N GLU H 282 1.94 42.52 -1.87
CA GLU H 282 1.86 41.34 -2.72
C GLU H 282 2.73 41.57 -3.94
N VAL H 283 3.76 40.74 -4.10
CA VAL H 283 4.54 40.77 -5.33
C VAL H 283 4.08 39.63 -6.27
N TRP H 284 3.59 39.98 -7.45
CA TRP H 284 3.04 39.00 -8.36
C TRP H 284 4.08 38.61 -9.40
N ASP H 285 4.58 37.38 -9.30
CA ASP H 285 5.65 36.94 -10.19
C ASP H 285 5.27 37.14 -11.65
N ASP H 286 6.25 37.55 -12.45
CA ASP H 286 6.15 37.61 -13.91
C ASP H 286 5.25 38.72 -14.45
N MET H 287 4.62 39.49 -13.56
CA MET H 287 3.67 40.51 -14.02
C MET H 287 4.34 41.83 -14.34
N PRO H 288 3.92 42.47 -15.45
CA PRO H 288 4.44 43.76 -15.85
C PRO H 288 3.69 44.88 -15.12
N HIS H 289 4.23 46.08 -15.23
CA HIS H 289 3.65 47.29 -14.63
C HIS H 289 2.14 47.40 -14.80
N VAL H 290 1.43 47.53 -13.68
CA VAL H 290 -0.03 47.64 -13.68
C VAL H 290 -0.70 46.67 -14.65
N TRP H 291 -0.38 45.40 -14.52
CA TRP H 291 -0.96 44.33 -15.34
C TRP H 291 -2.46 44.27 -15.15
N GLN H 292 -2.96 44.87 -14.07
CA GLN H 292 -4.40 44.87 -13.81
C GLN H 292 -5.23 45.54 -14.93
N HIS H 293 -4.59 46.41 -15.71
CA HIS H 293 -5.27 47.03 -16.86
C HIS H 293 -5.79 45.95 -17.79
N PHE H 294 -5.09 44.82 -17.85
CA PHE H 294 -5.39 43.82 -18.88
C PHE H 294 -6.30 42.72 -18.36
N ALA H 295 -6.93 42.97 -17.22
CA ALA H 295 -7.86 41.98 -16.63
C ALA H 295 -8.81 41.31 -17.65
N PRO H 296 -9.36 42.08 -18.61
CA PRO H 296 -10.27 41.48 -19.60
C PRO H 296 -9.65 40.31 -20.39
N ILE H 297 -8.33 40.33 -20.60
CA ILE H 297 -7.67 39.26 -21.36
C ILE H 297 -6.64 38.46 -20.56
N LEU H 298 -6.43 38.82 -19.30
CA LEU H 298 -5.37 38.22 -18.50
C LEU H 298 -5.87 37.71 -17.14
N PRO H 299 -5.86 36.38 -16.96
CA PRO H 299 -6.27 35.77 -15.68
C PRO H 299 -5.64 36.43 -14.45
N GLU H 300 -4.35 36.76 -14.48
CA GLU H 300 -3.69 37.35 -13.32
C GLU H 300 -4.21 38.76 -13.05
N GLY H 301 -4.73 39.39 -14.10
CA GLY H 301 -5.39 40.68 -13.98
C GLY H 301 -6.66 40.53 -13.18
N LYS H 302 -7.49 39.58 -13.59
CA LYS H 302 -8.71 39.28 -12.86
C LYS H 302 -8.43 38.90 -11.41
N GLN H 303 -7.40 38.08 -11.19
CA GLN H 303 -7.14 37.59 -9.84
C GLN H 303 -6.72 38.74 -8.93
N ALA H 304 -5.86 39.61 -9.44
CA ALA H 304 -5.32 40.72 -8.67
C ALA H 304 -6.45 41.68 -8.31
N ILE H 305 -7.37 41.87 -9.24
CA ILE H 305 -8.52 42.75 -9.03
C ILE H 305 -9.51 42.11 -8.03
N ALA H 306 -9.69 40.81 -8.13
CA ALA H 306 -10.52 40.09 -7.15
C ALA H 306 -9.94 40.32 -5.75
N ARG H 307 -8.62 40.41 -5.66
CA ARG H 307 -7.96 40.60 -4.37
C ARG H 307 -8.15 42.05 -3.86
N ILE H 308 -8.07 43.01 -4.77
CA ILE H 308 -8.38 44.39 -4.44
C ILE H 308 -9.82 44.48 -3.94
N GLY H 309 -10.74 43.83 -4.65
CA GLY H 309 -12.14 43.82 -4.28
C GLY H 309 -12.42 43.27 -2.89
N GLU H 310 -11.74 42.17 -2.53
CA GLU H 310 -11.84 41.58 -1.20
C GLU H 310 -11.35 42.57 -0.15
N PHE H 311 -10.22 43.20 -0.43
CA PHE H 311 -9.64 44.14 0.51
C PHE H 311 -10.61 45.31 0.75
N LEU H 312 -11.20 45.82 -0.33
CA LEU H 312 -12.13 46.93 -0.24
C LEU H 312 -13.42 46.53 0.52
N ARG H 313 -13.96 45.37 0.19
CA ARG H 313 -15.15 44.90 0.92
C ARG H 313 -14.87 44.82 2.42
N LYS H 314 -13.67 44.43 2.79
CA LYS H 314 -13.30 44.34 4.20
C LYS H 314 -13.23 45.74 4.85
N GLN H 315 -12.63 46.68 4.14
CA GLN H 315 -12.31 47.99 4.71
C GLN H 315 -13.45 49.00 4.62
N ILE H 316 -14.18 49.03 3.51
CA ILE H 316 -15.28 49.99 3.39
C ILE H 316 -16.64 49.34 3.28
N GLY H 317 -16.65 48.01 3.11
CA GLY H 317 -17.89 47.26 3.04
C GLY H 317 -18.29 46.71 4.39
#